data_2KGO
#
_entry.id   2KGO
#
loop_
_entity.id
_entity.type
_entity.pdbx_description
1 polymer 'Uncharacterized protein ybiI'
2 non-polymer 'ZINC ION'
#
_entity_poly.entity_id   1
_entity_poly.type   'polypeptide(L)'
_entity_poly.pdbx_seq_one_letter_code
;MGSSHHHHHHSSGLVPRGSHMASGWANDDAVNEQINSTIEDAIARARGEIPRGESLDECEECGAPIPQARREAIPGVRLC
IHCQQEKDLQKPAYTGYNRRGSKDSQLR
;
_entity_poly.pdbx_strand_id   A
#
loop_
_chem_comp.id
_chem_comp.type
_chem_comp.name
_chem_comp.formula
ZN non-polymer 'ZINC ION' 'Zn 2'
#
# COMPACT_ATOMS: atom_id res chain seq x y z
N MET A 21 22.30 -23.22 -6.89
CA MET A 21 21.40 -22.31 -7.64
C MET A 21 19.97 -22.41 -7.09
N ALA A 22 19.43 -21.26 -6.66
CA ALA A 22 18.08 -21.15 -6.09
C ALA A 22 17.02 -21.28 -7.20
N SER A 23 16.60 -22.53 -7.46
CA SER A 23 15.58 -22.87 -8.45
C SER A 23 14.80 -24.11 -7.96
N GLY A 24 13.49 -23.92 -7.72
CA GLY A 24 12.63 -24.97 -7.18
C GLY A 24 13.01 -25.34 -5.75
N TRP A 25 13.27 -24.30 -4.93
CA TRP A 25 13.74 -24.45 -3.54
C TRP A 25 12.61 -24.15 -2.52
N ALA A 26 11.66 -23.28 -2.90
CA ALA A 26 10.56 -22.82 -2.00
C ALA A 26 9.40 -22.17 -2.77
N ASN A 27 9.70 -21.54 -3.91
CA ASN A 27 8.69 -20.81 -4.71
C ASN A 27 7.81 -21.81 -5.47
N ASP A 28 6.67 -22.14 -4.84
CA ASP A 28 5.65 -23.02 -5.40
C ASP A 28 4.34 -22.25 -5.61
N ASP A 29 3.46 -22.81 -6.44
CA ASP A 29 2.14 -22.22 -6.73
C ASP A 29 1.22 -22.30 -5.49
N ALA A 30 1.27 -23.46 -4.81
CA ALA A 30 0.42 -23.78 -3.64
C ALA A 30 0.94 -23.15 -2.32
N VAL A 31 1.90 -22.20 -2.43
CA VAL A 31 2.39 -21.40 -1.29
C VAL A 31 2.32 -19.90 -1.65
N ASN A 32 2.35 -19.59 -2.98
CA ASN A 32 2.32 -18.20 -3.50
C ASN A 32 0.88 -17.63 -3.44
N GLU A 33 -0.11 -18.53 -3.47
CA GLU A 33 -1.55 -18.16 -3.44
C GLU A 33 -1.97 -17.56 -2.07
N GLN A 34 -1.20 -17.91 -1.01
CA GLN A 34 -1.39 -17.33 0.34
C GLN A 34 -0.82 -15.89 0.34
N ILE A 35 0.33 -15.72 -0.35
CA ILE A 35 1.01 -14.42 -0.53
C ILE A 35 0.16 -13.50 -1.44
N ASN A 36 -0.65 -14.12 -2.32
CA ASN A 36 -1.53 -13.40 -3.27
C ASN A 36 -2.61 -12.64 -2.49
N SER A 37 -3.02 -11.49 -3.03
CA SER A 37 -3.99 -10.56 -2.44
C SER A 37 -5.44 -11.13 -2.41
N THR A 38 -5.62 -12.35 -2.95
CA THR A 38 -6.90 -13.09 -2.88
C THR A 38 -7.33 -13.32 -1.41
N ILE A 39 -6.34 -13.62 -0.56
CA ILE A 39 -6.55 -13.91 0.87
C ILE A 39 -7.02 -12.65 1.61
N GLU A 40 -6.35 -11.52 1.32
CA GLU A 40 -6.61 -10.25 2.03
C GLU A 40 -7.93 -9.63 1.57
N ASP A 41 -8.27 -9.87 0.28
CA ASP A 41 -9.54 -9.45 -0.35
C ASP A 41 -10.72 -10.23 0.22
N ALA A 42 -10.47 -11.53 0.49
CA ALA A 42 -11.45 -12.42 1.13
C ALA A 42 -11.74 -11.94 2.56
N ILE A 43 -10.67 -11.67 3.32
CA ILE A 43 -10.73 -11.21 4.73
C ILE A 43 -11.32 -9.77 4.83
N ALA A 44 -11.07 -8.95 3.79
CA ALA A 44 -11.56 -7.55 3.73
C ALA A 44 -13.10 -7.50 3.70
N ARG A 45 -13.70 -8.39 2.88
CA ARG A 45 -15.17 -8.49 2.75
C ARG A 45 -15.75 -9.42 3.83
N ALA A 46 -14.91 -10.30 4.42
CA ALA A 46 -15.34 -11.30 5.42
C ALA A 46 -15.68 -10.64 6.76
N ARG A 47 -14.72 -9.88 7.31
CA ARG A 47 -14.81 -9.33 8.69
C ARG A 47 -14.52 -7.81 8.72
N GLY A 48 -14.03 -7.25 7.58
CA GLY A 48 -13.68 -5.82 7.49
C GLY A 48 -12.37 -5.48 8.21
N GLU A 49 -11.43 -6.44 8.19
CA GLU A 49 -10.11 -6.30 8.84
C GLU A 49 -9.23 -5.33 8.02
N ILE A 50 -9.04 -5.66 6.74
CA ILE A 50 -8.37 -4.80 5.76
C ILE A 50 -9.30 -3.59 5.47
N PRO A 51 -8.76 -2.32 5.46
CA PRO A 51 -9.57 -1.12 5.12
C PRO A 51 -10.05 -1.14 3.64
N ARG A 52 -10.82 -0.12 3.26
CA ARG A 52 -11.41 0.00 1.92
C ARG A 52 -10.40 0.52 0.90
N GLY A 53 -9.31 -0.25 0.71
CA GLY A 53 -8.25 0.06 -0.24
C GLY A 53 -7.46 1.33 0.08
N GLU A 54 -7.62 1.87 1.30
CA GLU A 54 -7.06 3.17 1.70
C GLU A 54 -6.07 2.98 2.87
N SER A 55 -5.76 4.11 3.54
CA SER A 55 -4.81 4.17 4.65
C SER A 55 -5.33 3.49 5.93
N LEU A 56 -4.40 3.20 6.84
CA LEU A 56 -4.67 2.61 8.16
C LEU A 56 -4.49 3.68 9.26
N ASP A 57 -4.62 3.27 10.54
CA ASP A 57 -4.52 4.18 11.70
C ASP A 57 -3.42 3.75 12.69
N GLU A 58 -2.62 2.74 12.31
CA GLU A 58 -1.51 2.17 13.12
C GLU A 58 -0.34 1.80 12.20
N CYS A 59 0.78 2.50 12.38
CA CYS A 59 2.07 2.27 11.68
C CYS A 59 2.50 0.79 11.73
N GLU A 60 2.80 0.17 10.56
CA GLU A 60 3.19 -1.26 10.49
C GLU A 60 4.59 -1.53 11.12
N GLU A 61 5.36 -0.44 11.34
CA GLU A 61 6.73 -0.51 11.85
C GLU A 61 6.74 -0.58 13.37
N CYS A 62 6.09 0.42 14.00
CA CYS A 62 6.21 0.63 15.46
C CYS A 62 4.83 0.83 16.13
N GLY A 63 3.75 0.50 15.40
CA GLY A 63 2.35 0.63 15.87
C GLY A 63 1.95 2.03 16.30
N ALA A 64 2.73 3.01 15.86
CA ALA A 64 2.59 4.42 16.27
C ALA A 64 1.36 5.08 15.61
N PRO A 65 0.67 6.04 16.31
CA PRO A 65 -0.51 6.76 15.76
C PRO A 65 -0.25 7.40 14.39
N ILE A 66 -0.90 6.85 13.36
CA ILE A 66 -0.94 7.45 12.02
C ILE A 66 -1.82 8.70 12.06
N PRO A 67 -1.29 9.90 11.68
CA PRO A 67 -2.11 11.11 11.59
C PRO A 67 -2.98 11.09 10.31
N GLN A 68 -4.16 11.72 10.38
CA GLN A 68 -5.08 11.86 9.24
C GLN A 68 -4.42 12.64 8.10
N ALA A 69 -3.38 13.42 8.45
CA ALA A 69 -2.58 14.21 7.49
C ALA A 69 -1.91 13.29 6.48
N ARG A 70 -1.23 12.24 7.00
CA ARG A 70 -0.59 11.20 6.18
C ARG A 70 -1.62 10.36 5.40
N ARG A 71 -2.81 10.17 6.00
CA ARG A 71 -3.89 9.34 5.40
C ARG A 71 -4.49 10.00 4.15
N GLU A 72 -4.68 11.33 4.20
CA GLU A 72 -5.34 12.08 3.12
C GLU A 72 -4.32 12.50 2.04
N ALA A 73 -3.06 12.70 2.46
CA ALA A 73 -1.94 13.01 1.54
C ALA A 73 -1.54 11.76 0.73
N ILE A 74 -1.39 10.64 1.45
CA ILE A 74 -0.91 9.36 0.89
C ILE A 74 -2.06 8.33 0.93
N PRO A 75 -2.74 8.04 -0.23
CA PRO A 75 -3.78 7.00 -0.32
C PRO A 75 -3.18 5.58 -0.11
N GLY A 76 -3.25 5.10 1.14
CA GLY A 76 -2.73 3.78 1.52
C GLY A 76 -1.43 3.89 2.31
N VAL A 77 -1.32 4.91 3.19
CA VAL A 77 -0.13 5.08 4.06
C VAL A 77 -0.11 3.99 5.13
N ARG A 78 1.10 3.49 5.44
CA ARG A 78 1.34 2.41 6.41
C ARG A 78 2.49 2.76 7.37
N LEU A 79 2.91 4.03 7.35
CA LEU A 79 4.03 4.55 8.14
C LEU A 79 3.62 5.83 8.89
N CYS A 80 3.87 5.88 10.21
CA CYS A 80 3.63 7.10 11.02
C CYS A 80 4.62 8.17 10.56
N ILE A 81 4.33 9.47 10.80
CA ILE A 81 5.07 10.61 10.20
C ILE A 81 6.61 10.50 10.42
N HIS A 82 6.98 9.81 11.51
CA HIS A 82 8.38 9.55 11.90
C HIS A 82 9.00 8.52 10.94
N CYS A 83 8.39 7.31 10.85
CA CYS A 83 8.87 6.24 9.95
C CYS A 83 8.60 6.60 8.46
N GLN A 84 7.70 7.56 8.20
CA GLN A 84 7.30 7.93 6.82
C GLN A 84 8.36 8.87 6.21
N GLN A 85 8.72 9.93 6.95
CA GLN A 85 9.61 11.01 6.45
C GLN A 85 10.97 10.48 5.97
N GLU A 86 11.47 9.41 6.64
CA GLU A 86 12.73 8.73 6.27
C GLU A 86 12.55 7.93 4.95
N LYS A 87 11.39 7.26 4.77
CA LYS A 87 11.11 6.44 3.58
C LYS A 87 10.75 7.32 2.38
N ASP A 88 10.25 8.54 2.66
CA ASP A 88 9.91 9.54 1.64
C ASP A 88 11.15 9.98 0.85
N LEU A 89 12.31 9.93 1.53
CA LEU A 89 13.63 10.15 0.92
C LEU A 89 13.99 8.97 -0.02
N GLN A 90 13.61 7.76 0.41
CA GLN A 90 13.98 6.48 -0.25
C GLN A 90 13.03 6.17 -1.43
N LYS A 91 11.95 6.95 -1.54
CA LYS A 91 11.05 6.92 -2.71
C LYS A 91 11.83 7.41 -3.96
N PRO A 92 11.93 6.55 -5.04
CA PRO A 92 12.81 6.82 -6.21
C PRO A 92 12.39 8.05 -7.02
N ALA A 93 11.06 8.35 -7.01
CA ALA A 93 10.43 9.43 -7.82
C ALA A 93 10.54 9.14 -9.34
N TYR A 94 10.72 7.86 -9.68
CA TYR A 94 10.70 7.37 -11.07
C TYR A 94 10.29 5.88 -11.06
N THR A 95 9.99 5.36 -12.25
CA THR A 95 9.72 3.92 -12.47
C THR A 95 10.78 3.33 -13.42
N GLY A 96 10.98 4.01 -14.57
CA GLY A 96 11.82 3.49 -15.67
C GLY A 96 11.28 2.18 -16.21
N TYR A 97 9.94 2.05 -16.17
CA TYR A 97 9.22 0.80 -16.42
C TYR A 97 8.80 0.65 -17.90
N ASN A 98 8.48 -0.60 -18.26
CA ASN A 98 7.87 -0.96 -19.54
C ASN A 98 7.01 -2.22 -19.32
N ARG A 99 5.72 -2.00 -19.07
CA ARG A 99 4.71 -3.07 -18.94
C ARG A 99 3.65 -2.87 -20.03
N ARG A 100 3.92 -3.46 -21.20
CA ARG A 100 3.00 -3.43 -22.35
C ARG A 100 1.71 -4.22 -22.04
N GLY A 101 0.57 -3.53 -22.11
CA GLY A 101 -0.74 -4.09 -21.83
C GLY A 101 -1.79 -3.01 -21.62
N SER A 102 -3.01 -3.27 -22.11
CA SER A 102 -4.16 -2.36 -21.96
C SER A 102 -5.09 -2.93 -20.87
N LYS A 103 -5.94 -2.06 -20.33
CA LYS A 103 -6.79 -2.36 -19.17
C LYS A 103 -8.07 -1.50 -19.23
N ASP A 104 -9.05 -1.79 -18.36
CA ASP A 104 -10.18 -0.88 -18.11
C ASP A 104 -9.75 0.17 -17.05
N SER A 105 -9.28 1.31 -17.55
CA SER A 105 -8.95 2.49 -16.75
C SER A 105 -9.75 3.69 -17.32
N GLN A 106 -11.06 3.66 -17.05
CA GLN A 106 -12.07 4.58 -17.61
C GLN A 106 -13.26 4.72 -16.65
N LEU A 107 -14.32 5.42 -17.08
CA LEU A 107 -15.51 5.69 -16.25
C LEU A 107 -16.81 5.51 -17.08
N ARG A 108 -16.97 4.32 -17.69
CA ARG A 108 -18.22 3.97 -18.43
C ARG A 108 -18.77 2.61 -17.93
ZN ZN B . 6.33 4.27 13.08
N MET A 21 11.64 -37.99 -4.67
CA MET A 21 12.12 -37.51 -3.36
C MET A 21 12.24 -35.97 -3.38
N ALA A 22 12.39 -35.38 -2.16
CA ALA A 22 12.57 -33.92 -1.95
C ALA A 22 11.35 -33.11 -2.48
N SER A 23 10.16 -33.74 -2.45
CA SER A 23 8.91 -33.14 -2.93
C SER A 23 7.70 -33.77 -2.22
N GLY A 24 6.78 -32.93 -1.75
CA GLY A 24 5.56 -33.39 -1.09
C GLY A 24 5.75 -33.75 0.39
N TRP A 25 6.93 -33.39 0.96
CA TRP A 25 7.21 -33.59 2.40
C TRP A 25 6.78 -32.34 3.20
N ALA A 26 7.01 -31.16 2.62
CA ALA A 26 6.66 -29.84 3.22
C ALA A 26 6.70 -28.75 2.13
N ASN A 27 6.39 -29.16 0.89
CA ASN A 27 6.56 -28.36 -0.32
C ASN A 27 5.61 -28.87 -1.42
N ASP A 28 4.54 -28.09 -1.67
CA ASP A 28 3.46 -28.48 -2.58
C ASP A 28 2.65 -27.23 -2.99
N ASP A 29 1.64 -27.43 -3.84
CA ASP A 29 0.71 -26.37 -4.27
C ASP A 29 -0.27 -26.03 -3.13
N ALA A 30 -0.60 -27.07 -2.33
CA ALA A 30 -1.45 -26.92 -1.13
C ALA A 30 -0.68 -26.26 0.04
N VAL A 31 0.62 -25.98 -0.16
CA VAL A 31 1.48 -25.31 0.83
C VAL A 31 1.64 -23.81 0.46
N ASN A 32 1.72 -23.52 -0.86
CA ASN A 32 1.95 -22.13 -1.37
C ASN A 32 0.73 -21.21 -1.15
N GLU A 33 -0.41 -21.82 -0.76
CA GLU A 33 -1.68 -21.11 -0.50
C GLU A 33 -1.52 -19.98 0.54
N GLN A 34 -0.78 -20.30 1.61
CA GLN A 34 -0.59 -19.39 2.77
C GLN A 34 0.17 -18.10 2.37
N ILE A 35 1.06 -18.23 1.36
CA ILE A 35 1.87 -17.11 0.84
C ILE A 35 1.05 -16.29 -0.20
N ASN A 36 -0.06 -16.88 -0.71
CA ASN A 36 -0.93 -16.23 -1.71
C ASN A 36 -1.88 -15.21 -1.03
N SER A 37 -2.31 -14.19 -1.81
CA SER A 37 -3.13 -13.05 -1.34
C SER A 37 -4.59 -13.41 -1.01
N THR A 38 -4.98 -14.68 -1.28
CA THR A 38 -6.31 -15.20 -0.90
C THR A 38 -6.50 -15.15 0.63
N ILE A 39 -5.40 -15.45 1.36
CA ILE A 39 -5.40 -15.56 2.82
C ILE A 39 -5.56 -14.17 3.46
N GLU A 40 -4.88 -13.16 2.91
CA GLU A 40 -4.91 -11.78 3.46
C GLU A 40 -6.30 -11.16 3.24
N ASP A 41 -6.91 -11.52 2.09
CA ASP A 41 -8.27 -11.08 1.70
C ASP A 41 -9.32 -11.77 2.58
N ALA A 42 -9.04 -13.03 2.96
CA ALA A 42 -9.88 -13.80 3.87
C ALA A 42 -9.90 -13.14 5.27
N ILE A 43 -8.73 -12.66 5.73
CA ILE A 43 -8.59 -11.97 7.03
C ILE A 43 -9.14 -10.52 6.95
N ALA A 44 -9.14 -9.94 5.73
CA ALA A 44 -9.68 -8.60 5.46
C ALA A 44 -11.21 -8.57 5.70
N ARG A 45 -11.92 -9.62 5.23
CA ARG A 45 -13.37 -9.76 5.46
C ARG A 45 -13.70 -10.46 6.79
N ALA A 46 -12.68 -11.07 7.41
CA ALA A 46 -12.85 -11.80 8.69
C ALA A 46 -12.95 -10.82 9.88
N ARG A 47 -11.85 -10.10 10.15
CA ARG A 47 -11.75 -9.19 11.31
C ARG A 47 -11.54 -7.73 10.87
N GLY A 48 -11.33 -7.52 9.56
CA GLY A 48 -11.04 -6.18 9.02
C GLY A 48 -9.61 -5.73 9.30
N GLU A 49 -8.67 -6.69 9.27
CA GLU A 49 -7.25 -6.43 9.53
C GLU A 49 -6.61 -5.70 8.33
N ILE A 50 -6.66 -6.35 7.16
CA ILE A 50 -6.15 -5.79 5.91
C ILE A 50 -7.16 -4.77 5.35
N PRO A 51 -6.72 -3.51 5.07
CA PRO A 51 -7.59 -2.47 4.47
C PRO A 51 -7.84 -2.72 2.97
N ARG A 52 -8.78 -1.96 2.39
CA ARG A 52 -9.18 -2.08 0.97
C ARG A 52 -8.30 -1.15 0.11
N GLY A 53 -6.96 -1.27 0.29
CA GLY A 53 -6.00 -0.33 -0.28
C GLY A 53 -6.11 1.06 0.36
N GLU A 54 -6.65 1.09 1.59
CA GLU A 54 -6.95 2.33 2.34
C GLU A 54 -5.79 2.72 3.24
N SER A 55 -5.80 3.99 3.67
CA SER A 55 -4.86 4.51 4.64
C SER A 55 -5.28 4.07 6.06
N LEU A 56 -4.38 3.33 6.73
CA LEU A 56 -4.63 2.79 8.09
C LEU A 56 -4.39 3.87 9.17
N ASP A 57 -4.68 3.53 10.43
CA ASP A 57 -4.48 4.43 11.60
C ASP A 57 -3.32 3.94 12.51
N GLU A 58 -2.64 2.86 12.07
CA GLU A 58 -1.60 2.15 12.86
C GLU A 58 -0.40 1.79 11.97
N CYS A 59 0.74 2.45 12.24
CA CYS A 59 2.04 2.20 11.57
C CYS A 59 2.44 0.72 11.60
N GLU A 60 2.84 0.14 10.46
CA GLU A 60 3.22 -1.29 10.39
C GLU A 60 4.65 -1.55 10.93
N GLU A 61 5.39 -0.46 11.23
CA GLU A 61 6.78 -0.55 11.74
C GLU A 61 6.77 -0.58 13.28
N CYS A 62 6.05 0.38 13.87
CA CYS A 62 6.12 0.63 15.33
C CYS A 62 4.73 0.89 15.95
N GLY A 63 3.65 0.56 15.20
CA GLY A 63 2.26 0.71 15.65
C GLY A 63 1.83 2.12 16.04
N ALA A 64 2.67 3.12 15.72
CA ALA A 64 2.47 4.52 16.14
C ALA A 64 1.22 5.13 15.45
N PRO A 65 0.47 6.05 16.15
CA PRO A 65 -0.77 6.64 15.61
C PRO A 65 -0.51 7.42 14.31
N ILE A 66 -1.00 6.86 13.19
CA ILE A 66 -0.92 7.49 11.87
C ILE A 66 -1.80 8.77 11.88
N PRO A 67 -1.18 9.98 11.69
CA PRO A 67 -1.96 11.25 11.64
C PRO A 67 -2.88 11.26 10.40
N GLN A 68 -4.08 11.83 10.57
CA GLN A 68 -5.08 11.93 9.49
C GLN A 68 -4.54 12.78 8.31
N ALA A 69 -3.48 13.57 8.60
CA ALA A 69 -2.73 14.35 7.60
C ALA A 69 -2.03 13.41 6.60
N ARG A 70 -1.41 12.33 7.13
CA ARG A 70 -0.76 11.29 6.31
C ARG A 70 -1.80 10.41 5.60
N ARG A 71 -2.95 10.20 6.25
CA ARG A 71 -4.03 9.35 5.72
C ARG A 71 -4.69 9.99 4.48
N GLU A 72 -4.77 11.34 4.46
CA GLU A 72 -5.35 12.08 3.32
C GLU A 72 -4.28 12.37 2.25
N ALA A 73 -3.05 12.67 2.70
CA ALA A 73 -1.94 13.06 1.81
C ALA A 73 -1.43 11.87 0.98
N ILE A 74 -1.38 10.69 1.63
CA ILE A 74 -0.85 9.46 1.02
C ILE A 74 -1.97 8.39 1.02
N PRO A 75 -2.50 8.00 -0.19
CA PRO A 75 -3.50 6.92 -0.31
C PRO A 75 -2.85 5.53 -0.04
N GLY A 76 -3.29 4.89 1.04
CA GLY A 76 -2.71 3.61 1.47
C GLY A 76 -1.39 3.81 2.22
N VAL A 77 -1.34 4.84 3.09
CA VAL A 77 -0.19 5.08 3.97
C VAL A 77 -0.09 3.94 5.00
N ARG A 78 1.14 3.46 5.24
CA ARG A 78 1.41 2.37 6.20
C ARG A 78 2.55 2.74 7.18
N LEU A 79 3.00 4.02 7.12
CA LEU A 79 4.12 4.52 7.93
C LEU A 79 3.69 5.80 8.66
N CYS A 80 3.88 5.83 10.00
CA CYS A 80 3.61 7.04 10.82
C CYS A 80 4.63 8.12 10.44
N ILE A 81 4.31 9.41 10.67
CA ILE A 81 5.10 10.56 10.15
C ILE A 81 6.62 10.45 10.46
N HIS A 82 6.96 9.73 11.55
CA HIS A 82 8.35 9.49 12.00
C HIS A 82 9.06 8.48 11.06
N CYS A 83 8.39 7.32 10.81
CA CYS A 83 8.89 6.28 9.89
C CYS A 83 8.66 6.68 8.42
N GLN A 84 7.75 7.66 8.18
CA GLN A 84 7.38 8.06 6.81
C GLN A 84 8.40 9.04 6.25
N GLN A 85 8.78 10.06 7.05
CA GLN A 85 9.67 11.16 6.61
C GLN A 85 11.02 10.64 6.06
N GLU A 86 11.57 9.60 6.72
CA GLU A 86 12.82 8.92 6.30
C GLU A 86 12.61 8.14 4.97
N LYS A 87 11.51 7.37 4.89
CA LYS A 87 11.22 6.49 3.74
C LYS A 87 10.73 7.29 2.51
N ASP A 88 10.21 8.51 2.77
CA ASP A 88 9.74 9.44 1.73
C ASP A 88 10.90 9.87 0.83
N LEU A 89 12.10 9.88 1.41
CA LEU A 89 13.35 10.21 0.69
C LEU A 89 13.84 8.97 -0.10
N GLN A 90 13.48 7.78 0.41
CA GLN A 90 14.00 6.48 -0.10
C GLN A 90 13.08 5.90 -1.19
N LYS A 91 11.95 6.60 -1.46
CA LYS A 91 11.07 6.31 -2.61
C LYS A 91 11.86 6.53 -3.93
N PRO A 92 12.05 5.47 -4.79
CA PRO A 92 12.82 5.60 -6.05
C PRO A 92 12.19 6.62 -7.03
N ALA A 93 10.84 6.65 -7.04
CA ALA A 93 10.02 7.53 -7.91
C ALA A 93 10.14 7.18 -9.40
N TYR A 94 10.70 5.99 -9.71
CA TYR A 94 10.80 5.48 -11.09
C TYR A 94 10.55 3.96 -11.09
N THR A 95 10.36 3.41 -12.30
CA THR A 95 10.14 1.98 -12.51
C THR A 95 11.22 1.42 -13.46
N GLY A 96 12.34 0.97 -12.86
CA GLY A 96 13.49 0.44 -13.59
C GLY A 96 13.84 -0.98 -13.16
N TYR A 97 12.82 -1.88 -13.23
CA TYR A 97 12.98 -3.31 -12.90
C TYR A 97 12.53 -4.18 -14.08
N ASN A 98 12.85 -5.49 -14.01
CA ASN A 98 12.41 -6.49 -14.98
C ASN A 98 10.91 -6.75 -14.80
N ARG A 99 10.10 -6.09 -15.64
CA ARG A 99 8.63 -6.24 -15.61
C ARG A 99 8.22 -7.57 -16.25
N ARG A 100 7.81 -8.53 -15.39
CA ARG A 100 7.37 -9.88 -15.81
C ARG A 100 6.07 -9.79 -16.64
N GLY A 101 5.86 -10.79 -17.50
CA GLY A 101 4.81 -10.75 -18.50
C GLY A 101 5.33 -10.14 -19.78
N SER A 102 4.77 -8.97 -20.18
CA SER A 102 5.15 -8.25 -21.42
C SER A 102 4.94 -9.16 -22.67
N LYS A 103 3.90 -9.99 -22.61
CA LYS A 103 3.62 -11.06 -23.58
C LYS A 103 2.98 -10.51 -24.87
N ASP A 104 3.47 -11.01 -26.01
CA ASP A 104 2.84 -10.85 -27.33
C ASP A 104 3.30 -12.01 -28.23
N SER A 105 2.35 -12.89 -28.59
CA SER A 105 2.63 -14.13 -29.32
C SER A 105 1.68 -14.29 -30.53
N GLN A 106 1.19 -13.16 -31.06
CA GLN A 106 0.26 -13.16 -32.21
C GLN A 106 1.06 -13.40 -33.50
N LEU A 107 1.06 -14.66 -33.96
CA LEU A 107 1.75 -15.06 -35.21
C LEU A 107 0.88 -14.67 -36.41
N ARG A 108 1.26 -13.55 -37.05
CA ARG A 108 0.55 -12.98 -38.21
C ARG A 108 1.59 -12.34 -39.19
ZN ZN B . 6.26 4.24 12.94
N MET A 21 -26.27 -25.39 -17.52
CA MET A 21 -26.10 -26.62 -16.70
C MET A 21 -24.64 -26.75 -16.20
N ALA A 22 -23.70 -26.20 -16.99
CA ALA A 22 -22.26 -26.35 -16.73
C ALA A 22 -21.81 -25.45 -15.56
N SER A 23 -21.59 -26.08 -14.39
CA SER A 23 -21.21 -25.39 -13.14
C SER A 23 -20.25 -26.26 -12.33
N GLY A 24 -19.16 -25.66 -11.81
CA GLY A 24 -18.20 -26.34 -10.95
C GLY A 24 -17.11 -27.11 -11.71
N TRP A 25 -17.33 -27.32 -13.02
CA TRP A 25 -16.37 -28.03 -13.89
C TRP A 25 -15.12 -27.16 -14.14
N ALA A 26 -15.31 -25.83 -14.20
CA ALA A 26 -14.23 -24.85 -14.44
C ALA A 26 -14.59 -23.46 -13.88
N ASN A 27 -15.66 -23.42 -13.06
CA ASN A 27 -16.29 -22.17 -12.60
C ASN A 27 -16.96 -22.39 -11.23
N ASP A 28 -16.33 -21.85 -10.18
CA ASP A 28 -16.79 -22.00 -8.79
C ASP A 28 -16.45 -20.73 -7.98
N ASP A 29 -16.95 -20.67 -6.74
CA ASP A 29 -16.75 -19.53 -5.84
C ASP A 29 -15.31 -19.51 -5.31
N ALA A 30 -14.79 -20.72 -5.06
CA ALA A 30 -13.39 -20.94 -4.64
C ALA A 30 -12.39 -20.71 -5.82
N VAL A 31 -12.93 -20.42 -7.02
CA VAL A 31 -12.14 -20.03 -8.21
C VAL A 31 -12.32 -18.52 -8.45
N ASN A 32 -13.48 -17.96 -8.03
CA ASN A 32 -13.78 -16.51 -8.13
C ASN A 32 -12.80 -15.67 -7.30
N GLU A 33 -12.36 -16.23 -6.16
CA GLU A 33 -11.38 -15.60 -5.25
C GLU A 33 -10.02 -15.31 -5.93
N GLN A 34 -9.73 -16.05 -7.02
CA GLN A 34 -8.49 -15.89 -7.81
C GLN A 34 -8.53 -14.57 -8.62
N ILE A 35 -9.73 -14.20 -9.11
CA ILE A 35 -9.99 -12.94 -9.84
C ILE A 35 -10.21 -11.78 -8.84
N ASN A 36 -10.68 -12.13 -7.65
CA ASN A 36 -11.05 -11.17 -6.58
C ASN A 36 -9.78 -10.55 -5.94
N SER A 37 -10.00 -9.53 -5.07
CA SER A 37 -8.96 -8.90 -4.24
C SER A 37 -8.49 -9.85 -3.09
N THR A 38 -8.96 -11.10 -3.09
CA THR A 38 -8.62 -12.12 -2.09
C THR A 38 -7.11 -12.49 -2.15
N ILE A 39 -6.50 -12.32 -3.32
CA ILE A 39 -5.07 -12.58 -3.55
C ILE A 39 -4.21 -11.58 -2.73
N GLU A 40 -4.66 -10.32 -2.69
CA GLU A 40 -3.94 -9.23 -2.00
C GLU A 40 -4.32 -9.24 -0.50
N ASP A 41 -5.54 -9.72 -0.22
CA ASP A 41 -6.05 -9.95 1.15
C ASP A 41 -5.28 -11.11 1.80
N ALA A 42 -4.84 -12.08 0.96
CA ALA A 42 -4.00 -13.20 1.39
C ALA A 42 -2.60 -12.73 1.81
N ILE A 43 -2.07 -11.72 1.08
CA ILE A 43 -0.79 -11.06 1.41
C ILE A 43 -0.93 -10.25 2.73
N ALA A 44 -2.10 -9.60 2.88
CA ALA A 44 -2.41 -8.72 4.01
C ALA A 44 -2.44 -9.51 5.35
N ARG A 45 -3.17 -10.64 5.35
CA ARG A 45 -3.31 -11.49 6.55
C ARG A 45 -2.01 -12.24 6.90
N ALA A 46 -1.16 -12.44 5.88
CA ALA A 46 0.11 -13.19 6.02
C ALA A 46 1.17 -12.35 6.74
N ARG A 47 1.56 -11.22 6.12
CA ARG A 47 2.69 -10.38 6.60
C ARG A 47 2.24 -8.97 7.04
N GLY A 48 1.07 -8.53 6.58
CA GLY A 48 0.58 -7.17 6.85
C GLY A 48 1.21 -6.14 5.93
N GLU A 49 1.31 -6.48 4.64
CA GLU A 49 1.88 -5.60 3.61
C GLU A 49 0.77 -4.72 2.99
N ILE A 50 -0.31 -5.39 2.55
CA ILE A 50 -1.48 -4.72 1.99
C ILE A 50 -2.36 -4.18 3.15
N PRO A 51 -2.71 -2.86 3.12
CA PRO A 51 -3.58 -2.24 4.14
C PRO A 51 -5.09 -2.52 3.90
N ARG A 52 -5.94 -1.95 4.75
CA ARG A 52 -7.40 -2.17 4.70
C ARG A 52 -8.05 -1.25 3.65
N GLY A 53 -7.82 -1.58 2.36
CA GLY A 53 -8.38 -0.82 1.25
C GLY A 53 -7.50 0.36 0.85
N GLU A 54 -7.17 1.18 1.86
CA GLU A 54 -6.34 2.38 1.71
C GLU A 54 -5.62 2.63 3.07
N SER A 55 -5.40 3.90 3.44
CA SER A 55 -4.65 4.31 4.66
C SER A 55 -5.17 3.62 5.94
N LEU A 56 -4.27 3.45 6.91
CA LEU A 56 -4.58 2.85 8.23
C LEU A 56 -4.38 3.88 9.36
N ASP A 57 -4.62 3.46 10.62
CA ASP A 57 -4.46 4.31 11.82
C ASP A 57 -3.35 3.78 12.73
N GLU A 58 -2.59 2.77 12.24
CA GLU A 58 -1.55 2.08 13.02
C GLU A 58 -0.35 1.74 12.10
N CYS A 59 0.76 2.49 12.28
CA CYS A 59 2.06 2.24 11.61
C CYS A 59 2.49 0.77 11.73
N GLU A 60 2.86 0.13 10.61
CA GLU A 60 3.28 -1.30 10.61
C GLU A 60 4.65 -1.50 11.33
N GLU A 61 5.36 -0.41 11.60
CA GLU A 61 6.70 -0.42 12.22
C GLU A 61 6.56 -0.38 13.75
N CYS A 62 5.78 0.61 14.23
CA CYS A 62 5.72 0.97 15.67
C CYS A 62 4.37 0.54 16.30
N GLY A 63 3.36 0.33 15.46
CA GLY A 63 1.95 0.32 15.89
C GLY A 63 1.50 1.71 16.39
N ALA A 64 2.06 2.76 15.76
CA ALA A 64 1.86 4.16 16.18
C ALA A 64 0.59 4.77 15.57
N PRO A 65 -0.21 5.56 16.35
CA PRO A 65 -1.40 6.28 15.85
C PRO A 65 -1.07 7.23 14.67
N ILE A 66 -1.32 6.73 13.45
CA ILE A 66 -1.17 7.48 12.19
C ILE A 66 -2.00 8.78 12.21
N PRO A 67 -1.40 9.97 11.90
CA PRO A 67 -2.16 11.23 11.76
C PRO A 67 -2.97 11.23 10.45
N GLN A 68 -4.12 11.92 10.45
CA GLN A 68 -5.01 12.01 9.27
C GLN A 68 -4.31 12.76 8.12
N ALA A 69 -3.23 13.51 8.46
CA ALA A 69 -2.39 14.23 7.49
C ALA A 69 -1.72 13.26 6.51
N ARG A 70 -1.22 12.15 7.07
CA ARG A 70 -0.59 11.07 6.28
C ARG A 70 -1.64 10.27 5.51
N ARG A 71 -2.86 10.14 6.09
CA ARG A 71 -3.97 9.41 5.45
C ARG A 71 -4.47 10.12 4.17
N GLU A 72 -4.60 11.46 4.23
CA GLU A 72 -5.13 12.26 3.11
C GLU A 72 -4.04 12.48 2.02
N ALA A 73 -2.80 12.74 2.47
CA ALA A 73 -1.66 13.02 1.58
C ALA A 73 -1.16 11.75 0.88
N ILE A 74 -1.35 10.60 1.56
CA ILE A 74 -0.90 9.28 1.08
C ILE A 74 -2.07 8.28 1.22
N PRO A 75 -2.92 8.13 0.15
CA PRO A 75 -4.07 7.19 0.15
C PRO A 75 -3.60 5.71 0.11
N GLY A 76 -3.18 5.22 1.28
CA GLY A 76 -2.60 3.88 1.44
C GLY A 76 -1.31 3.93 2.24
N VAL A 77 -1.25 4.87 3.22
CA VAL A 77 -0.09 5.03 4.11
C VAL A 77 -0.04 3.85 5.10
N ARG A 78 1.18 3.41 5.44
CA ARG A 78 1.44 2.31 6.39
C ARG A 78 2.60 2.67 7.35
N LEU A 79 3.01 3.94 7.33
CA LEU A 79 4.15 4.45 8.13
C LEU A 79 3.74 5.73 8.87
N CYS A 80 4.08 5.83 10.18
CA CYS A 80 3.85 7.06 10.99
C CYS A 80 4.77 8.16 10.48
N ILE A 81 4.48 9.44 10.81
CA ILE A 81 5.21 10.63 10.28
C ILE A 81 6.76 10.48 10.45
N HIS A 82 7.15 9.79 11.53
CA HIS A 82 8.57 9.53 11.90
C HIS A 82 9.21 8.54 10.90
N CYS A 83 8.50 7.43 10.61
CA CYS A 83 8.95 6.43 9.62
C CYS A 83 8.77 6.94 8.19
N GLN A 84 7.78 7.79 7.95
CA GLN A 84 7.37 8.14 6.58
C GLN A 84 8.38 9.14 5.98
N GLN A 85 8.79 10.14 6.78
CA GLN A 85 9.70 11.21 6.33
C GLN A 85 11.05 10.64 5.82
N GLU A 86 11.55 9.59 6.50
CA GLU A 86 12.83 8.92 6.14
C GLU A 86 12.66 7.99 4.90
N LYS A 87 11.50 7.31 4.80
CA LYS A 87 11.22 6.39 3.65
C LYS A 87 10.84 7.19 2.39
N ASP A 88 10.36 8.43 2.58
CA ASP A 88 9.92 9.32 1.48
C ASP A 88 11.15 9.88 0.71
N LEU A 89 12.32 9.81 1.35
CA LEU A 89 13.60 10.17 0.70
C LEU A 89 14.04 9.05 -0.27
N GLN A 90 13.53 7.84 -0.02
CA GLN A 90 13.93 6.60 -0.72
C GLN A 90 13.01 6.33 -1.93
N LYS A 91 12.00 7.22 -2.13
CA LYS A 91 11.08 7.15 -3.29
C LYS A 91 11.87 7.34 -4.61
N PRO A 92 11.86 6.33 -5.54
CA PRO A 92 12.50 6.50 -6.86
C PRO A 92 11.70 7.46 -7.76
N ALA A 93 10.34 7.45 -7.59
CA ALA A 93 9.36 8.21 -8.41
C ALA A 93 9.31 7.70 -9.87
N TYR A 94 9.90 6.52 -10.12
CA TYR A 94 9.88 5.82 -11.43
C TYR A 94 9.98 4.30 -11.19
N THR A 95 9.88 3.51 -12.29
CA THR A 95 9.94 2.05 -12.24
C THR A 95 11.03 1.53 -13.21
N GLY A 96 12.28 1.46 -12.70
CA GLY A 96 13.44 0.99 -13.49
C GLY A 96 13.58 -0.53 -13.48
N TYR A 97 12.83 -1.20 -14.35
CA TYR A 97 12.78 -2.67 -14.44
C TYR A 97 13.94 -3.20 -15.32
N ASN A 98 14.84 -3.98 -14.71
CA ASN A 98 16.02 -4.58 -15.37
C ASN A 98 16.06 -6.08 -15.04
N ARG A 99 15.29 -6.87 -15.80
CA ARG A 99 15.25 -8.33 -15.66
C ARG A 99 16.37 -8.94 -16.49
N ARG A 100 17.57 -9.00 -15.89
CA ARG A 100 18.81 -9.38 -16.60
C ARG A 100 19.74 -10.21 -15.70
N GLY A 101 20.78 -10.80 -16.33
CA GLY A 101 21.71 -11.71 -15.65
C GLY A 101 22.61 -11.01 -14.64
N SER A 102 23.02 -9.77 -14.97
CA SER A 102 23.81 -8.93 -14.06
C SER A 102 22.85 -8.05 -13.23
N LYS A 103 22.62 -8.45 -11.97
CA LYS A 103 21.76 -7.75 -11.03
C LYS A 103 22.45 -6.44 -10.60
N ASP A 104 21.84 -5.31 -10.99
CA ASP A 104 22.32 -3.96 -10.62
C ASP A 104 22.11 -3.73 -9.10
N SER A 105 23.19 -3.33 -8.41
CA SER A 105 23.21 -3.17 -6.95
C SER A 105 24.36 -2.21 -6.57
N GLN A 106 24.17 -0.94 -6.95
CA GLN A 106 25.12 0.14 -6.66
C GLN A 106 24.54 1.04 -5.55
N LEU A 107 25.34 1.29 -4.49
CA LEU A 107 24.91 2.15 -3.37
C LEU A 107 24.94 3.64 -3.79
N ARG A 108 23.86 4.06 -4.47
CA ARG A 108 23.72 5.41 -5.09
C ARG A 108 22.32 5.97 -4.71
ZN ZN B . 6.54 4.18 12.70
N MET A 21 6.19 -31.59 1.14
CA MET A 21 5.62 -30.54 0.25
C MET A 21 6.33 -29.19 0.50
N ALA A 22 6.49 -28.37 -0.56
CA ALA A 22 6.99 -26.99 -0.45
C ALA A 22 5.99 -26.16 0.38
N SER A 23 6.34 -25.95 1.66
CA SER A 23 5.47 -25.28 2.65
C SER A 23 6.34 -24.74 3.80
N GLY A 24 5.88 -23.66 4.43
CA GLY A 24 6.63 -22.95 5.48
C GLY A 24 7.60 -21.92 4.91
N TRP A 25 8.28 -22.29 3.79
CA TRP A 25 9.31 -21.45 3.15
C TRP A 25 8.73 -20.12 2.61
N ALA A 26 7.51 -20.19 2.02
CA ALA A 26 6.83 -19.04 1.41
C ALA A 26 5.39 -18.99 1.89
N ASN A 27 4.70 -20.14 1.80
CA ASN A 27 3.29 -20.27 2.23
C ASN A 27 3.23 -20.74 3.70
N ASP A 28 2.40 -20.06 4.49
CA ASP A 28 2.15 -20.39 5.91
C ASP A 28 0.71 -19.94 6.23
N ASP A 29 0.25 -20.11 7.48
CA ASP A 29 -1.08 -19.65 7.91
C ASP A 29 -1.08 -18.11 7.97
N ALA A 30 0.01 -17.57 8.51
CA ALA A 30 0.22 -16.12 8.67
C ALA A 30 0.57 -15.43 7.32
N VAL A 31 0.70 -16.22 6.24
CA VAL A 31 0.91 -15.72 4.86
C VAL A 31 -0.34 -15.98 3.99
N ASN A 32 -1.03 -17.10 4.28
CA ASN A 32 -2.23 -17.55 3.54
C ASN A 32 -3.50 -16.84 4.05
N GLU A 33 -3.40 -16.11 5.17
CA GLU A 33 -4.52 -15.29 5.67
C GLU A 33 -4.65 -14.00 4.84
N GLN A 34 -3.55 -13.63 4.13
CA GLN A 34 -3.53 -12.55 3.11
C GLN A 34 -4.15 -13.08 1.80
N ILE A 35 -3.98 -14.40 1.55
CA ILE A 35 -4.60 -15.10 0.42
C ILE A 35 -6.11 -15.32 0.72
N ASN A 36 -6.42 -15.51 2.01
CA ASN A 36 -7.79 -15.66 2.53
C ASN A 36 -8.34 -14.30 2.97
N SER A 37 -7.91 -13.22 2.27
CA SER A 37 -8.40 -11.85 2.49
C SER A 37 -9.89 -11.68 2.06
N THR A 38 -10.48 -12.76 1.56
CA THR A 38 -11.91 -12.87 1.27
C THR A 38 -12.75 -12.80 2.56
N ILE A 39 -12.18 -13.36 3.65
CA ILE A 39 -12.81 -13.41 4.99
C ILE A 39 -12.86 -12.00 5.60
N GLU A 40 -11.75 -11.25 5.46
CA GLU A 40 -11.64 -9.87 6.01
C GLU A 40 -12.44 -8.90 5.12
N ASP A 41 -12.57 -9.27 3.82
CA ASP A 41 -13.44 -8.58 2.85
C ASP A 41 -14.91 -8.75 3.26
N ALA A 42 -15.24 -9.97 3.73
CA ALA A 42 -16.60 -10.32 4.19
C ALA A 42 -17.00 -9.49 5.43
N ILE A 43 -16.00 -9.18 6.28
CA ILE A 43 -16.20 -8.32 7.46
C ILE A 43 -16.04 -6.81 7.08
N ALA A 44 -15.35 -6.53 5.95
CA ALA A 44 -15.14 -5.15 5.44
C ALA A 44 -16.47 -4.54 5.01
N ARG A 45 -17.18 -5.22 4.10
CA ARG A 45 -18.52 -4.78 3.63
C ARG A 45 -19.61 -4.96 4.72
N ALA A 46 -19.24 -5.63 5.84
CA ALA A 46 -20.15 -5.87 6.97
C ALA A 46 -20.12 -4.70 7.99
N ARG A 47 -18.91 -4.33 8.47
CA ARG A 47 -18.73 -3.33 9.57
C ARG A 47 -17.61 -2.33 9.26
N GLY A 48 -16.80 -2.62 8.25
CA GLY A 48 -15.63 -1.80 7.93
C GLY A 48 -14.38 -2.31 8.62
N GLU A 49 -14.10 -3.61 8.43
CA GLU A 49 -12.89 -4.28 8.95
C GLU A 49 -11.63 -3.67 8.32
N ILE A 50 -11.32 -4.09 7.07
CA ILE A 50 -10.15 -3.60 6.33
C ILE A 50 -10.63 -2.89 5.04
N PRO A 51 -10.18 -1.62 4.82
CA PRO A 51 -10.38 -0.87 3.55
C PRO A 51 -9.88 -1.60 2.28
N ARG A 52 -9.92 -0.89 1.15
CA ARG A 52 -9.53 -1.41 -0.19
C ARG A 52 -8.00 -1.26 -0.41
N GLY A 53 -7.22 -1.66 0.61
CA GLY A 53 -5.76 -1.45 0.61
C GLY A 53 -5.39 -0.01 0.95
N GLU A 54 -6.35 0.71 1.53
CA GLU A 54 -6.27 2.17 1.75
C GLU A 54 -5.58 2.51 3.09
N SER A 55 -5.59 3.81 3.43
CA SER A 55 -4.91 4.36 4.62
C SER A 55 -5.39 3.69 5.93
N LEU A 56 -4.41 3.32 6.77
CA LEU A 56 -4.66 2.69 8.09
C LEU A 56 -4.48 3.72 9.22
N ASP A 57 -4.64 3.26 10.48
CA ASP A 57 -4.56 4.12 11.68
C ASP A 57 -3.41 3.67 12.63
N GLU A 58 -2.65 2.63 12.22
CA GLU A 58 -1.57 2.02 13.02
C GLU A 58 -0.36 1.69 12.11
N CYS A 59 0.73 2.43 12.32
CA CYS A 59 2.05 2.24 11.67
C CYS A 59 2.52 0.77 11.72
N GLU A 60 2.89 0.18 10.56
CA GLU A 60 3.35 -1.23 10.51
C GLU A 60 4.79 -1.40 11.09
N GLU A 61 5.47 -0.28 11.36
CA GLU A 61 6.86 -0.26 11.88
C GLU A 61 6.86 -0.34 13.41
N CYS A 62 6.13 0.59 14.04
CA CYS A 62 6.21 0.81 15.49
C CYS A 62 4.82 0.91 16.14
N GLY A 63 3.76 0.57 15.38
CA GLY A 63 2.35 0.64 15.85
C GLY A 63 1.92 2.00 16.37
N ALA A 64 2.57 3.07 15.87
CA ALA A 64 2.28 4.46 16.27
C ALA A 64 0.98 4.96 15.61
N PRO A 65 0.21 5.88 16.28
CA PRO A 65 -1.02 6.46 15.72
C PRO A 65 -0.73 7.26 14.42
N ILE A 66 -1.23 6.73 13.30
CA ILE A 66 -1.15 7.37 11.99
C ILE A 66 -2.00 8.67 11.98
N PRO A 67 -1.37 9.86 11.73
CA PRO A 67 -2.10 11.14 11.70
C PRO A 67 -2.91 11.29 10.40
N GLN A 68 -4.04 12.02 10.49
CA GLN A 68 -4.97 12.20 9.35
C GLN A 68 -4.28 12.89 8.16
N ALA A 69 -3.25 13.70 8.45
CA ALA A 69 -2.46 14.43 7.43
C ALA A 69 -1.76 13.44 6.49
N ARG A 70 -1.21 12.36 7.06
CA ARG A 70 -0.56 11.28 6.28
C ARG A 70 -1.60 10.44 5.52
N ARG A 71 -2.80 10.32 6.10
CA ARG A 71 -3.90 9.51 5.51
C ARG A 71 -4.49 10.17 4.26
N GLU A 72 -4.57 11.51 4.25
CA GLU A 72 -5.09 12.27 3.09
C GLU A 72 -3.97 12.51 2.05
N ALA A 73 -2.73 12.74 2.52
CA ALA A 73 -1.56 12.98 1.65
C ALA A 73 -1.18 11.69 0.90
N ILE A 74 -1.31 10.55 1.60
CA ILE A 74 -0.96 9.23 1.04
C ILE A 74 -2.22 8.33 1.12
N PRO A 75 -2.97 8.15 -0.03
CA PRO A 75 -4.06 7.18 -0.10
C PRO A 75 -3.51 5.73 -0.07
N GLY A 76 -3.29 5.23 1.14
CA GLY A 76 -2.64 3.94 1.36
C GLY A 76 -1.38 4.08 2.21
N VAL A 77 -1.46 4.98 3.22
CA VAL A 77 -0.35 5.17 4.17
C VAL A 77 -0.26 3.96 5.11
N ARG A 78 0.98 3.56 5.43
CA ARG A 78 1.27 2.44 6.34
C ARG A 78 2.43 2.78 7.28
N LEU A 79 2.88 4.04 7.24
CA LEU A 79 4.02 4.54 8.03
C LEU A 79 3.62 5.83 8.75
N CYS A 80 3.85 5.89 10.08
CA CYS A 80 3.60 7.11 10.89
C CYS A 80 4.61 8.17 10.46
N ILE A 81 4.31 9.46 10.70
CA ILE A 81 5.10 10.61 10.15
C ILE A 81 6.62 10.50 10.44
N HIS A 82 6.96 9.81 11.53
CA HIS A 82 8.36 9.58 11.98
C HIS A 82 9.06 8.52 11.09
N CYS A 83 8.40 7.36 10.87
CA CYS A 83 8.92 6.29 9.98
C CYS A 83 8.67 6.64 8.51
N GLN A 84 7.76 7.59 8.24
CA GLN A 84 7.36 7.94 6.87
C GLN A 84 8.40 8.88 6.26
N GLN A 85 8.82 9.91 7.02
CA GLN A 85 9.72 10.97 6.51
C GLN A 85 11.04 10.40 5.94
N GLU A 86 11.58 9.38 6.62
CA GLU A 86 12.82 8.66 6.20
C GLU A 86 12.57 7.83 4.92
N LYS A 87 11.43 7.11 4.87
CA LYS A 87 11.07 6.24 3.73
C LYS A 87 10.61 7.08 2.51
N ASP A 88 10.17 8.31 2.80
CA ASP A 88 9.72 9.28 1.79
C ASP A 88 10.92 9.72 0.91
N LEU A 89 12.12 9.74 1.53
CA LEU A 89 13.39 10.05 0.83
C LEU A 89 13.74 8.93 -0.17
N GLN A 90 13.38 7.69 0.22
CA GLN A 90 13.79 6.45 -0.48
C GLN A 90 12.99 6.25 -1.78
N LYS A 91 11.90 7.02 -1.92
CA LYS A 91 11.08 7.03 -3.13
C LYS A 91 11.78 7.90 -4.21
N PRO A 92 12.05 7.36 -5.44
CA PRO A 92 12.60 8.17 -6.57
C PRO A 92 11.53 9.07 -7.23
N ALA A 93 10.29 9.02 -6.68
CA ALA A 93 9.10 9.77 -7.17
C ALA A 93 8.61 9.23 -8.54
N TYR A 94 9.14 8.07 -8.95
CA TYR A 94 8.73 7.37 -10.19
C TYR A 94 8.89 5.86 -10.02
N THR A 95 8.31 5.11 -10.95
CA THR A 95 8.56 3.67 -11.12
C THR A 95 8.85 3.42 -12.60
N GLY A 96 10.12 3.11 -12.92
CA GLY A 96 10.56 2.84 -14.30
C GLY A 96 10.25 1.42 -14.78
N TYR A 97 9.02 0.97 -14.48
CA TYR A 97 8.49 -0.34 -14.87
C TYR A 97 6.96 -0.28 -14.87
N ASN A 98 6.41 0.52 -13.92
CA ASN A 98 4.96 0.66 -13.66
C ASN A 98 4.34 -0.65 -13.13
N ARG A 99 3.09 -0.57 -12.66
CA ARG A 99 2.37 -1.71 -12.05
C ARG A 99 0.86 -1.67 -12.36
N ARG A 100 0.22 -2.83 -12.26
CA ARG A 100 -1.24 -2.99 -12.35
C ARG A 100 -1.86 -3.08 -10.95
N GLY A 101 -0.99 -3.36 -9.96
CA GLY A 101 -1.39 -3.55 -8.56
C GLY A 101 -0.60 -4.68 -7.91
N SER A 102 -0.15 -5.65 -8.76
CA SER A 102 0.64 -6.81 -8.33
C SER A 102 1.94 -6.37 -7.64
N LYS A 103 2.17 -6.93 -6.43
CA LYS A 103 3.36 -6.63 -5.61
C LYS A 103 4.21 -7.89 -5.43
N ASP A 104 5.50 -7.68 -5.13
CA ASP A 104 6.46 -8.77 -4.86
C ASP A 104 7.42 -8.33 -3.75
N SER A 105 8.04 -9.30 -3.06
CA SER A 105 8.93 -9.03 -1.91
C SER A 105 10.03 -10.11 -1.78
N GLN A 106 10.06 -11.07 -2.72
CA GLN A 106 10.98 -12.23 -2.66
C GLN A 106 11.29 -12.75 -4.07
N LEU A 107 12.58 -13.08 -4.31
CA LEU A 107 13.09 -13.54 -5.61
C LEU A 107 13.91 -14.84 -5.39
N ARG A 108 13.42 -15.68 -4.45
CA ARG A 108 14.07 -16.95 -4.07
C ARG A 108 13.59 -18.07 -5.04
ZN ZN B . 6.24 4.39 13.07
N MET A 21 13.90 -10.11 -21.39
CA MET A 21 13.62 -10.40 -19.96
C MET A 21 13.04 -9.17 -19.26
N ALA A 22 11.95 -9.39 -18.50
CA ALA A 22 11.24 -8.33 -17.77
C ALA A 22 10.38 -8.96 -16.65
N SER A 23 10.95 -9.02 -15.42
CA SER A 23 10.24 -9.49 -14.21
C SER A 23 10.87 -8.84 -12.96
N GLY A 24 10.05 -8.09 -12.18
CA GLY A 24 10.52 -7.45 -10.94
C GLY A 24 11.31 -6.15 -11.16
N TRP A 25 11.59 -5.84 -12.43
CA TRP A 25 12.36 -4.65 -12.86
C TRP A 25 11.63 -3.33 -12.49
N ALA A 26 10.32 -3.32 -12.73
CA ALA A 26 9.40 -2.20 -12.40
C ALA A 26 8.01 -2.76 -12.04
N ASN A 27 7.81 -4.05 -12.34
CA ASN A 27 6.55 -4.75 -12.12
C ASN A 27 6.65 -5.54 -10.81
N ASP A 28 6.15 -4.94 -9.73
CA ASP A 28 6.07 -5.60 -8.42
C ASP A 28 4.73 -6.34 -8.27
N ASP A 29 4.63 -7.14 -7.21
CA ASP A 29 3.39 -7.83 -6.83
C ASP A 29 2.28 -6.80 -6.51
N ALA A 30 2.67 -5.74 -5.77
CA ALA A 30 1.77 -4.66 -5.34
C ALA A 30 1.38 -3.72 -6.52
N VAL A 31 2.17 -3.75 -7.59
CA VAL A 31 1.91 -2.96 -8.82
C VAL A 31 0.88 -3.69 -9.71
N ASN A 32 1.02 -5.02 -9.80
CA ASN A 32 0.15 -5.86 -10.67
C ASN A 32 -1.31 -5.85 -10.18
N GLU A 33 -1.49 -5.97 -8.85
CA GLU A 33 -2.83 -5.91 -8.22
C GLU A 33 -3.44 -4.50 -8.29
N GLN A 34 -2.56 -3.48 -8.38
CA GLN A 34 -2.98 -2.07 -8.54
C GLN A 34 -3.45 -1.84 -9.99
N ILE A 35 -2.85 -2.55 -10.96
CA ILE A 35 -3.34 -2.60 -12.35
C ILE A 35 -4.66 -3.38 -12.42
N ASN A 36 -4.78 -4.41 -11.57
CA ASN A 36 -5.93 -5.35 -11.54
C ASN A 36 -7.10 -4.79 -10.68
N SER A 37 -7.10 -3.45 -10.46
CA SER A 37 -8.15 -2.76 -9.68
C SER A 37 -9.45 -2.52 -10.49
N THR A 38 -9.61 -3.23 -11.61
CA THR A 38 -10.83 -3.17 -12.43
C THR A 38 -11.98 -3.94 -11.74
N ILE A 39 -11.62 -5.06 -11.08
CA ILE A 39 -12.59 -5.95 -10.41
C ILE A 39 -13.15 -5.25 -9.16
N GLU A 40 -12.26 -4.59 -8.39
CA GLU A 40 -12.61 -4.00 -7.08
C GLU A 40 -13.60 -2.84 -7.25
N ASP A 41 -13.51 -2.17 -8.41
CA ASP A 41 -14.45 -1.10 -8.82
C ASP A 41 -15.88 -1.64 -8.89
N ALA A 42 -16.02 -2.82 -9.51
CA ALA A 42 -17.32 -3.51 -9.65
C ALA A 42 -17.86 -3.95 -8.28
N ILE A 43 -16.98 -4.52 -7.45
CA ILE A 43 -17.36 -5.05 -6.13
C ILE A 43 -17.59 -3.88 -5.12
N ALA A 44 -17.02 -2.69 -5.42
CA ALA A 44 -17.21 -1.47 -4.61
C ALA A 44 -18.59 -0.84 -4.87
N ARG A 45 -19.05 -0.91 -6.13
CA ARG A 45 -20.37 -0.36 -6.51
C ARG A 45 -21.48 -1.43 -6.29
N ALA A 46 -21.07 -2.70 -6.12
CA ALA A 46 -22.01 -3.82 -5.88
C ALA A 46 -22.34 -3.94 -4.38
N ARG A 47 -21.32 -4.21 -3.55
CA ARG A 47 -21.48 -4.45 -2.09
C ARG A 47 -20.58 -3.52 -1.24
N GLY A 48 -19.72 -2.74 -1.90
CA GLY A 48 -18.76 -1.86 -1.20
C GLY A 48 -17.66 -2.66 -0.52
N GLU A 49 -16.79 -3.30 -1.33
CA GLU A 49 -15.67 -4.12 -0.81
C GLU A 49 -14.60 -3.23 -0.17
N ILE A 50 -14.12 -2.26 -0.94
CA ILE A 50 -13.06 -1.35 -0.53
C ILE A 50 -13.59 -0.37 0.54
N PRO A 51 -12.90 -0.26 1.72
CA PRO A 51 -13.32 0.64 2.82
C PRO A 51 -12.92 2.10 2.56
N ARG A 52 -13.43 2.99 3.41
CA ARG A 52 -13.05 4.42 3.41
C ARG A 52 -11.60 4.56 3.88
N GLY A 53 -11.26 3.73 4.88
CA GLY A 53 -9.94 3.72 5.50
C GLY A 53 -9.03 2.66 4.91
N GLU A 54 -8.60 2.89 3.65
CA GLU A 54 -7.51 2.10 3.02
C GLU A 54 -6.19 2.49 3.72
N SER A 55 -6.10 3.77 4.07
CA SER A 55 -5.07 4.32 4.94
C SER A 55 -5.33 3.85 6.38
N LEU A 56 -4.35 3.13 6.96
CA LEU A 56 -4.47 2.60 8.33
C LEU A 56 -4.22 3.71 9.38
N ASP A 57 -4.54 3.41 10.65
CA ASP A 57 -4.38 4.35 11.80
C ASP A 57 -3.28 3.86 12.76
N GLU A 58 -2.56 2.83 12.32
CA GLU A 58 -1.54 2.10 13.11
C GLU A 58 -0.39 1.65 12.18
N CYS A 59 0.70 2.41 12.26
CA CYS A 59 1.97 2.20 11.51
C CYS A 59 2.46 0.75 11.51
N GLU A 60 2.76 0.18 10.32
CA GLU A 60 3.16 -1.25 10.20
C GLU A 60 4.59 -1.51 10.73
N GLU A 61 5.33 -0.41 11.03
CA GLU A 61 6.73 -0.50 11.51
C GLU A 61 6.80 -0.51 13.03
N CYS A 62 6.10 0.46 13.66
CA CYS A 62 6.25 0.72 15.11
C CYS A 62 4.89 0.88 15.83
N GLY A 63 3.79 0.55 15.13
CA GLY A 63 2.41 0.66 15.66
C GLY A 63 2.00 2.05 16.15
N ALA A 64 2.72 3.07 15.65
CA ALA A 64 2.51 4.48 16.04
C ALA A 64 1.20 5.03 15.43
N PRO A 65 0.50 5.99 16.13
CA PRO A 65 -0.74 6.61 15.63
C PRO A 65 -0.48 7.39 14.32
N ILE A 66 -1.00 6.87 13.21
CA ILE A 66 -0.91 7.49 11.89
C ILE A 66 -1.72 8.81 11.90
N PRO A 67 -1.06 10.00 11.71
CA PRO A 67 -1.79 11.28 11.63
C PRO A 67 -2.71 11.30 10.39
N GLN A 68 -3.89 11.92 10.56
CA GLN A 68 -4.93 11.95 9.51
C GLN A 68 -4.44 12.72 8.27
N ALA A 69 -3.39 13.56 8.47
CA ALA A 69 -2.71 14.30 7.39
C ALA A 69 -2.06 13.32 6.40
N ARG A 70 -1.37 12.31 6.95
CA ARG A 70 -0.73 11.24 6.16
C ARG A 70 -1.79 10.34 5.49
N ARG A 71 -2.95 10.19 6.15
CA ARG A 71 -4.05 9.33 5.65
C ARG A 71 -4.74 9.96 4.43
N GLU A 72 -5.00 11.29 4.49
CA GLU A 72 -5.73 12.01 3.42
C GLU A 72 -4.79 12.40 2.27
N ALA A 73 -3.51 12.64 2.59
CA ALA A 73 -2.47 12.96 1.58
C ALA A 73 -2.05 11.70 0.81
N ILE A 74 -1.78 10.61 1.56
CA ILE A 74 -1.24 9.36 0.99
C ILE A 74 -2.36 8.29 1.00
N PRO A 75 -2.93 7.93 -0.21
CA PRO A 75 -3.99 6.90 -0.32
C PRO A 75 -3.45 5.48 0.01
N GLY A 76 -3.86 4.95 1.16
CA GLY A 76 -3.39 3.67 1.67
C GLY A 76 -2.01 3.77 2.30
N VAL A 77 -1.82 4.80 3.16
CA VAL A 77 -0.55 5.02 3.90
C VAL A 77 -0.31 3.85 4.89
N ARG A 78 0.98 3.49 5.07
CA ARG A 78 1.40 2.37 5.94
C ARG A 78 2.21 2.89 7.13
N LEU A 79 2.80 4.07 6.95
CA LEU A 79 3.89 4.59 7.78
C LEU A 79 3.47 5.88 8.50
N CYS A 80 3.74 5.95 9.82
CA CYS A 80 3.51 7.17 10.64
C CYS A 80 4.50 8.23 10.19
N ILE A 81 4.23 9.53 10.47
CA ILE A 81 5.00 10.66 9.87
C ILE A 81 6.53 10.50 10.04
N HIS A 82 6.93 9.82 11.13
CA HIS A 82 8.34 9.55 11.47
C HIS A 82 8.94 8.50 10.50
N CYS A 83 8.29 7.30 10.42
CA CYS A 83 8.73 6.21 9.53
C CYS A 83 8.42 6.56 8.06
N GLN A 84 7.54 7.53 7.81
CA GLN A 84 7.16 7.90 6.44
C GLN A 84 8.21 8.86 5.87
N GLN A 85 8.56 9.91 6.64
CA GLN A 85 9.45 10.97 6.18
C GLN A 85 10.87 10.42 5.89
N GLU A 86 11.28 9.39 6.66
CA GLU A 86 12.57 8.72 6.46
C GLU A 86 12.56 7.91 5.14
N LYS A 87 11.46 7.16 4.87
CA LYS A 87 11.32 6.33 3.65
C LYS A 87 11.12 7.20 2.41
N ASP A 88 10.59 8.41 2.64
CA ASP A 88 10.37 9.41 1.60
C ASP A 88 11.72 10.00 1.13
N LEU A 89 12.75 9.91 1.99
CA LEU A 89 14.15 10.25 1.61
C LEU A 89 14.74 9.13 0.75
N GLN A 90 14.38 7.87 1.10
CA GLN A 90 14.99 6.64 0.54
C GLN A 90 14.43 6.29 -0.85
N LYS A 91 13.53 7.13 -1.36
CA LYS A 91 12.98 7.01 -2.72
C LYS A 91 14.12 7.04 -3.78
N PRO A 92 14.28 5.96 -4.61
CA PRO A 92 15.30 5.93 -5.68
C PRO A 92 14.97 6.93 -6.82
N ALA A 93 13.65 7.17 -7.02
CA ALA A 93 13.10 8.02 -8.10
C ALA A 93 13.37 7.44 -9.50
N TYR A 94 13.78 6.16 -9.55
CA TYR A 94 14.03 5.43 -10.80
C TYR A 94 13.81 3.92 -10.56
N THR A 95 13.64 3.19 -11.66
CA THR A 95 13.62 1.72 -11.66
C THR A 95 14.92 1.20 -12.30
N GLY A 96 15.67 0.36 -11.57
CA GLY A 96 16.94 -0.18 -12.04
C GLY A 96 16.77 -1.57 -12.67
N TYR A 97 17.14 -1.68 -13.96
CA TYR A 97 17.02 -2.94 -14.74
C TYR A 97 18.02 -3.00 -15.90
N ASN A 98 18.06 -4.17 -16.55
CA ASN A 98 18.90 -4.43 -17.71
C ASN A 98 17.99 -4.85 -18.88
N ARG A 99 17.72 -3.91 -19.81
CA ARG A 99 17.03 -4.17 -21.08
C ARG A 99 17.94 -3.76 -22.24
N ARG A 100 18.73 -4.74 -22.72
CA ARG A 100 19.58 -4.58 -23.91
C ARG A 100 18.93 -5.24 -25.12
N GLY A 101 19.11 -4.62 -26.30
CA GLY A 101 18.52 -5.11 -27.54
C GLY A 101 19.00 -6.49 -27.95
N SER A 102 20.25 -6.83 -27.54
CA SER A 102 20.91 -8.12 -27.81
C SER A 102 21.23 -8.30 -29.32
N LYS A 103 20.99 -7.22 -30.09
CA LYS A 103 21.19 -7.18 -31.55
C LYS A 103 22.42 -6.33 -31.84
N ASP A 104 23.43 -6.90 -32.51
CA ASP A 104 24.55 -6.12 -33.03
C ASP A 104 24.05 -5.30 -34.23
N SER A 105 23.60 -4.08 -33.94
CA SER A 105 23.12 -3.13 -34.95
C SER A 105 24.29 -2.23 -35.41
N GLN A 106 25.45 -2.38 -34.74
CA GLN A 106 26.66 -1.62 -35.02
C GLN A 106 27.37 -2.27 -36.22
N LEU A 107 26.96 -1.85 -37.42
CA LEU A 107 27.43 -2.42 -38.69
C LEU A 107 28.84 -1.86 -39.04
N ARG A 108 29.86 -2.43 -38.38
CA ARG A 108 31.26 -1.98 -38.47
C ARG A 108 32.08 -2.95 -39.36
ZN ZN B . 6.20 4.35 12.72
N MET A 21 -7.15 33.27 -8.69
CA MET A 21 -8.50 32.65 -8.59
C MET A 21 -8.42 31.35 -7.75
N ALA A 22 -9.11 31.36 -6.59
CA ALA A 22 -9.13 30.22 -5.65
C ALA A 22 -10.22 29.20 -6.05
N SER A 23 -9.98 28.54 -7.20
CA SER A 23 -10.90 27.52 -7.76
C SER A 23 -10.13 26.62 -8.74
N GLY A 24 -10.22 25.28 -8.55
CA GLY A 24 -9.62 24.29 -9.47
C GLY A 24 -8.17 23.95 -9.15
N TRP A 25 -7.36 25.01 -8.88
CA TRP A 25 -5.90 24.93 -8.67
C TRP A 25 -5.45 23.81 -7.68
N ALA A 26 -6.19 23.67 -6.57
CA ALA A 26 -5.93 22.62 -5.55
C ALA A 26 -7.24 21.94 -5.11
N ASN A 27 -8.38 22.48 -5.59
CA ASN A 27 -9.72 21.97 -5.25
C ASN A 27 -10.16 20.91 -6.26
N ASP A 28 -9.61 19.70 -6.10
CA ASP A 28 -9.96 18.52 -6.91
C ASP A 28 -11.08 17.74 -6.18
N ASP A 29 -11.65 16.75 -6.87
CA ASP A 29 -12.77 15.94 -6.37
C ASP A 29 -12.25 14.85 -5.42
N ALA A 30 -11.13 14.22 -5.82
CA ALA A 30 -10.51 13.11 -5.09
C ALA A 30 -9.60 13.59 -3.93
N VAL A 31 -9.67 14.90 -3.60
CA VAL A 31 -9.03 15.47 -2.39
C VAL A 31 -10.11 16.13 -1.49
N ASN A 32 -11.22 16.60 -2.13
CA ASN A 32 -12.36 17.22 -1.43
C ASN A 32 -13.12 16.17 -0.58
N GLU A 33 -13.20 14.94 -1.13
CA GLU A 33 -13.77 13.77 -0.42
C GLU A 33 -12.85 13.33 0.74
N GLN A 34 -11.53 13.61 0.61
CA GLN A 34 -10.51 13.24 1.62
C GLN A 34 -10.42 14.27 2.75
N ILE A 35 -11.25 15.32 2.67
CA ILE A 35 -11.52 16.20 3.82
C ILE A 35 -12.52 15.49 4.77
N ASN A 36 -13.39 14.65 4.16
CA ASN A 36 -14.36 13.79 4.88
C ASN A 36 -13.71 12.43 5.24
N SER A 37 -12.37 12.41 5.31
CA SER A 37 -11.56 11.21 5.60
C SER A 37 -11.80 10.66 7.03
N THR A 38 -12.27 11.53 7.94
CA THR A 38 -12.60 11.16 9.34
C THR A 38 -13.65 10.01 9.42
N ILE A 39 -14.51 9.92 8.38
CA ILE A 39 -15.53 8.86 8.26
C ILE A 39 -14.87 7.46 8.10
N GLU A 40 -13.74 7.40 7.34
CA GLU A 40 -13.06 6.11 7.02
C GLU A 40 -12.50 5.48 8.32
N ASP A 41 -12.08 6.35 9.28
CA ASP A 41 -11.55 5.93 10.60
C ASP A 41 -12.63 5.21 11.40
N ALA A 42 -13.80 5.88 11.55
CA ALA A 42 -14.96 5.36 12.32
C ALA A 42 -15.39 3.96 11.83
N ILE A 43 -15.36 3.77 10.50
CA ILE A 43 -15.79 2.54 9.84
C ILE A 43 -14.65 1.47 9.83
N ALA A 44 -13.39 1.92 9.88
CA ALA A 44 -12.21 1.01 9.88
C ALA A 44 -12.02 0.36 11.27
N ARG A 45 -12.44 1.06 12.34
CA ARG A 45 -12.41 0.51 13.72
C ARG A 45 -13.74 -0.18 14.07
N ALA A 46 -14.76 -0.03 13.19
CA ALA A 46 -16.06 -0.70 13.33
C ALA A 46 -15.90 -2.22 13.17
N ARG A 47 -15.31 -2.65 12.03
CA ARG A 47 -15.00 -4.08 11.76
C ARG A 47 -13.70 -4.24 10.92
N GLY A 48 -13.18 -3.12 10.40
CA GLY A 48 -12.07 -3.14 9.44
C GLY A 48 -12.55 -3.19 8.01
N GLU A 49 -13.25 -2.12 7.62
CA GLU A 49 -13.73 -1.91 6.24
C GLU A 49 -12.54 -1.76 5.28
N ILE A 50 -11.62 -0.88 5.68
CA ILE A 50 -10.42 -0.56 4.91
C ILE A 50 -9.45 -1.79 4.86
N PRO A 51 -9.02 -2.23 3.62
CA PRO A 51 -8.06 -3.34 3.45
C PRO A 51 -6.60 -2.89 3.62
N ARG A 52 -5.67 -3.86 3.52
CA ARG A 52 -4.23 -3.63 3.62
C ARG A 52 -3.66 -3.21 2.25
N GLY A 53 -4.01 -1.97 1.90
CA GLY A 53 -3.65 -1.34 0.64
C GLY A 53 -3.99 0.14 0.67
N GLU A 54 -5.04 0.49 1.46
CA GLU A 54 -5.43 1.88 1.73
C GLU A 54 -4.91 2.32 3.12
N SER A 55 -5.29 3.56 3.53
CA SER A 55 -4.80 4.23 4.75
C SER A 55 -5.25 3.50 6.03
N LEU A 56 -4.38 3.47 7.06
CA LEU A 56 -4.64 2.77 8.34
C LEU A 56 -4.48 3.72 9.55
N ASP A 57 -4.62 3.18 10.78
CA ASP A 57 -4.52 3.96 12.04
C ASP A 57 -3.25 3.59 12.82
N GLU A 58 -2.58 2.50 12.41
CA GLU A 58 -1.48 1.89 13.16
C GLU A 58 -0.29 1.69 12.20
N CYS A 59 0.74 2.52 12.40
CA CYS A 59 2.04 2.41 11.70
C CYS A 59 2.63 0.99 11.81
N GLU A 60 2.78 0.29 10.67
CA GLU A 60 3.21 -1.15 10.66
C GLU A 60 4.70 -1.35 11.10
N GLU A 61 5.40 -0.23 11.35
CA GLU A 61 6.80 -0.24 11.82
C GLU A 61 6.81 -0.38 13.34
N CYS A 62 6.19 0.62 13.99
CA CYS A 62 6.37 0.87 15.44
C CYS A 62 5.02 1.00 16.18
N GLY A 63 3.92 0.66 15.48
CA GLY A 63 2.54 0.74 16.01
C GLY A 63 2.14 2.14 16.50
N ALA A 64 2.74 3.18 15.91
CA ALA A 64 2.49 4.58 16.29
C ALA A 64 1.18 5.08 15.65
N PRO A 65 0.37 5.92 16.37
CA PRO A 65 -0.89 6.48 15.85
C PRO A 65 -0.70 7.30 14.55
N ILE A 66 -1.27 6.79 13.46
CA ILE A 66 -1.31 7.46 12.15
C ILE A 66 -2.32 8.64 12.21
N PRO A 67 -1.89 9.89 11.89
CA PRO A 67 -2.82 11.03 11.77
C PRO A 67 -3.56 11.01 10.43
N GLN A 68 -4.77 11.60 10.41
CA GLN A 68 -5.57 11.70 9.16
C GLN A 68 -4.89 12.63 8.15
N ALA A 69 -3.87 13.41 8.60
CA ALA A 69 -3.07 14.28 7.72
C ALA A 69 -2.27 13.41 6.74
N ARG A 70 -1.76 12.27 7.24
CA ARG A 70 -1.07 11.27 6.42
C ARG A 70 -2.07 10.46 5.56
N ARG A 71 -3.31 10.26 6.08
CA ARG A 71 -4.34 9.46 5.36
C ARG A 71 -4.92 10.21 4.15
N GLU A 72 -5.09 11.55 4.28
CA GLU A 72 -5.67 12.40 3.22
C GLU A 72 -4.59 12.82 2.20
N ALA A 73 -3.37 13.15 2.70
CA ALA A 73 -2.23 13.54 1.84
C ALA A 73 -1.65 12.33 1.10
N ILE A 74 -1.63 11.18 1.80
CA ILE A 74 -1.13 9.90 1.25
C ILE A 74 -2.26 8.85 1.32
N PRO A 75 -3.14 8.77 0.28
CA PRO A 75 -4.16 7.70 0.19
C PRO A 75 -3.46 6.33 0.02
N GLY A 76 -3.35 5.60 1.13
CA GLY A 76 -2.61 4.35 1.19
C GLY A 76 -1.34 4.48 2.04
N VAL A 77 -1.49 5.16 3.19
CA VAL A 77 -0.38 5.33 4.16
C VAL A 77 -0.30 4.08 5.08
N ARG A 78 0.94 3.67 5.39
CA ARG A 78 1.22 2.51 6.27
C ARG A 78 2.09 2.96 7.46
N LEU A 79 2.71 4.14 7.31
CA LEU A 79 3.85 4.58 8.11
C LEU A 79 3.50 5.90 8.80
N CYS A 80 3.77 6.01 10.12
CA CYS A 80 3.58 7.28 10.87
C CYS A 80 4.58 8.30 10.33
N ILE A 81 4.29 9.60 10.51
CA ILE A 81 5.02 10.71 9.82
C ILE A 81 6.57 10.62 9.99
N HIS A 82 7.00 9.95 11.08
CA HIS A 82 8.41 9.74 11.42
C HIS A 82 9.02 8.58 10.60
N CYS A 83 8.31 7.43 10.49
CA CYS A 83 8.77 6.28 9.68
C CYS A 83 8.48 6.49 8.18
N GLN A 84 7.58 7.44 7.85
CA GLN A 84 7.21 7.72 6.45
C GLN A 84 8.33 8.53 5.80
N GLN A 85 8.76 9.61 6.49
CA GLN A 85 9.77 10.54 5.96
C GLN A 85 11.11 9.83 5.64
N GLU A 86 11.49 8.81 6.45
CA GLU A 86 12.73 8.02 6.23
C GLU A 86 12.61 7.15 4.95
N LYS A 87 11.40 6.57 4.72
CA LYS A 87 11.10 5.79 3.51
C LYS A 87 10.92 6.71 2.28
N ASP A 88 10.55 7.98 2.55
CA ASP A 88 10.35 8.99 1.50
C ASP A 88 11.72 9.53 0.99
N LEU A 89 12.80 9.33 1.79
CA LEU A 89 14.19 9.63 1.37
C LEU A 89 14.66 8.63 0.29
N GLN A 90 14.02 7.44 0.31
CA GLN A 90 14.43 6.28 -0.50
C GLN A 90 13.73 6.28 -1.87
N LYS A 91 12.85 7.29 -2.11
CA LYS A 91 12.16 7.47 -3.40
C LYS A 91 13.17 7.75 -4.53
N PRO A 92 13.24 6.89 -5.59
CA PRO A 92 14.17 7.10 -6.73
C PRO A 92 13.74 8.27 -7.63
N ALA A 93 12.44 8.65 -7.54
CA ALA A 93 11.77 9.68 -8.40
C ALA A 93 11.70 9.22 -9.88
N TYR A 94 11.84 7.89 -10.08
CA TYR A 94 11.65 7.23 -11.39
C TYR A 94 11.21 5.79 -11.17
N THR A 95 10.79 5.10 -12.25
CA THR A 95 10.42 3.67 -12.22
C THR A 95 11.32 2.84 -13.17
N GLY A 96 12.27 3.52 -13.83
CA GLY A 96 13.21 2.86 -14.76
C GLY A 96 12.94 3.25 -16.21
N TYR A 97 11.73 3.75 -16.46
CA TYR A 97 11.27 4.16 -17.80
C TYR A 97 10.83 5.64 -17.78
N ASN A 98 10.54 6.19 -18.98
CA ASN A 98 10.27 7.63 -19.20
C ASN A 98 8.79 8.03 -18.92
N ARG A 99 8.02 7.10 -18.31
CA ARG A 99 6.60 7.35 -17.97
C ARG A 99 6.48 8.36 -16.82
N ARG A 100 6.23 9.63 -17.18
CA ARG A 100 5.93 10.72 -16.24
C ARG A 100 4.61 11.40 -16.67
N GLY A 101 3.57 10.57 -16.81
CA GLY A 101 2.20 11.07 -16.97
C GLY A 101 1.52 11.31 -15.63
N SER A 102 2.02 10.60 -14.61
CA SER A 102 1.55 10.71 -13.23
C SER A 102 2.12 11.98 -12.58
N LYS A 103 1.22 12.92 -12.26
CA LYS A 103 1.53 14.18 -11.56
C LYS A 103 2.44 15.08 -12.42
N ASP A 104 1.84 15.79 -13.38
CA ASP A 104 2.56 16.78 -14.22
C ASP A 104 2.93 18.00 -13.36
N SER A 105 4.11 17.88 -12.73
CA SER A 105 4.71 18.91 -11.86
C SER A 105 5.95 19.48 -12.59
N GLN A 106 5.75 19.79 -13.88
CA GLN A 106 6.81 20.30 -14.76
C GLN A 106 7.15 21.77 -14.44
N LEU A 107 8.32 22.20 -14.96
CA LEU A 107 8.78 23.60 -14.95
C LEU A 107 7.76 24.55 -15.63
N ARG A 108 6.96 23.98 -16.55
CA ARG A 108 5.92 24.68 -17.30
C ARG A 108 4.61 24.69 -16.48
ZN ZN B . 6.26 4.54 12.97
N MET A 21 -1.05 -8.84 -29.83
CA MET A 21 -2.39 -8.87 -29.20
C MET A 21 -2.31 -9.72 -27.91
N ALA A 22 -2.22 -9.04 -26.74
CA ALA A 22 -2.07 -9.71 -25.43
C ALA A 22 -3.39 -10.39 -25.01
N SER A 23 -3.55 -11.65 -25.43
CA SER A 23 -4.79 -12.41 -25.26
C SER A 23 -4.48 -13.90 -25.07
N GLY A 24 -5.10 -14.53 -24.05
CA GLY A 24 -4.93 -15.96 -23.77
C GLY A 24 -3.81 -16.25 -22.77
N TRP A 25 -2.68 -15.51 -22.90
CA TRP A 25 -1.45 -15.72 -22.11
C TRP A 25 -1.71 -15.59 -20.59
N ALA A 26 -2.51 -14.57 -20.23
CA ALA A 26 -2.88 -14.26 -18.83
C ALA A 26 -4.11 -13.34 -18.81
N ASN A 27 -4.81 -13.26 -19.95
CA ASN A 27 -5.95 -12.35 -20.13
C ASN A 27 -7.21 -13.06 -19.63
N ASP A 28 -7.29 -13.19 -18.29
CA ASP A 28 -8.35 -13.95 -17.59
C ASP A 28 -8.74 -13.20 -16.32
N ASP A 29 -9.98 -13.44 -15.85
CA ASP A 29 -10.42 -13.04 -14.49
C ASP A 29 -9.72 -13.90 -13.44
N ALA A 30 -9.35 -15.13 -13.85
CA ALA A 30 -8.60 -16.10 -13.00
C ALA A 30 -7.18 -15.60 -12.65
N VAL A 31 -6.67 -14.64 -13.43
CA VAL A 31 -5.35 -14.01 -13.22
C VAL A 31 -5.53 -12.59 -12.65
N ASN A 32 -6.57 -11.89 -13.13
CA ASN A 32 -6.88 -10.50 -12.75
C ASN A 32 -7.31 -10.40 -11.27
N GLU A 33 -7.92 -11.49 -10.75
CA GLU A 33 -8.33 -11.59 -9.32
C GLU A 33 -7.11 -11.47 -8.38
N GLN A 34 -5.96 -12.00 -8.84
CA GLN A 34 -4.69 -11.95 -8.08
C GLN A 34 -4.11 -10.52 -8.10
N ILE A 35 -4.27 -9.83 -9.24
CA ILE A 35 -3.86 -8.42 -9.41
C ILE A 35 -4.80 -7.49 -8.59
N ASN A 36 -6.06 -7.94 -8.41
CA ASN A 36 -7.10 -7.23 -7.66
C ASN A 36 -6.78 -7.24 -6.15
N SER A 37 -7.25 -6.20 -5.44
CA SER A 37 -7.09 -6.06 -3.97
C SER A 37 -8.10 -6.95 -3.18
N THR A 38 -8.67 -7.95 -3.84
CA THR A 38 -9.63 -8.89 -3.22
C THR A 38 -8.90 -9.90 -2.31
N ILE A 39 -7.77 -10.43 -2.81
CA ILE A 39 -7.01 -11.52 -2.14
C ILE A 39 -6.44 -11.01 -0.80
N GLU A 40 -5.90 -9.77 -0.83
CA GLU A 40 -5.30 -9.11 0.34
C GLU A 40 -6.39 -8.73 1.36
N ASP A 41 -7.58 -8.34 0.85
CA ASP A 41 -8.74 -7.96 1.67
C ASP A 41 -9.38 -9.19 2.34
N ALA A 42 -9.25 -10.35 1.68
CA ALA A 42 -9.75 -11.63 2.21
C ALA A 42 -8.93 -12.06 3.44
N ILE A 43 -7.61 -11.78 3.42
CA ILE A 43 -6.71 -12.05 4.56
C ILE A 43 -6.74 -10.84 5.56
N ALA A 44 -7.21 -9.67 5.08
CA ALA A 44 -7.41 -8.45 5.91
C ALA A 44 -8.58 -8.65 6.89
N ARG A 45 -9.65 -9.30 6.42
CA ARG A 45 -10.81 -9.64 7.27
C ARG A 45 -10.52 -10.91 8.10
N ALA A 46 -9.55 -11.73 7.62
CA ALA A 46 -9.14 -12.96 8.30
C ALA A 46 -8.35 -12.64 9.59
N ARG A 47 -7.11 -12.11 9.44
CA ARG A 47 -6.22 -11.81 10.60
C ARG A 47 -5.80 -10.33 10.64
N GLY A 48 -6.13 -9.58 9.58
CA GLY A 48 -5.72 -8.18 9.46
C GLY A 48 -4.33 -8.03 8.86
N GLU A 49 -4.08 -8.80 7.78
CA GLU A 49 -2.81 -8.82 7.03
C GLU A 49 -2.47 -7.42 6.50
N ILE A 50 -3.35 -6.96 5.61
CA ILE A 50 -3.26 -5.68 4.90
C ILE A 50 -4.44 -4.81 5.38
N PRO A 51 -4.36 -3.44 5.30
CA PRO A 51 -5.55 -2.59 5.44
C PRO A 51 -6.60 -2.86 4.31
N ARG A 52 -7.73 -2.15 4.34
CA ARG A 52 -8.84 -2.34 3.36
C ARG A 52 -8.55 -1.61 2.02
N GLY A 53 -7.26 -1.59 1.62
CA GLY A 53 -6.79 -0.72 0.55
C GLY A 53 -6.82 0.76 0.93
N GLU A 54 -6.95 1.03 2.24
CA GLU A 54 -7.13 2.37 2.80
C GLU A 54 -5.94 2.75 3.66
N SER A 55 -5.83 4.06 3.93
CA SER A 55 -4.86 4.61 4.86
C SER A 55 -5.26 4.23 6.30
N LEU A 56 -4.45 3.35 6.92
CA LEU A 56 -4.77 2.76 8.24
C LEU A 56 -4.55 3.78 9.41
N ASP A 57 -4.81 3.33 10.65
CA ASP A 57 -4.70 4.18 11.87
C ASP A 57 -3.45 3.82 12.71
N GLU A 58 -2.77 2.73 12.32
CA GLU A 58 -1.75 2.04 13.14
C GLU A 58 -0.53 1.64 12.28
N CYS A 59 0.58 2.36 12.47
CA CYS A 59 1.90 2.09 11.84
C CYS A 59 2.31 0.61 11.92
N GLU A 60 2.66 -0.02 10.78
CA GLU A 60 3.11 -1.44 10.74
C GLU A 60 4.56 -1.62 11.28
N GLU A 61 5.27 -0.52 11.57
CA GLU A 61 6.66 -0.55 12.06
C GLU A 61 6.72 -0.52 13.59
N CYS A 62 5.84 0.28 14.22
CA CYS A 62 5.91 0.52 15.68
C CYS A 62 4.53 0.77 16.30
N GLY A 63 3.45 0.44 15.55
CA GLY A 63 2.04 0.60 15.99
C GLY A 63 1.64 2.02 16.39
N ALA A 64 2.46 3.00 15.98
CA ALA A 64 2.32 4.41 16.37
C ALA A 64 1.16 5.07 15.59
N PRO A 65 0.46 6.09 16.18
CA PRO A 65 -0.72 6.73 15.57
C PRO A 65 -0.38 7.36 14.20
N ILE A 66 -1.04 6.86 13.16
CA ILE A 66 -0.96 7.43 11.81
C ILE A 66 -1.72 8.78 11.76
N PRO A 67 -1.03 9.92 11.48
CA PRO A 67 -1.69 11.24 11.34
C PRO A 67 -2.41 11.34 9.97
N GLN A 68 -3.47 12.16 9.94
CA GLN A 68 -4.31 12.35 8.75
C GLN A 68 -3.50 12.94 7.58
N ALA A 69 -2.39 13.63 7.92
CA ALA A 69 -1.48 14.25 6.95
C ALA A 69 -0.81 13.17 6.06
N ARG A 70 -0.37 12.08 6.69
CA ARG A 70 0.22 10.92 5.98
C ARG A 70 -0.84 10.20 5.13
N ARG A 71 -2.09 10.22 5.63
CA ARG A 71 -3.25 9.59 4.98
C ARG A 71 -3.67 10.34 3.70
N GLU A 72 -3.63 11.69 3.75
CA GLU A 72 -4.11 12.53 2.64
C GLU A 72 -3.01 12.69 1.58
N ALA A 73 -1.75 12.64 2.03
CA ALA A 73 -0.59 12.61 1.14
C ALA A 73 -0.51 11.27 0.39
N ILE A 74 -0.70 10.16 1.14
CA ILE A 74 -0.50 8.79 0.62
C ILE A 74 -1.76 7.94 0.88
N PRO A 75 -2.59 7.65 -0.18
CA PRO A 75 -3.70 6.67 -0.08
C PRO A 75 -3.14 5.25 0.13
N GLY A 76 -3.47 4.65 1.28
CA GLY A 76 -2.93 3.34 1.67
C GLY A 76 -1.61 3.46 2.40
N VAL A 77 -1.43 4.55 3.17
CA VAL A 77 -0.24 4.74 4.02
C VAL A 77 -0.25 3.69 5.15
N ARG A 78 0.95 3.21 5.51
CA ARG A 78 1.13 2.19 6.56
C ARG A 78 2.27 2.56 7.54
N LEU A 79 2.81 3.77 7.40
CA LEU A 79 3.95 4.26 8.21
C LEU A 79 3.57 5.57 8.92
N CYS A 80 3.77 5.62 10.26
CA CYS A 80 3.55 6.85 11.07
C CYS A 80 4.59 7.89 10.64
N ILE A 81 4.33 9.19 10.88
CA ILE A 81 5.14 10.31 10.33
C ILE A 81 6.66 10.15 10.57
N HIS A 82 7.02 9.43 11.64
CA HIS A 82 8.42 9.16 12.02
C HIS A 82 9.06 8.08 11.09
N CYS A 83 8.35 6.93 10.93
CA CYS A 83 8.79 5.83 10.02
C CYS A 83 8.49 6.19 8.55
N GLN A 84 7.61 7.18 8.33
CA GLN A 84 7.21 7.59 6.98
C GLN A 84 8.22 8.59 6.42
N GLN A 85 8.59 9.61 7.22
CA GLN A 85 9.40 10.76 6.73
C GLN A 85 10.74 10.30 6.13
N GLU A 86 11.33 9.24 6.74
CA GLU A 86 12.55 8.60 6.22
C GLU A 86 12.31 8.04 4.79
N LYS A 87 11.17 7.35 4.59
CA LYS A 87 10.78 6.73 3.31
C LYS A 87 10.26 7.77 2.31
N ASP A 88 9.73 8.88 2.84
CA ASP A 88 9.08 9.96 2.08
C ASP A 88 10.11 10.69 1.20
N LEU A 89 11.36 10.72 1.68
CA LEU A 89 12.51 11.31 0.96
C LEU A 89 12.95 10.38 -0.18
N GLN A 90 12.81 9.06 0.05
CA GLN A 90 13.35 8.01 -0.84
C GLN A 90 12.40 7.76 -2.02
N LYS A 91 11.09 7.69 -1.69
CA LYS A 91 10.04 7.42 -2.68
C LYS A 91 9.91 8.64 -3.63
N PRO A 92 9.74 8.42 -4.96
CA PRO A 92 9.73 9.51 -5.96
C PRO A 92 8.46 10.39 -5.93
N ALA A 93 7.34 9.81 -5.44
CA ALA A 93 5.97 10.43 -5.43
C ALA A 93 5.37 10.50 -6.85
N TYR A 94 6.01 9.80 -7.81
CA TYR A 94 5.53 9.66 -9.18
C TYR A 94 5.83 8.23 -9.67
N THR A 95 5.34 7.89 -10.86
CA THR A 95 5.72 6.65 -11.55
C THR A 95 6.38 6.99 -12.89
N GLY A 96 7.72 6.84 -12.97
CA GLY A 96 8.47 6.94 -14.23
C GLY A 96 8.40 5.65 -15.04
N TYR A 97 7.59 4.69 -14.55
CA TYR A 97 7.41 3.35 -15.12
C TYR A 97 5.93 2.96 -14.98
N ASN A 98 5.37 2.29 -15.99
CA ASN A 98 3.91 1.96 -16.06
C ASN A 98 3.52 0.95 -14.96
N ARG A 99 4.45 0.03 -14.61
CA ARG A 99 4.21 -0.97 -13.55
C ARG A 99 4.20 -0.29 -12.15
N ARG A 100 2.99 0.09 -11.72
CA ARG A 100 2.76 0.92 -10.50
C ARG A 100 3.21 0.21 -9.20
N GLY A 101 3.13 -1.14 -9.18
CA GLY A 101 3.49 -1.92 -8.00
C GLY A 101 3.51 -3.41 -8.28
N SER A 102 4.19 -3.80 -9.36
CA SER A 102 4.39 -5.20 -9.74
C SER A 102 5.89 -5.50 -9.84
N LYS A 103 6.42 -6.13 -8.80
CA LYS A 103 7.82 -6.57 -8.73
C LYS A 103 7.86 -7.99 -8.13
N ASP A 104 8.44 -8.94 -8.87
CA ASP A 104 8.51 -10.35 -8.48
C ASP A 104 9.55 -10.54 -7.34
N SER A 105 9.03 -10.66 -6.11
CA SER A 105 9.84 -10.79 -4.89
C SER A 105 8.96 -11.28 -3.73
N GLN A 106 9.60 -11.78 -2.67
CA GLN A 106 8.92 -12.22 -1.43
C GLN A 106 9.85 -12.01 -0.23
N LEU A 107 9.26 -11.70 0.94
CA LEU A 107 10.01 -11.47 2.20
C LEU A 107 10.78 -12.73 2.64
N ARG A 108 10.26 -13.91 2.22
CA ARG A 108 10.89 -15.20 2.47
C ARG A 108 12.08 -15.38 1.50
ZN ZN B . 6.17 4.04 13.25
N MET A 21 17.32 -13.41 -14.99
CA MET A 21 16.10 -13.75 -15.76
C MET A 21 14.87 -13.20 -15.03
N ALA A 22 14.22 -12.17 -15.62
CA ALA A 22 12.99 -11.57 -15.08
C ALA A 22 11.80 -12.53 -15.33
N SER A 23 11.62 -13.46 -14.37
CA SER A 23 10.62 -14.52 -14.45
C SER A 23 9.92 -14.64 -13.08
N GLY A 24 8.59 -14.46 -13.07
CA GLY A 24 7.82 -14.41 -11.83
C GLY A 24 8.02 -13.09 -11.10
N TRP A 25 7.66 -11.99 -11.77
CA TRP A 25 7.92 -10.61 -11.27
C TRP A 25 6.74 -9.64 -11.52
N ALA A 26 6.11 -9.70 -12.71
CA ALA A 26 5.16 -8.66 -13.18
C ALA A 26 4.13 -9.21 -14.18
N ASN A 27 4.60 -10.06 -15.10
CA ASN A 27 3.78 -10.61 -16.22
C ASN A 27 3.03 -11.88 -15.76
N ASP A 28 2.54 -11.85 -14.50
CA ASP A 28 2.17 -13.07 -13.76
C ASP A 28 0.78 -12.97 -13.14
N ASP A 29 0.25 -14.14 -12.73
CA ASP A 29 -1.09 -14.30 -12.15
C ASP A 29 -1.20 -13.57 -10.80
N ALA A 30 -0.14 -13.61 -9.99
CA ALA A 30 -0.13 -13.01 -8.63
C ALA A 30 0.16 -11.49 -8.67
N VAL A 31 0.00 -10.86 -9.86
CA VAL A 31 0.30 -9.43 -10.09
C VAL A 31 -0.88 -8.76 -10.83
N ASN A 32 -1.32 -9.43 -11.91
CA ASN A 32 -2.31 -8.86 -12.87
C ASN A 32 -3.70 -8.69 -12.23
N GLU A 33 -3.95 -9.34 -11.07
CA GLU A 33 -5.22 -9.24 -10.31
C GLU A 33 -5.38 -7.85 -9.68
N GLN A 34 -4.25 -7.33 -9.16
CA GLN A 34 -4.18 -5.99 -8.53
C GLN A 34 -4.26 -4.90 -9.62
N ILE A 35 -3.74 -5.23 -10.81
CA ILE A 35 -3.79 -4.35 -11.99
C ILE A 35 -5.21 -4.35 -12.60
N ASN A 36 -5.89 -5.51 -12.51
CA ASN A 36 -7.25 -5.70 -13.02
C ASN A 36 -8.27 -5.17 -11.99
N SER A 37 -8.58 -3.88 -12.12
CA SER A 37 -9.47 -3.14 -11.22
C SER A 37 -10.97 -3.41 -11.52
N THR A 38 -11.25 -4.43 -12.36
CA THR A 38 -12.61 -4.87 -12.67
C THR A 38 -13.15 -5.79 -11.57
N ILE A 39 -12.22 -6.58 -10.98
CA ILE A 39 -12.55 -7.61 -9.96
C ILE A 39 -13.21 -6.98 -8.73
N GLU A 40 -12.66 -5.81 -8.32
CA GLU A 40 -13.05 -5.13 -7.08
C GLU A 40 -14.54 -4.73 -7.09
N ASP A 41 -15.06 -4.38 -8.29
CA ASP A 41 -16.45 -3.91 -8.48
C ASP A 41 -17.46 -5.02 -8.16
N ALA A 42 -17.20 -6.22 -8.72
CA ALA A 42 -18.08 -7.40 -8.54
C ALA A 42 -18.16 -7.80 -7.06
N ILE A 43 -17.02 -7.76 -6.39
CA ILE A 43 -16.90 -8.15 -4.96
C ILE A 43 -17.50 -7.04 -4.05
N ALA A 44 -17.33 -5.77 -4.45
CA ALA A 44 -17.77 -4.60 -3.66
C ALA A 44 -19.29 -4.49 -3.64
N ARG A 45 -19.90 -4.54 -4.83
CA ARG A 45 -21.37 -4.40 -4.99
C ARG A 45 -22.12 -5.55 -4.28
N ALA A 46 -21.44 -6.71 -4.17
CA ALA A 46 -21.97 -7.89 -3.49
C ALA A 46 -21.85 -7.77 -1.97
N ARG A 47 -20.63 -8.00 -1.43
CA ARG A 47 -20.39 -8.13 0.04
C ARG A 47 -19.80 -6.85 0.68
N GLY A 48 -19.28 -5.92 -0.14
CA GLY A 48 -18.61 -4.72 0.35
C GLY A 48 -17.12 -4.99 0.58
N GLU A 49 -16.30 -4.72 -0.44
CA GLU A 49 -14.86 -5.03 -0.44
C GLU A 49 -14.05 -3.77 -0.10
N ILE A 50 -14.11 -2.78 -1.02
CA ILE A 50 -13.29 -1.55 -0.94
C ILE A 50 -13.65 -0.74 0.32
N PRO A 51 -12.64 -0.42 1.19
CA PRO A 51 -12.85 0.38 2.41
C PRO A 51 -12.98 1.89 2.10
N ARG A 52 -13.29 2.67 3.14
CA ARG A 52 -13.41 4.14 3.06
C ARG A 52 -12.04 4.82 2.98
N GLY A 53 -10.98 4.03 3.26
CA GLY A 53 -9.60 4.45 3.12
C GLY A 53 -8.67 3.28 3.28
N GLU A 54 -7.78 3.07 2.31
CA GLU A 54 -6.71 2.04 2.39
C GLU A 54 -5.70 2.43 3.49
N SER A 55 -5.59 3.75 3.71
CA SER A 55 -4.78 4.36 4.76
C SER A 55 -5.17 3.84 6.15
N LEU A 56 -4.24 3.11 6.79
CA LEU A 56 -4.44 2.50 8.13
C LEU A 56 -4.26 3.56 9.25
N ASP A 57 -4.56 3.16 10.51
CA ASP A 57 -4.41 4.03 11.71
C ASP A 57 -3.27 3.52 12.63
N GLU A 58 -2.52 2.51 12.16
CA GLU A 58 -1.47 1.81 12.94
C GLU A 58 -0.24 1.57 12.04
N CYS A 59 0.81 2.36 12.30
CA CYS A 59 2.13 2.26 11.62
C CYS A 59 2.70 0.83 11.62
N GLU A 60 2.98 0.29 10.42
CA GLU A 60 3.53 -1.09 10.26
C GLU A 60 4.94 -1.27 10.90
N GLU A 61 5.59 -0.13 11.24
CA GLU A 61 6.95 -0.11 11.80
C GLU A 61 6.89 -0.23 13.33
N CYS A 62 6.20 0.74 13.95
CA CYS A 62 6.27 0.98 15.40
C CYS A 62 4.87 1.09 16.03
N GLY A 63 3.83 0.64 15.29
CA GLY A 63 2.42 0.68 15.72
C GLY A 63 1.90 2.04 16.15
N ALA A 64 2.62 3.09 15.73
CA ALA A 64 2.34 4.49 16.10
C ALA A 64 1.01 4.99 15.49
N PRO A 65 0.23 5.85 16.23
CA PRO A 65 -1.04 6.41 15.72
C PRO A 65 -0.80 7.25 14.46
N ILE A 66 -1.19 6.68 13.31
CA ILE A 66 -1.10 7.33 12.00
C ILE A 66 -1.98 8.60 12.00
N PRO A 67 -1.37 9.82 11.79
CA PRO A 67 -2.11 11.08 11.75
C PRO A 67 -3.00 11.15 10.49
N GLN A 68 -4.19 11.76 10.65
CA GLN A 68 -5.19 11.88 9.56
C GLN A 68 -4.63 12.67 8.36
N ALA A 69 -3.58 13.49 8.62
CA ALA A 69 -2.87 14.26 7.60
C ALA A 69 -2.21 13.32 6.57
N ARG A 70 -1.56 12.25 7.09
CA ARG A 70 -0.93 11.22 6.24
C ARG A 70 -2.00 10.37 5.52
N ARG A 71 -3.14 10.19 6.18
CA ARG A 71 -4.24 9.35 5.65
C ARG A 71 -4.94 10.03 4.45
N GLU A 72 -5.09 11.37 4.51
CA GLU A 72 -5.78 12.13 3.43
C GLU A 72 -4.81 12.54 2.32
N ALA A 73 -3.55 12.88 2.69
CA ALA A 73 -2.49 13.24 1.72
C ALA A 73 -2.03 12.02 0.93
N ILE A 74 -1.69 10.95 1.66
CA ILE A 74 -1.16 9.71 1.07
C ILE A 74 -2.28 8.64 1.03
N PRO A 75 -2.84 8.33 -0.18
CA PRO A 75 -3.83 7.24 -0.33
C PRO A 75 -3.15 5.86 -0.11
N GLY A 76 -3.50 5.21 0.99
CA GLY A 76 -2.91 3.94 1.40
C GLY A 76 -1.59 4.11 2.14
N VAL A 77 -1.56 5.03 3.13
CA VAL A 77 -0.35 5.24 3.96
C VAL A 77 -0.19 4.05 4.92
N ARG A 78 1.08 3.63 5.14
CA ARG A 78 1.44 2.49 6.00
C ARG A 78 2.27 2.97 7.21
N LEU A 79 2.89 4.15 7.05
CA LEU A 79 3.93 4.64 7.96
C LEU A 79 3.49 5.93 8.65
N CYS A 80 3.75 6.02 9.98
CA CYS A 80 3.53 7.26 10.74
C CYS A 80 4.57 8.27 10.27
N ILE A 81 4.27 9.58 10.36
CA ILE A 81 5.05 10.66 9.68
C ILE A 81 6.58 10.57 9.99
N HIS A 82 6.90 10.01 11.17
CA HIS A 82 8.28 9.82 11.66
C HIS A 82 9.00 8.73 10.84
N CYS A 83 8.35 7.56 10.64
CA CYS A 83 8.89 6.46 9.81
C CYS A 83 8.65 6.73 8.32
N GLN A 84 7.71 7.63 8.00
CA GLN A 84 7.33 7.92 6.60
C GLN A 84 8.40 8.82 5.96
N GLN A 85 8.79 9.89 6.69
CA GLN A 85 9.74 10.90 6.17
C GLN A 85 11.12 10.29 5.82
N GLU A 86 11.56 9.27 6.62
CA GLU A 86 12.82 8.55 6.36
C GLU A 86 12.71 7.70 5.08
N LYS A 87 11.56 7.01 4.91
CA LYS A 87 11.30 6.13 3.75
C LYS A 87 11.05 6.95 2.49
N ASP A 88 10.56 8.19 2.66
CA ASP A 88 10.27 9.11 1.54
C ASP A 88 11.58 9.52 0.85
N LEU A 89 12.67 9.56 1.64
CA LEU A 89 14.04 9.81 1.13
C LEU A 89 14.50 8.63 0.27
N GLN A 90 14.10 7.42 0.69
CA GLN A 90 14.54 6.14 0.10
C GLN A 90 13.69 5.78 -1.14
N LYS A 91 12.64 6.58 -1.38
CA LYS A 91 11.86 6.53 -2.62
C LYS A 91 12.64 7.31 -3.72
N PRO A 92 12.80 6.73 -4.94
CA PRO A 92 13.30 7.48 -6.13
C PRO A 92 12.43 8.74 -6.41
N ALA A 93 11.10 8.55 -6.29
CA ALA A 93 10.08 9.60 -6.50
C ALA A 93 9.99 10.04 -7.96
N TYR A 94 10.50 9.19 -8.88
CA TYR A 94 10.50 9.47 -10.33
C TYR A 94 10.51 8.15 -11.12
N THR A 95 10.18 8.23 -12.42
CA THR A 95 10.16 7.08 -13.36
C THR A 95 11.34 7.13 -14.36
N GLY A 96 11.82 8.34 -14.66
CA GLY A 96 12.90 8.56 -15.62
C GLY A 96 12.53 9.57 -16.71
N TYR A 97 11.26 9.98 -16.70
CA TYR A 97 10.67 10.90 -17.67
C TYR A 97 9.66 11.79 -16.94
N ASN A 98 9.53 13.06 -17.38
CA ASN A 98 8.64 14.07 -16.73
C ASN A 98 7.18 13.57 -16.67
N ARG A 99 6.78 12.88 -17.75
CA ARG A 99 5.46 12.23 -17.86
C ARG A 99 5.41 10.91 -17.05
N ARG A 100 4.26 10.24 -17.06
CA ARG A 100 4.08 8.95 -16.39
C ARG A 100 4.04 7.80 -17.41
N GLY A 101 3.75 6.58 -16.90
CA GLY A 101 3.83 5.34 -17.67
C GLY A 101 3.17 5.39 -19.05
N SER A 102 4.00 5.60 -20.07
CA SER A 102 3.58 5.60 -21.48
C SER A 102 3.88 4.22 -22.09
N LYS A 103 2.89 3.31 -21.95
CA LYS A 103 2.95 1.94 -22.50
C LYS A 103 2.73 1.97 -24.03
N ASP A 104 2.21 3.11 -24.52
CA ASP A 104 2.05 3.39 -25.96
C ASP A 104 2.18 4.90 -26.21
N SER A 105 2.04 5.31 -27.50
CA SER A 105 2.07 6.72 -27.91
C SER A 105 0.94 7.01 -28.93
N GLN A 106 0.00 6.06 -29.05
CA GLN A 106 -1.08 6.09 -30.04
C GLN A 106 -2.26 6.95 -29.52
N LEU A 107 -2.92 7.63 -30.45
CA LEU A 107 -4.06 8.52 -30.16
C LEU A 107 -5.24 8.23 -31.12
N ARG A 108 -5.11 7.12 -31.88
CA ARG A 108 -6.08 6.72 -32.92
C ARG A 108 -6.62 5.31 -32.58
ZN ZN B . 6.23 4.61 12.98
N MET A 21 10.16 -3.28 34.82
CA MET A 21 10.30 -4.31 33.77
C MET A 21 9.23 -4.13 32.70
N ALA A 22 9.64 -3.78 31.48
CA ALA A 22 8.72 -3.65 30.33
C ALA A 22 8.31 -5.05 29.82
N SER A 23 7.22 -5.56 30.40
CA SER A 23 6.66 -6.89 30.08
C SER A 23 5.19 -6.96 30.51
N GLY A 24 4.27 -7.15 29.54
CA GLY A 24 2.84 -7.30 29.84
C GLY A 24 2.19 -6.04 30.40
N TRP A 25 2.76 -4.88 30.07
CA TRP A 25 2.33 -3.56 30.59
C TRP A 25 1.36 -2.90 29.60
N ALA A 26 1.58 -3.16 28.30
CA ALA A 26 0.73 -2.65 27.19
C ALA A 26 0.71 -3.65 26.04
N ASN A 27 1.36 -4.80 26.27
CA ASN A 27 1.70 -5.78 25.23
C ASN A 27 1.47 -7.20 25.76
N ASP A 28 1.18 -8.11 24.83
CA ASP A 28 0.85 -9.52 25.12
C ASP A 28 0.77 -10.30 23.80
N ASP A 29 0.41 -11.59 23.89
CA ASP A 29 0.07 -12.41 22.71
C ASP A 29 -1.30 -11.96 22.16
N ALA A 30 -2.22 -11.64 23.10
CA ALA A 30 -3.57 -11.11 22.79
C ALA A 30 -3.52 -9.68 22.20
N VAL A 31 -2.35 -9.02 22.30
CA VAL A 31 -2.10 -7.69 21.71
C VAL A 31 -1.31 -7.85 20.39
N ASN A 32 -0.44 -8.88 20.34
CA ASN A 32 0.40 -9.17 19.16
C ASN A 32 -0.46 -9.50 17.93
N GLU A 33 -1.57 -10.23 18.18
CA GLU A 33 -2.55 -10.62 17.14
C GLU A 33 -3.17 -9.38 16.44
N GLN A 34 -3.43 -8.31 17.21
CA GLN A 34 -4.01 -7.05 16.69
C GLN A 34 -3.03 -6.41 15.68
N ILE A 35 -1.74 -6.49 16.01
CA ILE A 35 -0.65 -5.92 15.19
C ILE A 35 -0.33 -6.86 13.99
N ASN A 36 -0.62 -8.17 14.16
CA ASN A 36 -0.29 -9.22 13.19
C ASN A 36 -1.21 -9.14 11.95
N SER A 37 -0.59 -9.24 10.76
CA SER A 37 -1.25 -9.10 9.47
C SER A 37 -2.07 -10.36 9.09
N THR A 38 -1.80 -11.49 9.76
CA THR A 38 -2.46 -12.79 9.44
C THR A 38 -3.99 -12.74 9.68
N ILE A 39 -4.43 -11.80 10.54
CA ILE A 39 -5.86 -11.58 10.86
C ILE A 39 -6.60 -11.05 9.60
N GLU A 40 -5.91 -10.21 8.81
CA GLU A 40 -6.48 -9.62 7.59
C GLU A 40 -6.63 -10.71 6.51
N ASP A 41 -5.60 -11.58 6.42
CA ASP A 41 -5.52 -12.63 5.38
C ASP A 41 -6.64 -13.65 5.57
N ALA A 42 -6.89 -13.98 6.86
CA ALA A 42 -7.96 -14.89 7.28
C ALA A 42 -9.35 -14.37 6.82
N ILE A 43 -9.66 -13.11 7.22
CA ILE A 43 -10.98 -12.48 6.96
C ILE A 43 -11.17 -12.15 5.45
N ALA A 44 -10.06 -11.87 4.74
CA ALA A 44 -10.10 -11.47 3.32
C ALA A 44 -10.51 -12.66 2.43
N ARG A 45 -9.92 -13.84 2.67
CA ARG A 45 -10.25 -15.06 1.93
C ARG A 45 -11.53 -15.72 2.49
N ALA A 46 -11.92 -15.36 3.73
CA ALA A 46 -13.12 -15.89 4.38
C ALA A 46 -14.41 -15.29 3.76
N ARG A 47 -14.47 -13.94 3.67
CA ARG A 47 -15.71 -13.23 3.25
C ARG A 47 -15.43 -12.11 2.24
N GLY A 48 -14.17 -11.65 2.17
CA GLY A 48 -13.80 -10.52 1.30
C GLY A 48 -14.19 -9.17 1.89
N GLU A 49 -13.86 -8.98 3.17
CA GLU A 49 -14.16 -7.76 3.92
C GLU A 49 -13.02 -6.74 3.82
N ILE A 50 -11.80 -7.27 3.99
CA ILE A 50 -10.58 -6.47 4.11
C ILE A 50 -10.38 -5.56 2.88
N PRO A 51 -10.12 -4.23 3.09
CA PRO A 51 -9.99 -3.26 1.97
C PRO A 51 -8.70 -3.49 1.16
N ARG A 52 -8.34 -2.50 0.33
CA ARG A 52 -7.27 -2.63 -0.68
C ARG A 52 -5.86 -2.38 -0.09
N GLY A 53 -5.78 -2.29 1.26
CA GLY A 53 -4.50 -2.10 1.95
C GLY A 53 -3.99 -0.68 1.84
N GLU A 54 -4.93 0.26 1.93
CA GLU A 54 -4.65 1.70 1.79
C GLU A 54 -4.44 2.34 3.20
N SER A 55 -4.74 3.65 3.33
CA SER A 55 -4.51 4.45 4.55
C SER A 55 -5.08 3.80 5.83
N LEU A 56 -4.16 3.29 6.66
CA LEU A 56 -4.48 2.65 7.96
C LEU A 56 -4.37 3.67 9.11
N ASP A 57 -4.60 3.22 10.36
CA ASP A 57 -4.53 4.08 11.58
C ASP A 57 -3.49 3.58 12.60
N GLU A 58 -2.66 2.60 12.16
CA GLU A 58 -1.60 1.99 12.98
C GLU A 58 -0.36 1.72 12.10
N CYS A 59 0.70 2.50 12.34
CA CYS A 59 2.02 2.36 11.70
C CYS A 59 2.57 0.92 11.77
N GLU A 60 2.88 0.31 10.61
CA GLU A 60 3.37 -1.09 10.55
C GLU A 60 4.76 -1.28 11.20
N GLU A 61 5.47 -0.16 11.42
CA GLU A 61 6.86 -0.16 11.95
C GLU A 61 6.84 -0.26 13.47
N CYS A 62 6.12 0.69 14.10
CA CYS A 62 6.20 0.88 15.56
C CYS A 62 4.80 0.89 16.22
N GLY A 63 3.75 0.55 15.43
CA GLY A 63 2.34 0.56 15.90
C GLY A 63 1.87 1.91 16.43
N ALA A 64 2.52 2.98 15.95
CA ALA A 64 2.24 4.36 16.37
C ALA A 64 0.94 4.86 15.73
N PRO A 65 0.16 5.75 16.43
CA PRO A 65 -1.04 6.39 15.86
C PRO A 65 -0.73 7.16 14.56
N ILE A 66 -1.31 6.67 13.45
CA ILE A 66 -1.25 7.36 12.15
C ILE A 66 -2.14 8.61 12.20
N PRO A 67 -1.58 9.83 11.91
CA PRO A 67 -2.38 11.05 11.85
C PRO A 67 -3.22 11.08 10.56
N GLN A 68 -4.43 11.67 10.65
CA GLN A 68 -5.35 11.78 9.52
C GLN A 68 -4.77 12.68 8.41
N ALA A 69 -3.74 13.48 8.78
CA ALA A 69 -2.99 14.33 7.84
C ALA A 69 -2.26 13.45 6.81
N ARG A 70 -1.65 12.36 7.31
CA ARG A 70 -0.93 11.38 6.47
C ARG A 70 -1.89 10.54 5.63
N ARG A 71 -3.10 10.29 6.15
CA ARG A 71 -4.12 9.48 5.45
C ARG A 71 -4.65 10.19 4.18
N GLU A 72 -4.82 11.52 4.28
CA GLU A 72 -5.31 12.35 3.17
C GLU A 72 -4.17 12.83 2.25
N ALA A 73 -2.96 12.98 2.82
CA ALA A 73 -1.75 13.38 2.05
C ALA A 73 -1.27 12.22 1.17
N ILE A 74 -1.32 11.01 1.74
CA ILE A 74 -0.84 9.78 1.10
C ILE A 74 -2.02 8.82 0.93
N PRO A 75 -2.51 8.58 -0.33
CA PRO A 75 -3.61 7.62 -0.60
C PRO A 75 -3.11 6.17 -0.46
N GLY A 76 -2.94 5.76 0.80
CA GLY A 76 -2.35 4.48 1.15
C GLY A 76 -1.15 4.64 2.05
N VAL A 77 -1.33 5.32 3.18
CA VAL A 77 -0.26 5.50 4.18
C VAL A 77 -0.09 4.20 4.99
N ARG A 78 1.17 3.88 5.32
CA ARG A 78 1.57 2.67 6.04
C ARG A 78 2.24 3.06 7.38
N LEU A 79 2.90 4.21 7.33
CA LEU A 79 3.94 4.62 8.28
C LEU A 79 3.56 5.94 8.95
N CYS A 80 3.78 6.03 10.27
CA CYS A 80 3.57 7.29 11.03
C CYS A 80 4.60 8.31 10.56
N ILE A 81 4.31 9.61 10.76
CA ILE A 81 5.06 10.74 10.14
C ILE A 81 6.60 10.63 10.34
N HIS A 82 7.01 9.94 11.42
CA HIS A 82 8.43 9.73 11.78
C HIS A 82 9.07 8.61 10.91
N CYS A 83 8.37 7.45 10.79
CA CYS A 83 8.84 6.31 9.97
C CYS A 83 8.58 6.55 8.48
N GLN A 84 7.67 7.50 8.17
CA GLN A 84 7.27 7.78 6.79
C GLN A 84 8.33 8.65 6.10
N GLN A 85 8.70 9.75 6.77
CA GLN A 85 9.59 10.78 6.18
C GLN A 85 10.94 10.20 5.69
N GLU A 86 11.46 9.22 6.45
CA GLU A 86 12.71 8.50 6.07
C GLU A 86 12.51 7.67 4.79
N LYS A 87 11.40 6.90 4.72
CA LYS A 87 11.10 6.00 3.58
C LYS A 87 10.64 6.81 2.35
N ASP A 88 10.11 8.01 2.62
CA ASP A 88 9.60 8.93 1.59
C ASP A 88 10.75 9.42 0.69
N LEU A 89 11.94 9.58 1.31
CA LEU A 89 13.18 9.98 0.59
C LEU A 89 13.61 8.85 -0.37
N GLN A 90 13.38 7.60 0.08
CA GLN A 90 13.93 6.38 -0.56
C GLN A 90 13.09 5.92 -1.76
N LYS A 91 11.88 6.49 -1.93
CA LYS A 91 10.94 6.14 -3.02
C LYS A 91 11.61 6.34 -4.41
N PRO A 92 11.51 5.35 -5.35
CA PRO A 92 12.06 5.49 -6.72
C PRO A 92 11.40 6.68 -7.46
N ALA A 93 10.05 6.66 -7.59
CA ALA A 93 9.25 7.71 -8.26
C ALA A 93 9.59 7.84 -9.77
N TYR A 94 10.25 6.81 -10.31
CA TYR A 94 10.64 6.73 -11.74
C TYR A 94 10.56 5.27 -12.18
N THR A 95 10.32 5.03 -13.48
CA THR A 95 10.35 3.67 -14.05
C THR A 95 11.31 3.64 -15.25
N GLY A 96 12.61 3.52 -14.94
CA GLY A 96 13.68 3.61 -15.93
C GLY A 96 14.27 2.27 -16.30
N TYR A 97 13.40 1.25 -16.50
CA TYR A 97 13.82 -0.09 -16.94
C TYR A 97 13.16 -0.45 -18.28
N ASN A 98 13.82 -1.34 -19.03
CA ASN A 98 13.46 -1.71 -20.41
C ASN A 98 12.13 -2.48 -20.49
N ARG A 99 11.67 -3.02 -19.34
CA ARG A 99 10.38 -3.75 -19.26
C ARG A 99 9.21 -2.76 -19.33
N ARG A 100 8.85 -2.39 -20.57
CA ARG A 100 7.75 -1.49 -20.88
C ARG A 100 6.84 -2.21 -21.89
N GLY A 101 5.79 -2.83 -21.36
CA GLY A 101 4.85 -3.60 -22.15
C GLY A 101 4.17 -4.64 -21.29
N SER A 102 3.58 -4.19 -20.17
CA SER A 102 2.83 -5.04 -19.24
C SER A 102 1.48 -5.44 -19.86
N LYS A 103 1.51 -6.47 -20.72
CA LYS A 103 0.35 -6.92 -21.50
C LYS A 103 -0.25 -8.15 -20.85
N ASP A 104 -1.56 -8.09 -20.55
CA ASP A 104 -2.32 -9.21 -19.98
C ASP A 104 -2.37 -10.38 -20.98
N SER A 105 -1.44 -11.33 -20.78
CA SER A 105 -1.29 -12.54 -21.61
C SER A 105 -2.22 -13.66 -21.06
N GLN A 106 -3.40 -13.26 -20.53
CA GLN A 106 -4.32 -14.13 -19.77
C GLN A 106 -5.70 -14.19 -20.46
N LEU A 107 -6.43 -15.28 -20.19
CA LEU A 107 -7.78 -15.54 -20.75
C LEU A 107 -8.87 -14.67 -20.08
N ARG A 108 -8.79 -13.36 -20.34
CA ARG A 108 -9.70 -12.35 -19.74
C ARG A 108 -10.31 -11.44 -20.85
ZN ZN B . 6.17 4.56 13.21
N MET A 21 -14.11 13.07 -20.12
CA MET A 21 -13.56 11.76 -20.58
C MET A 21 -12.60 11.23 -19.52
N ALA A 22 -13.15 10.47 -18.55
CA ALA A 22 -12.39 9.91 -17.42
C ALA A 22 -11.71 8.59 -17.85
N SER A 23 -10.50 8.73 -18.42
CA SER A 23 -9.71 7.62 -18.97
C SER A 23 -8.25 8.06 -19.06
N GLY A 24 -7.31 7.14 -18.76
CA GLY A 24 -5.88 7.46 -18.77
C GLY A 24 -5.46 8.27 -17.56
N TRP A 25 -6.09 8.01 -16.41
CA TRP A 25 -5.88 8.78 -15.16
C TRP A 25 -5.93 7.86 -13.93
N ALA A 26 -6.87 6.89 -13.95
CA ALA A 26 -7.20 6.01 -12.81
C ALA A 26 -8.17 4.92 -13.28
N ASN A 27 -9.16 5.32 -14.14
CA ASN A 27 -10.11 4.36 -14.75
C ASN A 27 -9.42 3.63 -15.91
N ASP A 28 -8.51 2.72 -15.54
CA ASP A 28 -7.63 1.99 -16.47
C ASP A 28 -7.55 0.53 -16.02
N ASP A 29 -7.24 -0.38 -16.96
CA ASP A 29 -7.07 -1.82 -16.69
C ASP A 29 -5.89 -2.08 -15.73
N ALA A 30 -4.82 -1.29 -15.92
CA ALA A 30 -3.57 -1.38 -15.14
C ALA A 30 -3.72 -0.85 -13.70
N VAL A 31 -4.84 -0.15 -13.42
CA VAL A 31 -5.15 0.42 -12.09
C VAL A 31 -6.34 -0.31 -11.46
N ASN A 32 -7.23 -0.87 -12.30
CA ASN A 32 -8.44 -1.58 -11.86
C ASN A 32 -8.08 -2.97 -11.27
N GLU A 33 -6.92 -3.49 -11.70
CA GLU A 33 -6.31 -4.72 -11.13
C GLU A 33 -5.85 -4.49 -9.68
N GLN A 34 -5.45 -3.24 -9.38
CA GLN A 34 -5.14 -2.80 -8.01
C GLN A 34 -6.43 -2.71 -7.16
N ILE A 35 -7.47 -2.12 -7.77
CA ILE A 35 -8.79 -1.94 -7.12
C ILE A 35 -9.46 -3.31 -6.86
N ASN A 36 -9.11 -4.31 -7.71
CA ASN A 36 -9.48 -5.71 -7.50
C ASN A 36 -8.86 -6.21 -6.19
N SER A 37 -9.67 -6.19 -5.13
CA SER A 37 -9.24 -6.55 -3.77
C SER A 37 -9.60 -7.99 -3.42
N THR A 38 -10.18 -8.73 -4.39
CA THR A 38 -10.74 -10.08 -4.18
C THR A 38 -9.67 -11.04 -3.60
N ILE A 39 -8.44 -10.89 -4.14
CA ILE A 39 -7.28 -11.71 -3.76
C ILE A 39 -6.92 -11.45 -2.28
N GLU A 40 -6.89 -10.16 -1.90
CA GLU A 40 -6.42 -9.71 -0.58
C GLU A 40 -7.55 -9.85 0.48
N ASP A 41 -8.82 -9.94 0.02
CA ASP A 41 -9.99 -10.21 0.89
C ASP A 41 -9.89 -11.63 1.45
N ALA A 42 -9.49 -12.57 0.59
CA ALA A 42 -9.31 -13.99 0.94
C ALA A 42 -8.24 -14.16 2.04
N ILE A 43 -7.15 -13.39 1.91
CA ILE A 43 -6.01 -13.41 2.86
C ILE A 43 -6.39 -12.72 4.20
N ALA A 44 -7.15 -11.62 4.08
CA ALA A 44 -7.55 -10.79 5.24
C ALA A 44 -8.61 -11.50 6.10
N ARG A 45 -9.54 -12.21 5.46
CA ARG A 45 -10.62 -12.93 6.18
C ARG A 45 -10.10 -14.22 6.82
N ALA A 46 -8.98 -14.74 6.27
CA ALA A 46 -8.37 -15.98 6.74
C ALA A 46 -7.63 -15.77 8.08
N ARG A 47 -6.67 -14.83 8.08
CA ARG A 47 -5.76 -14.63 9.24
C ARG A 47 -5.51 -13.14 9.56
N GLY A 48 -6.06 -12.24 8.73
CA GLY A 48 -5.94 -10.78 8.96
C GLY A 48 -4.53 -10.25 8.72
N GLU A 49 -4.04 -10.39 7.49
CA GLU A 49 -2.72 -9.86 7.07
C GLU A 49 -2.87 -8.40 6.62
N ILE A 50 -3.58 -8.21 5.50
CA ILE A 50 -3.88 -6.88 4.96
C ILE A 50 -5.12 -6.31 5.68
N PRO A 51 -5.06 -5.00 6.09
CA PRO A 51 -6.27 -4.21 6.52
C PRO A 51 -7.29 -4.02 5.37
N ARG A 52 -7.94 -2.85 5.34
CA ARG A 52 -8.75 -2.41 4.16
C ARG A 52 -7.86 -2.11 2.93
N GLY A 53 -6.52 -2.13 3.11
CA GLY A 53 -5.56 -1.83 2.04
C GLY A 53 -5.39 -0.33 1.82
N GLU A 54 -6.18 0.47 2.56
CA GLU A 54 -6.20 1.94 2.43
C GLU A 54 -5.36 2.57 3.54
N SER A 55 -5.49 3.90 3.68
CA SER A 55 -4.79 4.68 4.70
C SER A 55 -5.22 4.26 6.12
N LEU A 56 -4.41 3.41 6.75
CA LEU A 56 -4.68 2.85 8.09
C LEU A 56 -4.43 3.91 9.20
N ASP A 57 -4.74 3.54 10.46
CA ASP A 57 -4.62 4.45 11.62
C ASP A 57 -3.50 3.94 12.58
N GLU A 58 -2.82 2.85 12.17
CA GLU A 58 -1.84 2.12 13.01
C GLU A 58 -0.63 1.71 12.13
N CYS A 59 0.52 2.35 12.38
CA CYS A 59 1.81 2.08 11.71
C CYS A 59 2.16 0.57 11.71
N GLU A 60 2.58 0.00 10.56
CA GLU A 60 2.91 -1.45 10.52
C GLU A 60 4.36 -1.70 11.02
N GLU A 61 5.12 -0.61 11.23
CA GLU A 61 6.53 -0.69 11.66
C GLU A 61 6.63 -0.68 13.19
N CYS A 62 5.82 0.19 13.83
CA CYS A 62 5.89 0.38 15.30
C CYS A 62 4.52 0.65 15.96
N GLY A 63 3.42 0.35 15.22
CA GLY A 63 2.02 0.52 15.71
C GLY A 63 1.64 1.92 16.17
N ALA A 64 2.50 2.88 15.85
CA ALA A 64 2.39 4.27 16.32
C ALA A 64 1.26 5.01 15.58
N PRO A 65 0.47 5.88 16.28
CA PRO A 65 -0.69 6.60 15.71
C PRO A 65 -0.36 7.35 14.39
N ILE A 66 -0.97 6.87 13.29
CA ILE A 66 -0.88 7.50 11.96
C ILE A 66 -1.69 8.82 11.96
N PRO A 67 -1.03 10.00 11.66
CA PRO A 67 -1.72 11.30 11.60
C PRO A 67 -2.49 11.49 10.27
N GLN A 68 -3.55 12.32 10.31
CA GLN A 68 -4.45 12.53 9.16
C GLN A 68 -3.71 13.10 7.95
N ALA A 69 -2.61 13.85 8.20
CA ALA A 69 -1.77 14.46 7.16
C ALA A 69 -1.18 13.38 6.23
N ARG A 70 -0.69 12.29 6.83
CA ARG A 70 -0.09 11.17 6.09
C ARG A 70 -1.17 10.34 5.39
N ARG A 71 -2.37 10.27 6.01
CA ARG A 71 -3.51 9.50 5.50
C ARG A 71 -4.10 10.13 4.22
N GLU A 72 -4.26 11.46 4.21
CA GLU A 72 -4.89 12.17 3.07
C GLU A 72 -3.88 12.42 1.94
N ALA A 73 -2.60 12.58 2.31
CA ALA A 73 -1.50 12.72 1.34
C ALA A 73 -1.26 11.39 0.61
N ILE A 74 -1.22 10.29 1.37
CA ILE A 74 -0.87 8.96 0.84
C ILE A 74 -2.07 7.99 0.99
N PRO A 75 -2.82 7.71 -0.12
CA PRO A 75 -3.86 6.67 -0.13
C PRO A 75 -3.22 5.27 -0.06
N GLY A 76 -3.26 4.68 1.13
CA GLY A 76 -2.56 3.42 1.41
C GLY A 76 -1.27 3.65 2.19
N VAL A 77 -1.30 4.65 3.10
CA VAL A 77 -0.18 4.90 4.03
C VAL A 77 -0.10 3.75 5.04
N ARG A 78 1.14 3.36 5.39
CA ARG A 78 1.41 2.28 6.37
C ARG A 78 2.57 2.68 7.32
N LEU A 79 2.88 3.98 7.36
CA LEU A 79 4.01 4.53 8.14
C LEU A 79 3.56 5.78 8.91
N CYS A 80 3.80 5.80 10.24
CA CYS A 80 3.57 7.00 11.08
C CYS A 80 4.59 8.06 10.69
N ILE A 81 4.30 9.35 10.95
CA ILE A 81 5.06 10.51 10.37
C ILE A 81 6.59 10.41 10.59
N HIS A 82 7.00 9.68 11.65
CA HIS A 82 8.41 9.45 12.00
C HIS A 82 9.01 8.37 11.08
N CYS A 83 8.30 7.25 10.90
CA CYS A 83 8.69 6.19 9.94
C CYS A 83 8.44 6.63 8.48
N GLN A 84 7.60 7.66 8.28
CA GLN A 84 7.21 8.12 6.94
C GLN A 84 8.25 9.10 6.38
N GLN A 85 8.68 10.08 7.21
CA GLN A 85 9.59 11.18 6.78
C GLN A 85 10.90 10.63 6.16
N GLU A 86 11.39 9.53 6.74
CA GLU A 86 12.62 8.85 6.31
C GLU A 86 12.40 8.12 4.96
N LYS A 87 11.23 7.47 4.83
CA LYS A 87 10.89 6.68 3.64
C LYS A 87 10.52 7.57 2.46
N ASP A 88 9.93 8.75 2.73
CA ASP A 88 9.41 9.65 1.69
C ASP A 88 10.56 10.26 0.85
N LEU A 89 11.77 10.28 1.44
CA LEU A 89 13.00 10.70 0.75
C LEU A 89 13.40 9.63 -0.29
N GLN A 90 13.22 8.36 0.11
CA GLN A 90 13.75 7.20 -0.62
C GLN A 90 12.83 6.81 -1.78
N LYS A 91 11.52 6.90 -1.54
CA LYS A 91 10.49 6.55 -2.53
C LYS A 91 10.39 7.66 -3.61
N PRO A 92 10.39 7.28 -4.92
CA PRO A 92 9.92 8.17 -6.00
C PRO A 92 8.39 8.11 -6.15
N ALA A 93 7.75 7.26 -5.29
CA ALA A 93 6.30 7.01 -5.25
C ALA A 93 5.80 6.29 -6.52
N TYR A 94 6.74 5.66 -7.26
CA TYR A 94 6.44 4.83 -8.42
C TYR A 94 7.43 3.66 -8.50
N THR A 95 7.00 2.56 -9.16
CA THR A 95 7.87 1.42 -9.48
C THR A 95 7.98 1.27 -11.02
N GLY A 96 7.10 1.97 -11.76
CA GLY A 96 7.03 1.86 -13.23
C GLY A 96 6.13 0.70 -13.64
N TYR A 97 6.63 -0.53 -13.42
CA TYR A 97 5.86 -1.78 -13.66
C TYR A 97 4.72 -1.94 -12.62
N ASN A 98 3.56 -2.46 -13.06
CA ASN A 98 2.35 -2.60 -12.20
C ASN A 98 2.52 -3.75 -11.19
N ARG A 99 2.73 -3.39 -9.92
CA ARG A 99 2.71 -4.34 -8.79
C ARG A 99 1.27 -4.44 -8.24
N ARG A 100 0.86 -5.66 -7.87
CA ARG A 100 -0.47 -5.93 -7.26
C ARG A 100 -0.37 -5.85 -5.72
N GLY A 101 -1.54 -5.85 -5.05
CA GLY A 101 -1.64 -5.67 -3.59
C GLY A 101 -1.03 -6.82 -2.80
N SER A 102 0.30 -6.77 -2.61
CA SER A 102 1.07 -7.80 -1.90
C SER A 102 2.39 -7.19 -1.39
N LYS A 103 2.56 -7.21 -0.06
CA LYS A 103 3.77 -6.74 0.64
C LYS A 103 3.76 -7.28 2.09
N ASP A 104 4.91 -7.20 2.78
CA ASP A 104 5.02 -7.59 4.19
C ASP A 104 4.32 -6.54 5.09
N SER A 105 2.99 -6.67 5.25
CA SER A 105 2.17 -5.81 6.11
C SER A 105 1.72 -6.61 7.34
N GLN A 106 1.78 -5.96 8.51
CA GLN A 106 1.43 -6.58 9.80
C GLN A 106 0.71 -5.56 10.70
N LEU A 107 0.33 -6.04 11.89
CA LEU A 107 -0.37 -5.25 12.91
C LEU A 107 0.25 -5.51 14.30
N ARG A 108 1.50 -6.07 14.29
CA ARG A 108 2.22 -6.45 15.51
C ARG A 108 2.85 -5.20 16.18
ZN ZN B . 6.13 4.04 13.06
N MET A 21 -30.62 27.41 -9.75
CA MET A 21 -30.44 26.05 -9.17
C MET A 21 -28.97 25.85 -8.73
N ALA A 22 -28.77 25.33 -7.52
CA ALA A 22 -27.43 25.06 -6.97
C ALA A 22 -26.94 23.69 -7.48
N SER A 23 -26.64 23.65 -8.79
CA SER A 23 -26.20 22.46 -9.51
C SER A 23 -25.68 22.89 -10.89
N GLY A 24 -24.39 22.58 -11.18
CA GLY A 24 -23.75 22.94 -12.45
C GLY A 24 -22.95 24.25 -12.38
N TRP A 25 -23.25 25.07 -11.35
CA TRP A 25 -22.56 26.36 -11.08
C TRP A 25 -21.06 26.14 -10.81
N ALA A 26 -20.75 25.02 -10.13
CA ALA A 26 -19.38 24.56 -9.84
C ALA A 26 -19.36 23.03 -9.69
N ASN A 27 -20.48 22.39 -10.05
CA ASN A 27 -20.65 20.93 -9.96
C ASN A 27 -20.52 20.35 -11.38
N ASP A 28 -19.27 20.19 -11.82
CA ASP A 28 -18.97 19.64 -13.16
C ASP A 28 -19.17 18.12 -13.16
N ASP A 29 -19.47 17.58 -14.33
CA ASP A 29 -19.71 16.13 -14.52
C ASP A 29 -18.39 15.37 -14.74
N ALA A 30 -17.25 16.06 -14.56
CA ALA A 30 -15.90 15.47 -14.68
C ALA A 30 -15.14 15.51 -13.34
N VAL A 31 -15.45 16.52 -12.51
CA VAL A 31 -14.71 16.78 -11.24
C VAL A 31 -15.19 15.84 -10.12
N ASN A 32 -16.50 15.55 -10.12
CA ASN A 32 -17.15 14.65 -9.14
C ASN A 32 -16.72 13.19 -9.36
N GLU A 33 -16.39 12.88 -10.63
CA GLU A 33 -15.85 11.57 -11.04
C GLU A 33 -14.52 11.29 -10.33
N GLN A 34 -13.70 12.35 -10.18
CA GLN A 34 -12.37 12.29 -9.55
C GLN A 34 -12.50 12.04 -8.03
N ILE A 35 -13.57 12.59 -7.44
CA ILE A 35 -13.90 12.42 -6.01
C ILE A 35 -14.42 10.97 -5.75
N ASN A 36 -15.01 10.36 -6.79
CA ASN A 36 -15.57 8.99 -6.71
C ASN A 36 -14.45 7.93 -6.52
N SER A 37 -14.82 6.84 -5.82
CA SER A 37 -13.86 5.82 -5.34
C SER A 37 -13.31 4.90 -6.46
N THR A 38 -13.99 4.84 -7.63
CA THR A 38 -13.60 3.96 -8.77
C THR A 38 -12.22 4.36 -9.37
N ILE A 39 -11.80 5.60 -9.10
CA ILE A 39 -10.51 6.14 -9.56
C ILE A 39 -9.32 5.38 -8.95
N GLU A 40 -9.51 4.80 -7.74
CA GLU A 40 -8.46 4.03 -7.05
C GLU A 40 -8.04 2.82 -7.91
N ASP A 41 -9.03 2.21 -8.58
CA ASP A 41 -8.83 1.06 -9.48
C ASP A 41 -8.13 1.49 -10.76
N ALA A 42 -8.55 2.66 -11.28
CA ALA A 42 -7.99 3.25 -12.51
C ALA A 42 -6.48 3.53 -12.39
N ILE A 43 -6.07 3.97 -11.18
CA ILE A 43 -4.67 4.25 -10.85
C ILE A 43 -3.92 2.95 -10.47
N ALA A 44 -4.62 2.01 -9.81
CA ALA A 44 -4.05 0.71 -9.39
C ALA A 44 -3.67 -0.15 -10.61
N ARG A 45 -4.49 -0.10 -11.67
CA ARG A 45 -4.25 -0.87 -12.91
C ARG A 45 -3.22 -0.15 -13.80
N ALA A 46 -3.12 1.18 -13.63
CA ALA A 46 -2.18 2.02 -14.40
C ALA A 46 -0.74 1.85 -13.92
N ARG A 47 -0.53 1.85 -12.60
CA ARG A 47 0.83 1.92 -11.99
C ARG A 47 0.95 1.15 -10.65
N GLY A 48 -0.14 0.52 -10.18
CA GLY A 48 -0.11 -0.22 -8.91
C GLY A 48 0.19 0.66 -7.70
N GLU A 49 -0.29 1.91 -7.76
CA GLU A 49 -0.06 2.94 -6.71
C GLU A 49 -0.80 2.59 -5.42
N ILE A 50 -2.09 2.21 -5.57
CA ILE A 50 -2.90 1.74 -4.46
C ILE A 50 -2.37 0.37 -3.99
N PRO A 51 -1.95 0.27 -2.69
CA PRO A 51 -1.35 -0.95 -2.12
C PRO A 51 -2.43 -1.94 -1.62
N ARG A 52 -2.01 -2.82 -0.71
CA ARG A 52 -2.86 -3.82 -0.07
C ARG A 52 -3.73 -3.14 1.02
N GLY A 53 -4.80 -2.47 0.59
CA GLY A 53 -5.73 -1.80 1.48
C GLY A 53 -5.64 -0.28 1.39
N GLU A 54 -6.15 0.40 2.42
CA GLU A 54 -6.28 1.87 2.47
C GLU A 54 -5.21 2.46 3.41
N SER A 55 -5.30 3.78 3.63
CA SER A 55 -4.49 4.50 4.62
C SER A 55 -4.98 4.16 6.04
N LEU A 56 -4.17 3.39 6.77
CA LEU A 56 -4.50 2.89 8.13
C LEU A 56 -4.30 3.98 9.21
N ASP A 57 -4.66 3.65 10.47
CA ASP A 57 -4.55 4.58 11.64
C ASP A 57 -3.45 4.12 12.62
N GLU A 58 -2.76 3.01 12.28
CA GLU A 58 -1.75 2.35 13.14
C GLU A 58 -0.57 1.87 12.27
N CYS A 59 0.59 2.51 12.47
CA CYS A 59 1.88 2.13 11.85
C CYS A 59 2.18 0.64 12.01
N GLU A 60 2.37 -0.10 10.91
CA GLU A 60 2.48 -1.58 11.00
C GLU A 60 3.93 -2.04 11.31
N GLU A 61 4.79 -1.07 11.70
CA GLU A 61 6.18 -1.33 12.13
C GLU A 61 6.35 -1.12 13.64
N CYS A 62 5.64 -0.10 14.21
CA CYS A 62 5.81 0.28 15.63
C CYS A 62 4.47 0.69 16.30
N GLY A 63 3.33 0.34 15.65
CA GLY A 63 1.95 0.62 16.14
C GLY A 63 1.64 2.07 16.52
N ALA A 64 2.48 3.01 16.07
CA ALA A 64 2.38 4.43 16.43
C ALA A 64 1.24 5.12 15.63
N PRO A 65 0.50 6.10 16.25
CA PRO A 65 -0.61 6.84 15.61
C PRO A 65 -0.24 7.42 14.23
N ILE A 66 -0.96 6.99 13.19
CA ILE A 66 -0.86 7.57 11.85
C ILE A 66 -1.64 8.91 11.81
N PRO A 67 -0.94 10.08 11.59
CA PRO A 67 -1.63 11.38 11.44
C PRO A 67 -2.39 11.45 10.10
N GLN A 68 -3.50 12.20 10.09
CA GLN A 68 -4.38 12.35 8.91
C GLN A 68 -3.64 12.96 7.71
N ALA A 69 -2.57 13.73 8.01
CA ALA A 69 -1.70 14.38 7.01
C ALA A 69 -1.09 13.33 6.06
N ARG A 70 -0.61 12.22 6.64
CA ARG A 70 -0.02 11.10 5.89
C ARG A 70 -1.10 10.28 5.16
N ARG A 71 -2.32 10.20 5.76
CA ARG A 71 -3.44 9.41 5.20
C ARG A 71 -4.03 10.07 3.93
N GLU A 72 -4.01 11.42 3.87
CA GLU A 72 -4.55 12.18 2.73
C GLU A 72 -3.46 12.36 1.65
N ALA A 73 -2.22 12.64 2.12
CA ALA A 73 -1.05 12.81 1.23
C ALA A 73 -0.68 11.49 0.54
N ILE A 74 -0.91 10.36 1.24
CA ILE A 74 -0.62 9.01 0.73
C ILE A 74 -1.85 8.10 0.96
N PRO A 75 -2.74 7.92 -0.07
CA PRO A 75 -3.88 6.97 -0.01
C PRO A 75 -3.36 5.51 0.00
N GLY A 76 -3.02 5.05 1.20
CA GLY A 76 -2.42 3.74 1.42
C GLY A 76 -1.11 3.83 2.18
N VAL A 77 -1.06 4.76 3.15
CA VAL A 77 0.09 4.90 4.05
C VAL A 77 0.10 3.74 5.06
N ARG A 78 1.30 3.23 5.39
CA ARG A 78 1.48 2.09 6.32
C ARG A 78 2.56 2.39 7.39
N LEU A 79 2.97 3.68 7.46
CA LEU A 79 4.06 4.15 8.35
C LEU A 79 3.65 5.45 9.06
N CYS A 80 3.89 5.52 10.39
CA CYS A 80 3.64 6.78 11.16
C CYS A 80 4.66 7.80 10.74
N ILE A 81 4.36 9.12 10.90
CA ILE A 81 5.14 10.23 10.27
C ILE A 81 6.66 10.12 10.55
N HIS A 82 7.01 9.48 11.68
CA HIS A 82 8.41 9.27 12.12
C HIS A 82 9.11 8.19 11.25
N CYS A 83 8.44 7.04 11.05
CA CYS A 83 8.94 5.97 10.15
C CYS A 83 8.69 6.34 8.67
N GLN A 84 7.75 7.27 8.43
CA GLN A 84 7.28 7.61 7.08
C GLN A 84 8.21 8.64 6.43
N GLN A 85 8.56 9.71 7.17
CA GLN A 85 9.29 10.90 6.64
C GLN A 85 10.62 10.50 5.96
N GLU A 86 11.31 9.52 6.58
CA GLU A 86 12.58 8.96 6.05
C GLU A 86 12.35 8.21 4.73
N LYS A 87 11.22 7.47 4.64
CA LYS A 87 10.85 6.71 3.44
C LYS A 87 10.30 7.64 2.35
N ASP A 88 9.71 8.76 2.78
CA ASP A 88 9.05 9.74 1.91
C ASP A 88 10.10 10.52 1.07
N LEU A 89 11.34 10.55 1.57
CA LEU A 89 12.50 11.07 0.84
C LEU A 89 12.85 10.15 -0.34
N GLN A 90 12.74 8.83 -0.09
CA GLN A 90 13.23 7.77 -0.98
C GLN A 90 12.29 7.58 -2.17
N LYS A 91 10.98 7.53 -1.86
CA LYS A 91 9.91 7.30 -2.85
C LYS A 91 9.76 8.52 -3.79
N PRO A 92 9.81 8.30 -5.15
CA PRO A 92 9.62 9.38 -6.14
C PRO A 92 8.15 9.85 -6.27
N ALA A 93 7.22 9.15 -5.55
CA ALA A 93 5.76 9.39 -5.58
C ALA A 93 5.16 9.02 -6.95
N TYR A 94 5.86 8.13 -7.66
CA TYR A 94 5.41 7.52 -8.92
C TYR A 94 6.15 6.20 -9.15
N THR A 95 5.65 5.38 -10.09
CA THR A 95 6.31 4.12 -10.46
C THR A 95 6.64 4.16 -11.97
N GLY A 96 7.88 4.58 -12.27
CA GLY A 96 8.34 4.85 -13.63
C GLY A 96 8.43 3.62 -14.52
N TYR A 97 8.56 2.42 -13.91
CA TYR A 97 8.62 1.13 -14.65
C TYR A 97 7.26 0.74 -15.26
N ASN A 98 6.17 1.29 -14.68
CA ASN A 98 4.77 0.91 -14.97
C ASN A 98 4.45 -0.47 -14.38
N ARG A 99 3.30 -0.58 -13.69
CA ARG A 99 2.86 -1.81 -12.99
C ARG A 99 1.38 -2.06 -13.30
N ARG A 100 0.97 -3.34 -13.31
CA ARG A 100 -0.41 -3.76 -13.58
C ARG A 100 -1.15 -4.03 -12.25
N GLY A 101 -2.46 -3.69 -12.22
CA GLY A 101 -3.32 -3.94 -11.06
C GLY A 101 -3.94 -5.32 -11.13
N SER A 102 -3.08 -6.33 -11.11
CA SER A 102 -3.46 -7.75 -11.14
C SER A 102 -3.88 -8.21 -9.73
N LYS A 103 -4.45 -9.42 -9.64
CA LYS A 103 -4.83 -10.03 -8.36
C LYS A 103 -3.56 -10.31 -7.53
N ASP A 104 -3.38 -9.56 -6.42
CA ASP A 104 -2.19 -9.64 -5.56
C ASP A 104 -1.97 -11.08 -5.04
N SER A 105 -2.75 -11.46 -4.00
CA SER A 105 -2.73 -12.76 -3.34
C SER A 105 -3.58 -12.62 -2.07
N GLN A 106 -3.10 -11.71 -1.17
CA GLN A 106 -3.74 -11.40 0.12
C GLN A 106 -3.76 -12.59 1.09
N LEU A 107 -4.10 -12.27 2.33
CA LEU A 107 -4.36 -13.23 3.42
C LEU A 107 -5.86 -13.20 3.78
N ARG A 108 -6.64 -12.53 2.92
CA ARG A 108 -8.09 -12.33 3.07
C ARG A 108 -8.81 -12.95 1.87
ZN ZN B . 6.20 3.99 13.23
N MET A 21 0.64 -31.30 16.40
CA MET A 21 -0.69 -31.76 16.87
C MET A 21 -1.74 -30.63 16.89
N ALA A 22 -1.28 -29.39 16.64
CA ALA A 22 -2.15 -28.21 16.58
C ALA A 22 -2.94 -28.18 15.26
N SER A 23 -4.14 -28.80 15.27
CA SER A 23 -5.05 -28.83 14.11
C SER A 23 -6.49 -29.04 14.60
N GLY A 24 -7.41 -28.16 14.16
CA GLY A 24 -8.83 -28.25 14.51
C GLY A 24 -9.18 -27.59 15.84
N TRP A 25 -8.18 -26.99 16.51
CA TRP A 25 -8.35 -26.41 17.88
C TRP A 25 -8.83 -24.95 17.84
N ALA A 26 -8.60 -24.27 16.70
CA ALA A 26 -8.96 -22.84 16.53
C ALA A 26 -9.22 -22.53 15.05
N ASN A 27 -8.25 -22.91 14.20
CA ASN A 27 -8.26 -22.63 12.76
C ASN A 27 -9.26 -23.55 12.04
N ASP A 28 -10.50 -23.06 11.91
CA ASP A 28 -11.57 -23.70 11.12
C ASP A 28 -11.88 -22.81 9.91
N ASP A 29 -12.72 -23.31 9.00
CA ASP A 29 -13.13 -22.57 7.79
C ASP A 29 -14.07 -21.41 8.14
N ALA A 30 -14.87 -21.60 9.19
CA ALA A 30 -15.77 -20.56 9.72
C ALA A 30 -14.99 -19.48 10.51
N VAL A 31 -13.73 -19.78 10.85
CA VAL A 31 -12.86 -18.89 11.65
C VAL A 31 -11.88 -18.13 10.75
N ASN A 32 -11.33 -18.82 9.73
CA ASN A 32 -10.27 -18.26 8.86
C ASN A 32 -10.84 -17.25 7.84
N GLU A 33 -12.17 -17.31 7.63
CA GLU A 33 -12.90 -16.31 6.82
C GLU A 33 -13.00 -14.97 7.57
N GLN A 34 -12.92 -15.02 8.91
CA GLN A 34 -12.86 -13.83 9.77
C GLN A 34 -11.44 -13.24 9.78
N ILE A 35 -10.44 -14.11 9.52
CA ILE A 35 -9.02 -13.73 9.46
C ILE A 35 -8.68 -13.08 8.10
N ASN A 36 -9.22 -13.67 6.99
CA ASN A 36 -8.92 -13.23 5.61
C ASN A 36 -9.64 -11.91 5.28
N SER A 37 -9.36 -11.37 4.09
CA SER A 37 -10.02 -10.15 3.60
C SER A 37 -10.94 -10.46 2.40
N THR A 38 -11.31 -11.75 2.24
CA THR A 38 -12.16 -12.23 1.13
C THR A 38 -13.61 -11.74 1.28
N ILE A 39 -14.11 -11.85 2.51
CA ILE A 39 -15.52 -11.62 2.86
C ILE A 39 -15.84 -10.11 2.81
N GLU A 40 -14.85 -9.30 3.21
CA GLU A 40 -14.96 -7.83 3.21
C GLU A 40 -14.66 -7.26 1.82
N ASP A 41 -13.84 -7.99 1.02
CA ASP A 41 -13.53 -7.63 -0.37
C ASP A 41 -14.80 -7.66 -1.23
N ALA A 42 -15.65 -8.66 -0.96
CA ALA A 42 -16.95 -8.82 -1.62
C ALA A 42 -17.80 -7.54 -1.45
N ILE A 43 -17.93 -7.09 -0.20
CA ILE A 43 -18.69 -5.88 0.18
C ILE A 43 -18.02 -4.61 -0.39
N ALA A 44 -16.69 -4.64 -0.42
CA ALA A 44 -15.84 -3.53 -0.86
C ALA A 44 -16.07 -3.19 -2.35
N ARG A 45 -16.23 -4.24 -3.19
CA ARG A 45 -16.50 -4.06 -4.63
C ARG A 45 -18.01 -4.06 -4.93
N ALA A 46 -18.84 -4.55 -3.98
CA ALA A 46 -20.30 -4.66 -4.15
C ALA A 46 -20.97 -3.27 -4.17
N ARG A 47 -20.96 -2.60 -3.01
CA ARG A 47 -21.57 -1.26 -2.85
C ARG A 47 -20.53 -0.20 -2.42
N GLY A 48 -19.24 -0.57 -2.50
CA GLY A 48 -18.13 0.35 -2.25
C GLY A 48 -18.07 0.87 -0.81
N GLU A 49 -18.18 -0.05 0.16
CA GLU A 49 -18.13 0.28 1.58
C GLU A 49 -16.70 0.66 1.98
N ILE A 50 -15.77 -0.28 1.78
CA ILE A 50 -14.32 -0.06 1.96
C ILE A 50 -13.62 -0.04 0.58
N PRO A 51 -12.64 0.90 0.36
CA PRO A 51 -11.74 0.90 -0.83
C PRO A 51 -10.81 -0.36 -0.91
N ARG A 52 -9.85 -0.32 -1.86
CA ARG A 52 -8.92 -1.44 -2.13
C ARG A 52 -7.64 -1.29 -1.26
N GLY A 53 -7.83 -1.16 0.06
CA GLY A 53 -6.74 -0.93 0.99
C GLY A 53 -6.44 0.56 1.13
N GLU A 54 -7.11 1.19 2.13
CA GLU A 54 -6.99 2.63 2.39
C GLU A 54 -5.79 2.92 3.32
N SER A 55 -5.68 4.18 3.71
CA SER A 55 -4.75 4.64 4.73
C SER A 55 -5.20 4.19 6.12
N LEU A 56 -4.35 3.40 6.81
CA LEU A 56 -4.65 2.85 8.15
C LEU A 56 -4.45 3.91 9.26
N ASP A 57 -4.74 3.51 10.52
CA ASP A 57 -4.67 4.43 11.70
C ASP A 57 -3.48 4.07 12.64
N GLU A 58 -2.73 2.99 12.29
CA GLU A 58 -1.64 2.42 13.13
C GLU A 58 -0.49 1.90 12.24
N CYS A 59 0.68 2.51 12.41
CA CYS A 59 1.96 2.16 11.74
C CYS A 59 2.27 0.66 11.79
N GLU A 60 2.58 0.06 10.63
CA GLU A 60 2.88 -1.39 10.51
C GLU A 60 4.22 -1.77 11.18
N GLU A 61 5.09 -0.76 11.43
CA GLU A 61 6.46 -0.96 11.92
C GLU A 61 6.52 -0.90 13.44
N CYS A 62 5.89 0.15 14.03
CA CYS A 62 6.04 0.44 15.47
C CYS A 62 4.68 0.74 16.13
N GLY A 63 3.56 0.48 15.40
CA GLY A 63 2.18 0.68 15.89
C GLY A 63 1.85 2.11 16.34
N ALA A 64 2.65 3.08 15.89
CA ALA A 64 2.49 4.50 16.25
C ALA A 64 1.25 5.11 15.55
N PRO A 65 0.48 6.03 16.24
CA PRO A 65 -0.77 6.61 15.71
C PRO A 65 -0.51 7.43 14.41
N ILE A 66 -1.03 6.90 13.29
CA ILE A 66 -0.92 7.53 11.96
C ILE A 66 -1.71 8.86 11.95
N PRO A 67 -1.04 10.01 11.60
CA PRO A 67 -1.73 11.30 11.47
C PRO A 67 -2.61 11.33 10.20
N GLN A 68 -3.76 12.02 10.30
CA GLN A 68 -4.73 12.15 9.20
C GLN A 68 -4.10 12.89 8.00
N ALA A 69 -3.02 13.64 8.27
CA ALA A 69 -2.25 14.36 7.26
C ALA A 69 -1.59 13.36 6.28
N ARG A 70 -0.95 12.31 6.85
CA ARG A 70 -0.34 11.21 6.07
C ARG A 70 -1.42 10.36 5.38
N ARG A 71 -2.60 10.23 6.03
CA ARG A 71 -3.71 9.43 5.51
C ARG A 71 -4.28 10.02 4.20
N GLU A 72 -4.60 11.31 4.22
CA GLU A 72 -5.27 11.98 3.08
C GLU A 72 -4.26 12.27 1.96
N ALA A 73 -3.01 12.53 2.34
CA ALA A 73 -1.89 12.73 1.40
C ALA A 73 -1.56 11.43 0.66
N ILE A 74 -1.53 10.31 1.42
CA ILE A 74 -1.18 8.97 0.89
C ILE A 74 -2.36 8.01 1.10
N PRO A 75 -3.28 7.84 0.10
CA PRO A 75 -4.38 6.84 0.19
C PRO A 75 -3.82 5.40 0.15
N GLY A 76 -3.40 4.94 1.34
CA GLY A 76 -2.76 3.63 1.50
C GLY A 76 -1.44 3.73 2.27
N VAL A 77 -1.33 4.74 3.16
CA VAL A 77 -0.16 4.90 4.04
C VAL A 77 -0.14 3.77 5.08
N ARG A 78 1.06 3.30 5.42
CA ARG A 78 1.28 2.23 6.40
C ARG A 78 2.41 2.61 7.40
N LEU A 79 2.94 3.82 7.26
CA LEU A 79 4.07 4.32 8.08
C LEU A 79 3.70 5.61 8.80
N CYS A 80 3.96 5.66 10.13
CA CYS A 80 3.70 6.88 10.96
C CYS A 80 4.66 7.99 10.53
N ILE A 81 4.36 9.27 10.84
CA ILE A 81 5.11 10.45 10.30
C ILE A 81 6.65 10.31 10.50
N HIS A 82 7.03 9.57 11.56
CA HIS A 82 8.42 9.26 11.91
C HIS A 82 9.03 8.24 10.92
N CYS A 83 8.38 7.05 10.79
CA CYS A 83 8.83 5.98 9.85
C CYS A 83 8.55 6.35 8.38
N GLN A 84 7.68 7.35 8.15
CA GLN A 84 7.25 7.73 6.79
C GLN A 84 8.25 8.70 6.16
N GLN A 85 8.54 9.82 6.87
CA GLN A 85 9.34 10.93 6.29
C GLN A 85 10.75 10.47 5.90
N GLU A 86 11.29 9.46 6.62
CA GLU A 86 12.59 8.83 6.27
C GLU A 86 12.49 8.17 4.87
N LYS A 87 11.40 7.39 4.64
CA LYS A 87 11.21 6.62 3.40
C LYS A 87 10.86 7.53 2.22
N ASP A 88 10.13 8.62 2.53
CA ASP A 88 9.74 9.66 1.57
C ASP A 88 10.97 10.28 0.85
N LEU A 89 12.11 10.34 1.57
CA LEU A 89 13.39 10.85 1.02
C LEU A 89 14.03 9.82 0.07
N GLN A 90 13.80 8.53 0.38
CA GLN A 90 14.49 7.38 -0.26
C GLN A 90 13.76 6.91 -1.54
N LYS A 91 12.51 7.40 -1.75
CA LYS A 91 11.69 7.00 -2.90
C LYS A 91 12.38 7.40 -4.22
N PRO A 92 12.72 6.41 -5.13
CA PRO A 92 13.42 6.69 -6.40
C PRO A 92 12.50 7.18 -7.52
N ALA A 93 11.23 7.54 -7.17
CA ALA A 93 10.18 8.01 -8.10
C ALA A 93 9.65 6.87 -9.02
N TYR A 94 10.07 5.62 -8.72
CA TYR A 94 9.64 4.43 -9.46
C TYR A 94 9.76 3.19 -8.56
N THR A 95 9.32 2.02 -9.07
CA THR A 95 9.49 0.73 -8.39
C THR A 95 10.64 -0.06 -9.03
N GLY A 96 10.43 -0.46 -10.32
CA GLY A 96 11.37 -1.31 -11.05
C GLY A 96 11.67 -2.61 -10.33
N TYR A 97 10.66 -3.11 -9.61
CA TYR A 97 10.81 -4.20 -8.65
C TYR A 97 10.84 -5.55 -9.38
N ASN A 98 12.05 -5.94 -9.81
CA ASN A 98 12.30 -7.18 -10.55
C ASN A 98 12.33 -8.41 -9.60
N ARG A 99 11.12 -8.89 -9.24
CA ARG A 99 10.92 -10.17 -8.52
C ARG A 99 10.09 -11.11 -9.40
N ARG A 100 10.78 -11.96 -10.16
CA ARG A 100 10.14 -12.96 -11.04
C ARG A 100 10.08 -14.32 -10.32
N GLY A 101 9.39 -15.31 -10.94
CA GLY A 101 9.15 -16.64 -10.35
C GLY A 101 10.42 -17.47 -10.22
N SER A 102 11.22 -17.17 -9.19
CA SER A 102 12.49 -17.83 -8.89
C SER A 102 12.33 -18.66 -7.60
N LYS A 103 12.52 -19.98 -7.72
CA LYS A 103 12.43 -20.93 -6.58
C LYS A 103 13.63 -20.66 -5.65
N ASP A 104 14.83 -20.58 -6.27
CA ASP A 104 16.09 -20.34 -5.55
C ASP A 104 16.15 -18.91 -4.99
N SER A 105 16.12 -18.80 -3.65
CA SER A 105 16.18 -17.53 -2.93
C SER A 105 16.88 -17.73 -1.56
N GLN A 106 18.21 -17.55 -1.56
CA GLN A 106 19.05 -17.70 -0.35
C GLN A 106 19.75 -16.37 -0.04
N LEU A 107 19.34 -15.69 1.04
CA LEU A 107 19.97 -14.42 1.47
C LEU A 107 21.29 -14.73 2.21
N ARG A 108 22.41 -14.57 1.49
CA ARG A 108 23.76 -14.87 2.00
C ARG A 108 24.80 -13.91 1.36
ZN ZN B . 6.32 4.03 13.01
N MET A 21 18.95 -11.91 -23.28
CA MET A 21 18.93 -10.91 -22.20
C MET A 21 17.91 -11.34 -21.13
N ALA A 22 18.38 -12.21 -20.21
CA ALA A 22 17.56 -12.73 -19.11
C ALA A 22 17.45 -11.67 -17.99
N SER A 23 16.38 -10.88 -18.06
CA SER A 23 16.12 -9.78 -17.11
C SER A 23 14.60 -9.67 -16.89
N GLY A 24 14.16 -9.70 -15.63
CA GLY A 24 12.75 -9.56 -15.27
C GLY A 24 11.89 -10.74 -15.73
N TRP A 25 12.52 -11.93 -15.83
CA TRP A 25 11.83 -13.20 -16.15
C TRP A 25 11.24 -13.82 -14.85
N ALA A 26 11.86 -13.47 -13.72
CA ALA A 26 11.51 -13.99 -12.37
C ALA A 26 12.33 -13.23 -11.32
N ASN A 27 13.58 -12.97 -11.69
CA ASN A 27 14.59 -12.32 -10.85
C ASN A 27 14.23 -10.84 -10.57
N ASP A 28 13.36 -10.64 -9.55
CA ASP A 28 12.95 -9.29 -9.11
C ASP A 28 12.26 -9.36 -7.74
N ASP A 29 12.10 -8.17 -7.16
CA ASP A 29 11.48 -7.97 -5.84
C ASP A 29 9.95 -7.99 -5.97
N ALA A 30 9.47 -7.47 -7.11
CA ALA A 30 8.04 -7.41 -7.43
C ALA A 30 7.44 -8.79 -7.73
N VAL A 31 8.32 -9.77 -7.99
CA VAL A 31 7.96 -11.17 -8.17
C VAL A 31 8.03 -11.90 -6.82
N ASN A 32 8.98 -11.47 -5.97
CA ASN A 32 9.20 -12.03 -4.62
C ASN A 32 7.99 -11.72 -3.70
N GLU A 33 7.47 -10.48 -3.78
CA GLU A 33 6.33 -10.01 -2.95
C GLU A 33 5.01 -10.75 -3.31
N GLN A 34 4.98 -11.41 -4.49
CA GLN A 34 3.84 -12.22 -4.94
C GLN A 34 3.72 -13.54 -4.12
N ILE A 35 4.82 -13.94 -3.46
CA ILE A 35 4.84 -15.07 -2.51
C ILE A 35 4.11 -14.64 -1.21
N ASN A 36 4.37 -13.39 -0.79
CA ASN A 36 3.65 -12.75 0.32
C ASN A 36 2.22 -12.34 -0.14
N SER A 37 1.40 -11.89 0.82
CA SER A 37 0.02 -11.41 0.59
C SER A 37 -0.93 -12.57 0.21
N THR A 38 -0.47 -13.82 0.44
CA THR A 38 -1.26 -15.03 0.19
C THR A 38 -2.10 -15.39 1.44
N ILE A 39 -1.45 -15.28 2.60
CA ILE A 39 -2.04 -15.63 3.91
C ILE A 39 -3.21 -14.70 4.21
N GLU A 40 -2.95 -13.39 4.01
CA GLU A 40 -3.91 -12.32 4.32
C GLU A 40 -5.02 -12.25 3.26
N ASP A 41 -4.70 -12.64 2.00
CA ASP A 41 -5.68 -12.72 0.90
C ASP A 41 -6.75 -13.77 1.20
N ALA A 42 -6.29 -14.94 1.69
CA ALA A 42 -7.14 -16.08 2.02
C ALA A 42 -8.20 -15.69 3.08
N ILE A 43 -7.79 -14.84 4.03
CA ILE A 43 -8.67 -14.34 5.10
C ILE A 43 -9.54 -13.16 4.60
N ALA A 44 -8.99 -12.39 3.64
CA ALA A 44 -9.67 -11.23 3.04
C ALA A 44 -10.76 -11.64 2.05
N ARG A 45 -10.63 -12.84 1.44
CA ARG A 45 -11.65 -13.41 0.53
C ARG A 45 -12.68 -14.22 1.32
N ALA A 46 -12.27 -14.66 2.54
CA ALA A 46 -13.15 -15.42 3.45
C ALA A 46 -14.18 -14.50 4.13
N ARG A 47 -13.70 -13.40 4.74
CA ARG A 47 -14.54 -12.49 5.55
C ARG A 47 -14.10 -11.00 5.47
N GLY A 48 -13.05 -10.72 4.68
CA GLY A 48 -12.60 -9.33 4.45
C GLY A 48 -11.95 -8.69 5.65
N GLU A 49 -10.97 -9.39 6.25
CA GLU A 49 -10.15 -8.86 7.36
C GLU A 49 -9.32 -7.65 6.89
N ILE A 50 -8.62 -7.86 5.76
CA ILE A 50 -7.90 -6.80 5.06
C ILE A 50 -8.93 -5.79 4.48
N PRO A 51 -8.74 -4.45 4.69
CA PRO A 51 -9.69 -3.43 4.18
C PRO A 51 -9.70 -3.33 2.64
N ARG A 52 -10.38 -2.29 2.15
CA ARG A 52 -10.48 -1.97 0.71
C ARG A 52 -9.13 -1.56 0.07
N GLY A 53 -8.07 -1.45 0.90
CA GLY A 53 -6.74 -1.03 0.44
C GLY A 53 -6.53 0.46 0.70
N GLU A 54 -7.16 0.93 1.79
CA GLU A 54 -7.11 2.34 2.21
C GLU A 54 -5.95 2.56 3.22
N SER A 55 -5.88 3.78 3.77
CA SER A 55 -4.93 4.15 4.81
C SER A 55 -5.36 3.56 6.17
N LEU A 56 -4.36 3.12 6.94
CA LEU A 56 -4.54 2.55 8.28
C LEU A 56 -4.30 3.63 9.36
N ASP A 57 -4.58 3.28 10.63
CA ASP A 57 -4.43 4.22 11.78
C ASP A 57 -3.28 3.79 12.72
N GLU A 58 -2.57 2.72 12.35
CA GLU A 58 -1.50 2.09 13.16
C GLU A 58 -0.33 1.72 12.25
N CYS A 59 0.79 2.45 12.40
CA CYS A 59 2.06 2.24 11.67
C CYS A 59 2.50 0.76 11.70
N GLU A 60 2.70 0.15 10.51
CA GLU A 60 3.04 -1.29 10.40
C GLU A 60 4.42 -1.62 11.03
N GLU A 61 5.22 -0.57 11.31
CA GLU A 61 6.58 -0.71 11.87
C GLU A 61 6.53 -0.64 13.40
N CYS A 62 6.18 0.56 13.93
CA CYS A 62 6.31 0.84 15.38
C CYS A 62 4.94 1.04 16.06
N GLY A 63 3.85 0.64 15.36
CA GLY A 63 2.45 0.75 15.88
C GLY A 63 2.03 2.15 16.30
N ALA A 64 2.77 3.17 15.82
CA ALA A 64 2.55 4.58 16.19
C ALA A 64 1.26 5.13 15.54
N PRO A 65 0.53 6.08 16.23
CA PRO A 65 -0.74 6.63 15.73
C PRO A 65 -0.53 7.38 14.39
N ILE A 66 -1.05 6.79 13.30
CA ILE A 66 -1.03 7.40 11.97
C ILE A 66 -1.92 8.67 11.97
N PRO A 67 -1.34 9.89 11.78
CA PRO A 67 -2.13 11.13 11.70
C PRO A 67 -2.97 11.14 10.40
N GLN A 68 -4.17 11.73 10.48
CA GLN A 68 -5.10 11.83 9.33
C GLN A 68 -4.45 12.65 8.19
N ALA A 69 -3.44 13.48 8.56
CA ALA A 69 -2.64 14.27 7.63
C ALA A 69 -1.96 13.36 6.60
N ARG A 70 -1.32 12.30 7.11
CA ARG A 70 -0.62 11.30 6.28
C ARG A 70 -1.62 10.42 5.51
N ARG A 71 -2.81 10.22 6.08
CA ARG A 71 -3.88 9.41 5.45
C ARG A 71 -4.48 10.10 4.22
N GLU A 72 -4.61 11.44 4.26
CA GLU A 72 -5.14 12.22 3.12
C GLU A 72 -4.02 12.61 2.14
N ALA A 73 -2.80 12.83 2.67
CA ALA A 73 -1.60 13.14 1.85
C ALA A 73 -1.19 11.93 1.01
N ILE A 74 -1.29 10.75 1.63
CA ILE A 74 -0.86 9.47 1.03
C ILE A 74 -2.05 8.49 1.04
N PRO A 75 -2.74 8.29 -0.12
CA PRO A 75 -3.80 7.26 -0.25
C PRO A 75 -3.20 5.85 -0.03
N GLY A 76 -3.59 5.23 1.10
CA GLY A 76 -3.07 3.92 1.47
C GLY A 76 -1.74 4.00 2.21
N VAL A 77 -1.60 4.98 3.14
CA VAL A 77 -0.39 5.13 3.96
C VAL A 77 -0.28 3.96 4.97
N ARG A 78 0.95 3.51 5.21
CA ARG A 78 1.23 2.36 6.10
C ARG A 78 2.37 2.69 7.10
N LEU A 79 2.86 3.94 7.06
CA LEU A 79 3.98 4.40 7.91
C LEU A 79 3.59 5.72 8.62
N CYS A 80 3.89 5.80 9.95
CA CYS A 80 3.62 7.04 10.74
C CYS A 80 4.49 8.17 10.23
N ILE A 81 4.15 9.42 10.60
CA ILE A 81 4.82 10.64 10.08
C ILE A 81 6.36 10.56 10.22
N HIS A 82 6.83 9.79 11.22
CA HIS A 82 8.25 9.54 11.50
C HIS A 82 8.84 8.50 10.51
N CYS A 83 8.31 7.24 10.51
CA CYS A 83 8.84 6.16 9.62
C CYS A 83 8.58 6.47 8.14
N GLN A 84 7.65 7.39 7.85
CA GLN A 84 7.32 7.76 6.46
C GLN A 84 8.31 8.80 5.94
N GLN A 85 8.57 9.88 6.71
CA GLN A 85 9.41 11.02 6.24
C GLN A 85 10.85 10.59 5.90
N GLU A 86 11.35 9.56 6.61
CA GLU A 86 12.68 8.97 6.35
C GLU A 86 12.62 8.12 5.05
N LYS A 87 11.50 7.38 4.85
CA LYS A 87 11.27 6.54 3.65
C LYS A 87 10.93 7.41 2.43
N ASP A 88 10.46 8.64 2.68
CA ASP A 88 10.18 9.63 1.64
C ASP A 88 11.47 9.98 0.87
N LEU A 89 12.57 10.03 1.63
CA LEU A 89 13.92 10.28 1.10
C LEU A 89 14.42 9.05 0.30
N GLN A 90 13.82 7.86 0.59
CA GLN A 90 14.23 6.57 0.02
C GLN A 90 13.29 6.13 -1.13
N LYS A 91 12.19 6.90 -1.36
CA LYS A 91 11.22 6.63 -2.45
C LYS A 91 11.94 6.65 -3.82
N PRO A 92 11.91 5.49 -4.58
CA PRO A 92 12.49 5.41 -5.96
C PRO A 92 11.89 6.46 -6.91
N ALA A 93 10.56 6.69 -6.74
CA ALA A 93 9.77 7.66 -7.53
C ALA A 93 9.68 7.28 -9.03
N TYR A 94 9.97 6.00 -9.34
CA TYR A 94 9.84 5.44 -10.70
C TYR A 94 9.26 4.01 -10.62
N THR A 95 8.70 3.52 -11.74
CA THR A 95 8.16 2.17 -11.84
C THR A 95 9.05 1.29 -12.72
N GLY A 96 10.06 0.66 -12.09
CA GLY A 96 11.02 -0.21 -12.78
C GLY A 96 11.10 -1.58 -12.15
N TYR A 97 9.91 -2.15 -11.86
CA TYR A 97 9.76 -3.48 -11.25
C TYR A 97 8.67 -4.26 -12.00
N ASN A 98 8.66 -5.60 -11.84
CA ASN A 98 7.71 -6.48 -12.59
C ASN A 98 6.28 -6.45 -11.97
N ARG A 99 5.60 -5.32 -12.18
CA ARG A 99 4.19 -5.07 -11.81
C ARG A 99 3.58 -4.04 -12.79
N ARG A 100 2.33 -3.60 -12.52
CA ARG A 100 1.63 -2.59 -13.30
C ARG A 100 2.36 -1.23 -13.23
N GLY A 101 2.48 -0.55 -14.39
CA GLY A 101 3.24 0.68 -14.53
C GLY A 101 4.59 0.46 -15.23
N SER A 102 4.91 -0.83 -15.47
CA SER A 102 6.17 -1.25 -16.12
C SER A 102 5.85 -2.31 -17.20
N LYS A 103 6.87 -3.05 -17.67
CA LYS A 103 6.72 -4.08 -18.72
C LYS A 103 7.65 -5.28 -18.41
N ASP A 104 7.08 -6.49 -18.48
CA ASP A 104 7.80 -7.74 -18.23
C ASP A 104 8.53 -8.20 -19.51
N SER A 105 7.88 -7.91 -20.65
CA SER A 105 8.38 -8.21 -22.01
C SER A 105 8.49 -9.74 -22.27
N GLN A 106 7.84 -10.54 -21.41
CA GLN A 106 7.87 -12.00 -21.46
C GLN A 106 6.91 -12.50 -22.56
N LEU A 107 7.49 -13.09 -23.62
CA LEU A 107 6.71 -13.64 -24.76
C LEU A 107 6.17 -15.05 -24.40
N ARG A 108 5.14 -15.06 -23.52
CA ARG A 108 4.52 -16.28 -23.01
C ARG A 108 3.22 -16.56 -23.78
ZN ZN B . 6.37 4.31 12.83
N MET A 21 -11.13 -20.83 -17.47
CA MET A 21 -12.48 -20.33 -17.13
C MET A 21 -12.43 -19.47 -15.86
N ALA A 22 -12.65 -18.15 -15.99
CA ALA A 22 -12.71 -17.21 -14.86
C ALA A 22 -13.47 -15.94 -15.27
N SER A 23 -14.81 -16.00 -15.22
CA SER A 23 -15.71 -14.90 -15.62
C SER A 23 -17.00 -14.91 -14.76
N GLY A 24 -17.32 -13.78 -14.10
CA GLY A 24 -18.58 -13.60 -13.35
C GLY A 24 -18.58 -14.20 -11.95
N TRP A 25 -17.76 -15.26 -11.74
CA TRP A 25 -17.65 -16.02 -10.46
C TRP A 25 -17.30 -15.11 -9.27
N ALA A 26 -16.37 -14.19 -9.49
CA ALA A 26 -15.86 -13.26 -8.47
C ALA A 26 -15.84 -11.84 -9.06
N ASN A 27 -15.27 -11.73 -10.27
CA ASN A 27 -15.07 -10.47 -11.01
C ASN A 27 -16.37 -10.00 -11.71
N ASP A 28 -17.45 -9.91 -10.91
CA ASP A 28 -18.78 -9.49 -11.37
C ASP A 28 -18.80 -7.97 -11.66
N ASP A 29 -18.85 -7.16 -10.59
CA ASP A 29 -18.92 -5.69 -10.69
C ASP A 29 -18.52 -5.08 -9.34
N ALA A 30 -19.19 -5.52 -8.26
CA ALA A 30 -18.93 -5.06 -6.87
C ALA A 30 -17.51 -5.45 -6.39
N VAL A 31 -16.90 -6.43 -7.08
CA VAL A 31 -15.54 -6.91 -6.80
C VAL A 31 -14.58 -6.44 -7.92
N ASN A 32 -15.10 -6.46 -9.18
CA ASN A 32 -14.33 -6.12 -10.41
C ASN A 32 -13.84 -4.66 -10.37
N GLU A 33 -14.62 -3.78 -9.70
CA GLU A 33 -14.28 -2.35 -9.49
C GLU A 33 -12.89 -2.19 -8.82
N GLN A 34 -12.60 -3.09 -7.86
CA GLN A 34 -11.33 -3.09 -7.08
C GLN A 34 -10.18 -3.70 -7.90
N ILE A 35 -10.54 -4.61 -8.82
CA ILE A 35 -9.58 -5.26 -9.74
C ILE A 35 -9.12 -4.26 -10.82
N ASN A 36 -10.03 -3.35 -11.20
CA ASN A 36 -9.78 -2.34 -12.25
C ASN A 36 -9.28 -1.01 -11.63
N SER A 37 -8.91 -1.02 -10.32
CA SER A 37 -8.42 0.18 -9.59
C SER A 37 -6.95 0.54 -9.90
N THR A 38 -6.41 0.00 -11.00
CA THR A 38 -5.01 0.23 -11.43
C THR A 38 -4.85 1.62 -12.08
N ILE A 39 -5.88 2.02 -12.85
CA ILE A 39 -5.92 3.31 -13.56
C ILE A 39 -5.90 4.47 -12.54
N GLU A 40 -6.75 4.31 -11.50
CA GLU A 40 -6.93 5.32 -10.44
C GLU A 40 -5.82 5.24 -9.39
N ASP A 41 -5.06 4.11 -9.38
CA ASP A 41 -3.86 3.96 -8.52
C ASP A 41 -2.71 4.83 -9.06
N ALA A 42 -2.55 4.84 -10.40
CA ALA A 42 -1.57 5.69 -11.10
C ALA A 42 -1.84 7.19 -10.85
N ILE A 43 -3.12 7.50 -10.62
CA ILE A 43 -3.60 8.86 -10.29
C ILE A 43 -3.45 9.13 -8.76
N ALA A 44 -3.69 8.09 -7.94
CA ALA A 44 -3.72 8.18 -6.47
C ALA A 44 -2.33 8.38 -5.87
N ARG A 45 -1.32 7.72 -6.48
CA ARG A 45 0.09 7.77 -6.03
C ARG A 45 0.68 9.20 -6.14
N ALA A 46 0.10 10.00 -7.06
CA ALA A 46 0.61 11.34 -7.40
C ALA A 46 -0.27 12.44 -6.76
N ARG A 47 -1.53 12.61 -7.25
CA ARG A 47 -2.42 13.73 -6.81
C ARG A 47 -3.32 13.33 -5.64
N GLY A 48 -3.49 12.01 -5.40
CA GLY A 48 -4.39 11.50 -4.36
C GLY A 48 -5.83 11.41 -4.84
N GLU A 49 -6.24 10.20 -5.28
CA GLU A 49 -7.55 9.96 -5.91
C GLU A 49 -8.38 9.04 -5.01
N ILE A 50 -7.76 7.91 -4.62
CA ILE A 50 -8.28 7.04 -3.57
C ILE A 50 -8.44 7.86 -2.25
N PRO A 51 -9.56 7.71 -1.49
CA PRO A 51 -9.71 8.40 -0.18
C PRO A 51 -8.91 7.71 0.96
N ARG A 52 -9.33 7.99 2.20
CA ARG A 52 -8.76 7.43 3.45
C ARG A 52 -9.09 5.91 3.67
N GLY A 53 -9.49 5.19 2.60
CA GLY A 53 -9.82 3.77 2.68
C GLY A 53 -8.59 2.88 2.82
N GLU A 54 -7.64 3.00 1.87
CA GLU A 54 -6.41 2.17 1.84
C GLU A 54 -5.43 2.54 2.98
N SER A 55 -5.51 3.79 3.44
CA SER A 55 -4.64 4.32 4.50
C SER A 55 -5.15 3.86 5.89
N LEU A 56 -4.24 3.23 6.66
CA LEU A 56 -4.56 2.62 7.98
C LEU A 56 -4.46 3.64 9.13
N ASP A 57 -4.66 3.16 10.38
CA ASP A 57 -4.68 4.00 11.60
C ASP A 57 -3.46 3.69 12.52
N GLU A 58 -2.71 2.62 12.20
CA GLU A 58 -1.63 2.07 13.06
C GLU A 58 -0.41 1.72 12.21
N CYS A 59 0.71 2.41 12.48
CA CYS A 59 2.01 2.23 11.81
C CYS A 59 2.47 0.76 11.79
N GLU A 60 2.86 0.24 10.61
CA GLU A 60 3.32 -1.15 10.44
C GLU A 60 4.70 -1.40 11.12
N GLU A 61 5.44 -0.31 11.35
CA GLU A 61 6.82 -0.35 11.86
C GLU A 61 6.83 -0.39 13.39
N CYS A 62 6.21 0.63 14.01
CA CYS A 62 6.31 0.84 15.47
C CYS A 62 4.92 0.96 16.14
N GLY A 63 3.84 0.62 15.39
CA GLY A 63 2.44 0.70 15.88
C GLY A 63 2.02 2.05 16.43
N ALA A 64 2.70 3.11 15.98
CA ALA A 64 2.45 4.49 16.41
C ALA A 64 1.17 5.03 15.74
N PRO A 65 0.41 5.96 16.42
CA PRO A 65 -0.82 6.55 15.86
C PRO A 65 -0.56 7.30 14.53
N ILE A 66 -1.15 6.77 13.44
CA ILE A 66 -1.13 7.40 12.12
C ILE A 66 -2.10 8.60 12.12
N PRO A 67 -1.61 9.87 11.93
CA PRO A 67 -2.49 11.05 11.83
C PRO A 67 -3.18 11.11 10.46
N GLN A 68 -4.35 11.79 10.40
CA GLN A 68 -5.13 11.90 9.16
C GLN A 68 -4.39 12.69 8.07
N ALA A 69 -3.38 13.50 8.46
CA ALA A 69 -2.56 14.27 7.51
C ALA A 69 -1.76 13.32 6.59
N ARG A 70 -1.35 12.17 7.15
CA ARG A 70 -0.71 11.09 6.37
C ARG A 70 -1.75 10.34 5.50
N ARG A 71 -2.97 10.19 6.04
CA ARG A 71 -4.03 9.35 5.44
C ARG A 71 -4.69 10.02 4.22
N GLU A 72 -4.80 11.35 4.26
CA GLU A 72 -5.43 12.15 3.19
C GLU A 72 -4.41 12.41 2.09
N ALA A 73 -3.18 12.79 2.50
CA ALA A 73 -2.06 13.09 1.57
C ALA A 73 -1.65 11.82 0.79
N ILE A 74 -1.46 10.72 1.54
CA ILE A 74 -1.05 9.43 0.99
C ILE A 74 -2.21 8.42 1.12
N PRO A 75 -2.96 8.14 0.01
CA PRO A 75 -4.09 7.19 0.02
C PRO A 75 -3.61 5.72 0.00
N GLY A 76 -3.04 5.32 1.13
CA GLY A 76 -2.40 4.00 1.29
C GLY A 76 -1.15 4.08 2.15
N VAL A 77 -1.17 5.01 3.14
CA VAL A 77 -0.06 5.18 4.07
C VAL A 77 -0.06 4.04 5.09
N ARG A 78 1.14 3.56 5.42
CA ARG A 78 1.36 2.46 6.39
C ARG A 78 2.34 2.90 7.48
N LEU A 79 2.92 4.09 7.31
CA LEU A 79 4.04 4.59 8.11
C LEU A 79 3.64 5.88 8.82
N CYS A 80 3.84 5.94 10.15
CA CYS A 80 3.61 7.17 10.94
C CYS A 80 4.62 8.22 10.50
N ILE A 81 4.34 9.52 10.75
CA ILE A 81 5.08 10.65 10.13
C ILE A 81 6.62 10.53 10.28
N HIS A 82 7.05 9.84 11.35
CA HIS A 82 8.47 9.62 11.69
C HIS A 82 9.09 8.52 10.80
N CYS A 83 8.38 7.38 10.67
CA CYS A 83 8.82 6.24 9.83
C CYS A 83 8.56 6.54 8.34
N GLN A 84 7.67 7.51 8.04
CA GLN A 84 7.27 7.84 6.66
C GLN A 84 8.35 8.73 6.03
N GLN A 85 8.72 9.82 6.74
CA GLN A 85 9.63 10.86 6.20
C GLN A 85 11.01 10.29 5.80
N GLU A 86 11.48 9.24 6.52
CA GLU A 86 12.74 8.55 6.20
C GLU A 86 12.60 7.70 4.91
N LYS A 87 11.42 7.06 4.75
CA LYS A 87 11.11 6.25 3.55
C LYS A 87 10.76 7.15 2.34
N ASP A 88 10.34 8.38 2.65
CA ASP A 88 10.01 9.43 1.68
C ASP A 88 11.29 9.99 1.03
N LEU A 89 12.46 9.74 1.70
CA LEU A 89 13.79 9.99 1.10
C LEU A 89 14.10 8.89 0.07
N GLN A 90 13.69 7.65 0.40
CA GLN A 90 14.10 6.42 -0.30
C GLN A 90 13.37 6.27 -1.65
N LYS A 91 12.14 6.83 -1.73
CA LYS A 91 11.32 6.75 -2.94
C LYS A 91 11.98 7.58 -4.09
N PRO A 92 12.29 6.95 -5.26
CA PRO A 92 12.83 7.66 -6.46
C PRO A 92 11.98 8.87 -6.88
N ALA A 93 10.63 8.71 -6.75
CA ALA A 93 9.61 9.70 -7.17
C ALA A 93 9.56 9.86 -8.70
N TYR A 94 10.19 8.92 -9.42
CA TYR A 94 10.19 8.85 -10.89
C TYR A 94 10.21 7.38 -11.33
N THR A 95 9.99 7.12 -12.64
CA THR A 95 10.09 5.77 -13.20
C THR A 95 11.50 5.51 -13.77
N GLY A 96 11.88 6.34 -14.77
CA GLY A 96 13.16 6.17 -15.48
C GLY A 96 13.24 4.82 -16.17
N TYR A 97 12.14 4.45 -16.84
CA TYR A 97 11.93 3.12 -17.40
C TYR A 97 12.73 2.99 -18.72
N ASN A 98 13.96 2.49 -18.58
CA ASN A 98 14.90 2.33 -19.70
C ASN A 98 14.67 0.97 -20.39
N ARG A 99 13.91 0.98 -21.50
CA ARG A 99 13.72 -0.20 -22.38
C ARG A 99 13.90 0.23 -23.84
N ARG A 100 15.16 0.17 -24.30
CA ARG A 100 15.57 0.55 -25.65
C ARG A 100 16.82 -0.26 -26.03
N GLY A 101 16.71 -1.09 -27.08
CA GLY A 101 17.79 -1.95 -27.52
C GLY A 101 18.90 -1.21 -28.25
N SER A 102 19.74 -0.48 -27.48
CA SER A 102 20.86 0.34 -28.00
C SER A 102 22.20 -0.09 -27.37
N LYS A 103 22.13 -0.92 -26.30
CA LYS A 103 23.32 -1.40 -25.58
C LYS A 103 23.69 -2.80 -26.09
N ASP A 104 24.52 -2.84 -27.14
CA ASP A 104 24.98 -4.09 -27.77
C ASP A 104 26.28 -4.56 -27.10
N SER A 105 26.24 -5.78 -26.55
CA SER A 105 27.35 -6.38 -25.79
C SER A 105 28.17 -7.31 -26.71
N GLN A 106 28.43 -6.84 -27.95
CA GLN A 106 29.25 -7.57 -28.94
C GLN A 106 30.73 -7.52 -28.52
N LEU A 107 31.13 -8.53 -27.74
CA LEU A 107 32.46 -8.59 -27.11
C LEU A 107 33.51 -9.05 -28.14
N ARG A 108 34.13 -8.08 -28.82
CA ARG A 108 35.17 -8.33 -29.83
C ARG A 108 36.55 -8.48 -29.13
ZN ZN B . 6.25 4.42 13.10
N MET A 21 19.55 -9.80 -20.56
CA MET A 21 18.10 -9.96 -20.30
C MET A 21 17.87 -10.06 -18.78
N ALA A 22 16.84 -9.34 -18.30
CA ALA A 22 16.39 -9.40 -16.90
C ALA A 22 15.50 -10.65 -16.70
N SER A 23 16.08 -11.74 -16.18
CA SER A 23 15.37 -12.99 -15.95
C SER A 23 16.00 -13.72 -14.76
N GLY A 24 15.33 -13.65 -13.59
CA GLY A 24 15.81 -14.29 -12.36
C GLY A 24 15.91 -13.29 -11.21
N TRP A 25 16.14 -12.01 -11.55
CA TRP A 25 16.32 -10.92 -10.57
C TRP A 25 15.13 -10.82 -9.57
N ALA A 26 13.90 -10.89 -10.11
CA ALA A 26 12.65 -10.96 -9.32
C ALA A 26 11.74 -12.05 -9.90
N ASN A 27 12.21 -12.73 -10.95
CA ASN A 27 11.51 -13.86 -11.58
C ASN A 27 11.86 -15.14 -10.80
N ASP A 28 11.23 -15.27 -9.64
CA ASP A 28 11.49 -16.37 -8.69
C ASP A 28 10.19 -16.78 -7.99
N ASP A 29 10.25 -17.88 -7.24
CA ASP A 29 9.10 -18.53 -6.61
C ASP A 29 8.71 -17.80 -5.32
N ALA A 30 9.73 -17.44 -4.53
CA ALA A 30 9.56 -16.79 -3.22
C ALA A 30 9.24 -15.28 -3.34
N VAL A 31 9.06 -14.79 -4.57
CA VAL A 31 8.66 -13.38 -4.86
C VAL A 31 7.13 -13.27 -4.87
N ASN A 32 6.47 -14.36 -5.31
CA ASN A 32 5.00 -14.55 -5.16
C ASN A 32 4.65 -14.59 -3.66
N GLU A 33 5.62 -15.08 -2.86
CA GLU A 33 5.51 -15.23 -1.40
C GLU A 33 5.96 -13.95 -0.67
N GLN A 34 6.76 -13.14 -1.35
CA GLN A 34 7.16 -11.80 -0.88
C GLN A 34 5.93 -10.87 -0.84
N ILE A 35 5.05 -11.03 -1.85
CA ILE A 35 3.75 -10.36 -1.92
C ILE A 35 2.73 -11.16 -1.06
N ASN A 36 2.26 -12.32 -1.60
CA ASN A 36 1.42 -13.32 -0.90
C ASN A 36 0.08 -12.69 -0.38
N SER A 37 -0.35 -11.61 -1.05
CA SER A 37 -1.54 -10.82 -0.64
C SER A 37 -2.88 -11.55 -0.93
N THR A 38 -2.81 -12.72 -1.59
CA THR A 38 -4.01 -13.53 -1.89
C THR A 38 -4.71 -13.99 -0.58
N ILE A 39 -3.91 -14.16 0.47
CA ILE A 39 -4.38 -14.61 1.80
C ILE A 39 -5.19 -13.48 2.49
N GLU A 40 -4.79 -12.23 2.24
CA GLU A 40 -5.46 -11.06 2.85
C GLU A 40 -6.75 -10.72 2.05
N ASP A 41 -6.75 -11.08 0.74
CA ASP A 41 -7.95 -11.01 -0.13
C ASP A 41 -9.00 -12.02 0.33
N ALA A 42 -8.51 -13.21 0.74
CA ALA A 42 -9.36 -14.30 1.29
C ALA A 42 -10.07 -13.84 2.58
N ILE A 43 -9.34 -13.09 3.44
CA ILE A 43 -9.88 -12.52 4.69
C ILE A 43 -10.84 -11.34 4.38
N ALA A 44 -10.51 -10.56 3.34
CA ALA A 44 -11.29 -9.38 2.92
C ALA A 44 -12.69 -9.78 2.41
N ARG A 45 -12.81 -10.96 1.79
CA ARG A 45 -14.12 -11.53 1.37
C ARG A 45 -14.73 -12.44 2.45
N ALA A 46 -13.89 -12.90 3.41
CA ALA A 46 -14.34 -13.82 4.49
C ALA A 46 -15.26 -13.08 5.47
N ARG A 47 -14.77 -11.95 6.03
CA ARG A 47 -15.50 -11.16 7.05
C ARG A 47 -15.41 -9.64 6.78
N GLY A 48 -14.85 -9.25 5.62
CA GLY A 48 -14.70 -7.84 5.24
C GLY A 48 -13.75 -7.06 6.15
N GLU A 49 -12.73 -7.77 6.66
CA GLU A 49 -11.78 -7.22 7.64
C GLU A 49 -10.72 -6.33 6.96
N ILE A 50 -9.95 -6.95 6.04
CA ILE A 50 -8.84 -6.30 5.34
C ILE A 50 -9.38 -5.25 4.34
N PRO A 51 -8.86 -3.98 4.39
CA PRO A 51 -9.27 -2.92 3.42
C PRO A 51 -8.75 -3.22 2.00
N ARG A 52 -9.28 -2.48 1.02
CA ARG A 52 -9.02 -2.73 -0.42
C ARG A 52 -7.76 -1.97 -0.92
N GLY A 53 -6.87 -1.61 0.01
CA GLY A 53 -5.61 -0.92 -0.32
C GLY A 53 -5.72 0.57 -0.05
N GLU A 54 -5.71 0.96 1.23
CA GLU A 54 -5.85 2.36 1.65
C GLU A 54 -5.11 2.62 2.98
N SER A 55 -5.24 3.87 3.50
CA SER A 55 -4.60 4.31 4.75
C SER A 55 -5.17 3.59 5.99
N LEU A 56 -4.33 3.43 7.01
CA LEU A 56 -4.68 2.73 8.28
C LEU A 56 -4.56 3.67 9.51
N ASP A 57 -4.78 3.12 10.72
CA ASP A 57 -4.73 3.90 12.00
C ASP A 57 -3.44 3.64 12.79
N GLU A 58 -2.68 2.63 12.36
CA GLU A 58 -1.58 2.02 13.16
C GLU A 58 -0.39 1.68 12.24
N CYS A 59 0.70 2.43 12.42
CA CYS A 59 2.00 2.22 11.74
C CYS A 59 2.49 0.76 11.88
N GLU A 60 2.76 0.09 10.73
CA GLU A 60 3.16 -1.34 10.72
C GLU A 60 4.57 -1.59 11.32
N GLU A 61 5.33 -0.51 11.59
CA GLU A 61 6.72 -0.60 12.13
C GLU A 61 6.73 -0.58 13.66
N CYS A 62 6.01 0.40 14.24
CA CYS A 62 6.11 0.71 15.68
C CYS A 62 4.73 0.97 16.30
N GLY A 63 3.66 0.57 15.59
CA GLY A 63 2.26 0.70 16.02
C GLY A 63 1.81 2.12 16.35
N ALA A 64 2.59 3.09 15.91
CA ALA A 64 2.43 4.50 16.27
C ALA A 64 1.20 5.13 15.56
N PRO A 65 0.40 5.98 16.26
CA PRO A 65 -0.88 6.51 15.74
C PRO A 65 -0.71 7.35 14.45
N ILE A 66 -1.27 6.82 13.36
CA ILE A 66 -1.29 7.47 12.04
C ILE A 66 -2.22 8.72 12.07
N PRO A 67 -1.70 9.95 11.77
CA PRO A 67 -2.51 11.18 11.73
C PRO A 67 -3.24 11.29 10.38
N GLN A 68 -4.31 12.11 10.35
CA GLN A 68 -5.09 12.37 9.13
C GLN A 68 -4.22 12.99 8.03
N ALA A 69 -3.11 13.64 8.46
CA ALA A 69 -2.18 14.35 7.58
C ALA A 69 -1.50 13.40 6.59
N ARG A 70 -1.04 12.24 7.11
CA ARG A 70 -0.40 11.19 6.30
C ARG A 70 -1.43 10.45 5.43
N ARG A 71 -2.67 10.33 5.96
CA ARG A 71 -3.77 9.61 5.29
C ARG A 71 -4.29 10.39 4.06
N GLU A 72 -4.26 11.74 4.13
CA GLU A 72 -4.75 12.60 3.04
C GLU A 72 -3.61 12.92 2.05
N ALA A 73 -2.37 12.91 2.58
CA ALA A 73 -1.15 13.01 1.75
C ALA A 73 -0.98 11.73 0.91
N ILE A 74 -1.24 10.58 1.55
CA ILE A 74 -1.08 9.24 0.94
C ILE A 74 -2.33 8.39 1.27
N PRO A 75 -3.24 8.10 0.28
CA PRO A 75 -4.42 7.22 0.48
C PRO A 75 -4.03 5.72 0.44
N GLY A 76 -2.95 5.39 1.15
CA GLY A 76 -2.36 4.06 1.15
C GLY A 76 -1.12 4.02 2.04
N VAL A 77 -1.14 4.86 3.10
CA VAL A 77 -0.01 4.99 4.04
C VAL A 77 -0.05 3.87 5.09
N ARG A 78 1.11 3.26 5.35
CA ARG A 78 1.28 2.20 6.36
C ARG A 78 2.37 2.57 7.40
N LEU A 79 2.88 3.81 7.31
CA LEU A 79 3.96 4.31 8.19
C LEU A 79 3.52 5.60 8.91
N CYS A 80 3.82 5.70 10.22
CA CYS A 80 3.58 6.94 11.00
C CYS A 80 4.53 8.02 10.49
N ILE A 81 4.22 9.31 10.73
CA ILE A 81 4.95 10.46 10.13
C ILE A 81 6.49 10.34 10.32
N HIS A 82 6.89 9.69 11.42
CA HIS A 82 8.30 9.46 11.80
C HIS A 82 8.94 8.39 10.87
N CYS A 83 8.28 7.20 10.75
CA CYS A 83 8.75 6.09 9.87
C CYS A 83 8.48 6.41 8.38
N GLN A 84 7.58 7.37 8.10
CA GLN A 84 7.17 7.69 6.72
C GLN A 84 8.18 8.64 6.10
N GLN A 85 8.47 9.75 6.81
CA GLN A 85 9.28 10.87 6.28
C GLN A 85 10.68 10.41 5.82
N GLU A 86 11.26 9.43 6.55
CA GLU A 86 12.55 8.80 6.20
C GLU A 86 12.43 8.01 4.87
N LYS A 87 11.39 7.16 4.76
CA LYS A 87 11.14 6.32 3.57
C LYS A 87 10.64 7.16 2.37
N ASP A 88 10.07 8.33 2.69
CA ASP A 88 9.50 9.26 1.72
C ASP A 88 10.59 9.87 0.82
N LEU A 89 11.79 10.04 1.38
CA LEU A 89 12.96 10.59 0.66
C LEU A 89 13.60 9.51 -0.24
N GLN A 90 13.24 8.24 0.01
CA GLN A 90 13.90 7.05 -0.59
C GLN A 90 13.13 6.55 -1.83
N LYS A 91 12.30 7.43 -2.40
CA LYS A 91 11.60 7.16 -3.69
C LYS A 91 12.61 6.83 -4.81
N PRO A 92 12.54 5.61 -5.44
CA PRO A 92 13.36 5.27 -6.64
C PRO A 92 12.84 5.95 -7.92
N ALA A 93 11.52 6.30 -7.91
CA ALA A 93 10.76 6.86 -9.06
C ALA A 93 10.38 5.78 -10.11
N TYR A 94 10.84 4.53 -9.88
CA TYR A 94 10.61 3.40 -10.80
C TYR A 94 10.63 2.08 -10.01
N THR A 95 10.44 0.94 -10.70
CA THR A 95 10.52 -0.42 -10.10
C THR A 95 11.51 -1.32 -10.84
N GLY A 96 11.78 -0.97 -12.13
CA GLY A 96 12.68 -1.75 -12.98
C GLY A 96 12.08 -3.06 -13.46
N TYR A 97 10.74 -3.19 -13.32
CA TYR A 97 10.01 -4.42 -13.66
C TYR A 97 9.85 -4.57 -15.18
N ASN A 98 9.87 -5.84 -15.62
CA ASN A 98 9.77 -6.22 -17.04
C ASN A 98 8.79 -7.39 -17.21
N ARG A 99 7.83 -7.54 -16.26
CA ARG A 99 6.79 -8.59 -16.33
C ARG A 99 5.81 -8.27 -17.48
N ARG A 100 6.16 -8.73 -18.69
CA ARG A 100 5.28 -8.68 -19.87
C ARG A 100 4.11 -9.64 -19.66
N GLY A 101 4.45 -10.82 -19.13
CA GLY A 101 3.48 -11.86 -18.78
C GLY A 101 4.15 -12.99 -18.02
N SER A 102 3.55 -13.37 -16.88
CA SER A 102 4.00 -14.53 -16.10
C SER A 102 3.80 -15.83 -16.91
N LYS A 103 4.73 -16.80 -16.76
CA LYS A 103 4.71 -18.10 -17.47
C LYS A 103 3.37 -18.85 -17.21
N ASP A 104 2.93 -18.82 -15.94
CA ASP A 104 1.70 -19.49 -15.48
C ASP A 104 1.78 -21.00 -15.74
N SER A 105 2.41 -21.70 -14.80
CA SER A 105 2.64 -23.16 -14.86
C SER A 105 2.41 -23.80 -13.47
N GLN A 106 2.18 -22.94 -12.45
CA GLN A 106 1.83 -23.37 -11.08
C GLN A 106 0.35 -23.12 -10.81
N LEU A 107 -0.29 -24.02 -10.05
CA LEU A 107 -1.72 -23.91 -9.63
C LEU A 107 -1.80 -23.72 -8.10
N ARG A 108 -0.72 -23.15 -7.55
CA ARG A 108 -0.47 -23.06 -6.09
C ARG A 108 -1.56 -22.25 -5.32
ZN ZN B . 6.29 4.21 13.11
N MET A 21 27.86 -1.34 -15.17
CA MET A 21 27.47 -1.91 -13.87
C MET A 21 25.96 -1.72 -13.66
N ALA A 22 25.23 -2.85 -13.55
CA ALA A 22 23.78 -2.86 -13.27
C ALA A 22 23.56 -2.71 -11.75
N SER A 23 23.44 -1.46 -11.29
CA SER A 23 23.27 -1.12 -9.88
C SER A 23 22.06 -0.18 -9.74
N GLY A 24 21.33 -0.33 -8.63
CA GLY A 24 19.99 0.23 -8.49
C GLY A 24 19.05 -0.48 -9.46
N TRP A 25 18.82 0.18 -10.59
CA TRP A 25 18.00 -0.25 -11.77
C TRP A 25 16.65 -0.98 -11.46
N ALA A 26 16.71 -2.21 -10.91
CA ALA A 26 15.52 -3.04 -10.62
C ALA A 26 15.30 -3.17 -9.09
N ASN A 27 16.25 -2.64 -8.31
CA ASN A 27 16.35 -2.87 -6.87
C ASN A 27 16.51 -1.53 -6.12
N ASP A 28 15.70 -1.32 -5.08
CA ASP A 28 15.83 -0.18 -4.14
C ASP A 28 14.91 -0.41 -2.94
N ASP A 29 15.14 0.42 -1.92
CA ASP A 29 14.42 0.39 -0.65
C ASP A 29 12.94 0.74 -0.84
N ALA A 30 12.69 1.86 -1.53
CA ALA A 30 11.35 2.45 -1.70
C ALA A 30 10.77 2.16 -3.11
N VAL A 31 11.26 1.07 -3.76
CA VAL A 31 10.66 0.53 -5.00
C VAL A 31 10.26 -0.95 -4.76
N ASN A 32 10.85 -1.56 -3.70
CA ASN A 32 10.50 -2.91 -3.21
C ASN A 32 9.05 -2.93 -2.65
N GLU A 33 8.49 -1.73 -2.41
CA GLU A 33 7.11 -1.52 -1.94
C GLU A 33 6.08 -2.08 -2.97
N GLN A 34 6.52 -2.18 -4.24
CA GLN A 34 5.70 -2.72 -5.36
C GLN A 34 5.63 -4.25 -5.32
N ILE A 35 6.65 -4.89 -4.72
CA ILE A 35 6.69 -6.35 -4.46
C ILE A 35 5.67 -6.69 -3.35
N ASN A 36 5.56 -5.75 -2.40
CA ASN A 36 4.55 -5.79 -1.32
C ASN A 36 3.14 -5.48 -1.90
N SER A 37 2.10 -5.89 -1.16
CA SER A 37 0.67 -5.72 -1.51
C SER A 37 0.17 -6.75 -2.56
N THR A 38 1.06 -7.64 -3.01
CA THR A 38 0.74 -8.73 -3.95
C THR A 38 -0.10 -9.83 -3.26
N ILE A 39 0.38 -10.26 -2.09
CA ILE A 39 -0.17 -11.43 -1.38
C ILE A 39 -1.49 -11.06 -0.69
N GLU A 40 -1.55 -9.82 -0.18
CA GLU A 40 -2.73 -9.30 0.54
C GLU A 40 -3.88 -9.00 -0.44
N ASP A 41 -3.52 -8.73 -1.72
CA ASP A 41 -4.50 -8.56 -2.82
C ASP A 41 -5.29 -9.86 -3.02
N ALA A 42 -4.60 -11.01 -2.87
CA ALA A 42 -5.21 -12.34 -2.94
C ALA A 42 -6.22 -12.55 -1.80
N ILE A 43 -5.92 -11.99 -0.64
CA ILE A 43 -6.77 -12.08 0.56
C ILE A 43 -7.99 -11.14 0.42
N ALA A 44 -7.79 -10.03 -0.31
CA ALA A 44 -8.85 -9.04 -0.61
C ALA A 44 -9.87 -9.59 -1.63
N ARG A 45 -9.38 -10.37 -2.62
CA ARG A 45 -10.26 -11.00 -3.64
C ARG A 45 -10.86 -12.33 -3.10
N ALA A 46 -10.33 -12.81 -1.95
CA ALA A 46 -10.81 -14.05 -1.32
C ALA A 46 -12.03 -13.77 -0.43
N ARG A 47 -11.84 -12.99 0.66
CA ARG A 47 -12.89 -12.71 1.66
C ARG A 47 -13.03 -11.21 1.95
N GLY A 48 -12.25 -10.36 1.24
CA GLY A 48 -12.29 -8.90 1.41
C GLY A 48 -11.70 -8.44 2.74
N GLU A 49 -10.83 -9.28 3.31
CA GLU A 49 -10.17 -9.03 4.61
C GLU A 49 -9.28 -7.78 4.54
N ILE A 50 -8.57 -7.67 3.43
CA ILE A 50 -7.77 -6.50 3.10
C ILE A 50 -8.67 -5.46 2.38
N PRO A 51 -8.55 -4.13 2.70
CA PRO A 51 -9.35 -3.06 2.06
C PRO A 51 -9.02 -2.85 0.57
N ARG A 52 -9.57 -1.77 -0.01
CA ARG A 52 -9.37 -1.39 -1.43
C ARG A 52 -7.92 -0.88 -1.69
N GLY A 53 -7.16 -0.69 -0.59
CA GLY A 53 -5.81 -0.10 -0.65
C GLY A 53 -5.79 1.25 0.07
N GLU A 54 -6.69 1.40 1.05
CA GLU A 54 -6.86 2.65 1.82
C GLU A 54 -5.86 2.72 3.00
N SER A 55 -5.86 3.88 3.68
CA SER A 55 -4.96 4.17 4.80
C SER A 55 -5.44 3.50 6.10
N LEU A 56 -4.49 3.29 7.01
CA LEU A 56 -4.72 2.72 8.36
C LEU A 56 -4.52 3.83 9.43
N ASP A 57 -4.77 3.48 10.71
CA ASP A 57 -4.60 4.42 11.87
C ASP A 57 -3.47 3.95 12.81
N GLU A 58 -2.76 2.88 12.40
CA GLU A 58 -1.71 2.21 13.19
C GLU A 58 -0.53 1.90 12.26
N CYS A 59 0.62 2.56 12.51
CA CYS A 59 1.91 2.28 11.84
C CYS A 59 2.22 0.77 11.89
N GLU A 60 2.37 0.11 10.74
CA GLU A 60 2.54 -1.37 10.70
C GLU A 60 3.94 -1.79 11.19
N GLU A 61 4.82 -0.80 11.45
CA GLU A 61 6.17 -1.04 11.95
C GLU A 61 6.19 -0.92 13.48
N CYS A 62 6.05 0.34 13.99
CA CYS A 62 6.21 0.62 15.43
C CYS A 62 4.85 0.89 16.13
N GLY A 63 3.72 0.54 15.43
CA GLY A 63 2.33 0.68 15.95
C GLY A 63 1.99 2.04 16.53
N ALA A 64 2.66 3.09 16.03
CA ALA A 64 2.44 4.47 16.45
C ALA A 64 1.22 5.05 15.71
N PRO A 65 0.37 5.90 16.39
CA PRO A 65 -0.79 6.55 15.76
C PRO A 65 -0.45 7.27 14.43
N ILE A 66 -1.12 6.85 13.35
CA ILE A 66 -1.02 7.47 12.03
C ILE A 66 -1.82 8.80 12.05
N PRO A 67 -1.15 9.97 11.79
CA PRO A 67 -1.83 11.27 11.73
C PRO A 67 -2.69 11.40 10.46
N GLN A 68 -3.80 12.15 10.57
CA GLN A 68 -4.78 12.31 9.49
C GLN A 68 -4.15 13.00 8.26
N ALA A 69 -3.06 13.76 8.50
CA ALA A 69 -2.31 14.46 7.46
C ALA A 69 -1.64 13.46 6.48
N ARG A 70 -1.12 12.34 7.04
CA ARG A 70 -0.54 11.26 6.23
C ARG A 70 -1.62 10.45 5.50
N ARG A 71 -2.78 10.28 6.19
CA ARG A 71 -3.92 9.49 5.68
C ARG A 71 -4.53 10.14 4.43
N GLU A 72 -4.63 11.49 4.43
CA GLU A 72 -5.27 12.24 3.33
C GLU A 72 -4.29 12.44 2.16
N ALA A 73 -3.00 12.60 2.50
CA ALA A 73 -1.93 12.81 1.51
C ALA A 73 -1.67 11.53 0.71
N ILE A 74 -1.60 10.39 1.43
CA ILE A 74 -1.21 9.10 0.87
C ILE A 74 -2.35 8.07 1.08
N PRO A 75 -3.08 7.68 -0.01
CA PRO A 75 -4.11 6.61 0.06
C PRO A 75 -3.44 5.23 0.19
N GLY A 76 -3.31 4.77 1.43
CA GLY A 76 -2.63 3.52 1.76
C GLY A 76 -1.27 3.75 2.39
N VAL A 77 -1.16 4.84 3.19
CA VAL A 77 0.01 5.06 4.04
C VAL A 77 0.08 3.96 5.10
N ARG A 78 1.28 3.39 5.26
CA ARG A 78 1.53 2.25 6.16
C ARG A 78 2.23 2.72 7.44
N LEU A 79 2.86 3.89 7.33
CA LEU A 79 3.93 4.34 8.21
C LEU A 79 3.55 5.64 8.91
N CYS A 80 3.80 5.73 10.23
CA CYS A 80 3.62 6.98 11.00
C CYS A 80 4.59 8.01 10.46
N ILE A 81 4.32 9.33 10.67
CA ILE A 81 5.02 10.43 9.94
C ILE A 81 6.56 10.29 10.01
N HIS A 82 7.06 9.66 11.08
CA HIS A 82 8.50 9.45 11.32
C HIS A 82 9.04 8.33 10.40
N CYS A 83 8.38 7.14 10.44
CA CYS A 83 8.77 5.99 9.57
C CYS A 83 8.47 6.31 8.08
N GLN A 84 7.56 7.28 7.83
CA GLN A 84 7.16 7.67 6.47
C GLN A 84 8.16 8.69 5.88
N GLN A 85 8.46 9.76 6.66
CA GLN A 85 9.25 10.92 6.16
C GLN A 85 10.65 10.49 5.71
N GLU A 86 11.20 9.47 6.39
CA GLU A 86 12.49 8.86 6.03
C GLU A 86 12.36 8.11 4.69
N LYS A 87 11.28 7.33 4.49
CA LYS A 87 11.00 6.60 3.22
C LYS A 87 10.85 7.57 2.03
N ASP A 88 10.23 8.73 2.30
CA ASP A 88 10.03 9.80 1.31
C ASP A 88 11.38 10.35 0.78
N LEU A 89 12.43 10.27 1.61
CA LEU A 89 13.80 10.64 1.21
C LEU A 89 14.42 9.54 0.32
N GLN A 90 14.04 8.27 0.61
CA GLN A 90 14.64 7.07 -0.03
C GLN A 90 13.97 6.74 -1.38
N LYS A 91 12.91 7.52 -1.73
CA LYS A 91 12.14 7.31 -2.98
C LYS A 91 13.04 7.45 -4.22
N PRO A 92 13.18 6.37 -5.06
CA PRO A 92 14.04 6.41 -6.26
C PRO A 92 13.40 7.20 -7.43
N ALA A 93 12.07 7.46 -7.29
CA ALA A 93 11.25 8.23 -8.26
C ALA A 93 11.15 7.55 -9.65
N TYR A 94 11.50 6.26 -9.71
CA TYR A 94 11.40 5.46 -10.95
C TYR A 94 10.67 4.13 -10.67
N THR A 95 10.07 3.55 -11.72
CA THR A 95 9.42 2.24 -11.65
C THR A 95 10.25 1.23 -12.47
N GLY A 96 11.42 0.89 -11.93
CA GLY A 96 12.41 0.07 -12.61
C GLY A 96 12.37 -1.38 -12.17
N TYR A 97 12.31 -2.29 -13.16
CA TYR A 97 12.37 -3.74 -12.96
C TYR A 97 13.06 -4.37 -14.18
N ASN A 98 13.61 -5.58 -14.03
CA ASN A 98 14.27 -6.30 -15.12
C ASN A 98 13.22 -6.84 -16.10
N ARG A 99 12.82 -5.99 -17.05
CA ARG A 99 11.96 -6.39 -18.17
C ARG A 99 12.85 -6.71 -19.38
N ARG A 100 13.29 -7.97 -19.43
CA ARG A 100 14.22 -8.45 -20.47
C ARG A 100 13.82 -9.85 -20.91
N GLY A 101 14.07 -10.17 -22.19
CA GLY A 101 14.00 -11.54 -22.68
C GLY A 101 15.02 -12.43 -21.99
N SER A 102 14.58 -13.62 -21.51
CA SER A 102 15.42 -14.56 -20.74
C SER A 102 16.49 -15.20 -21.66
N LYS A 103 17.53 -14.38 -21.95
CA LYS A 103 18.58 -14.66 -22.94
C LYS A 103 17.98 -15.01 -24.33
N ASP A 104 16.81 -14.39 -24.60
CA ASP A 104 16.06 -14.60 -25.85
C ASP A 104 16.68 -13.78 -26.99
N SER A 105 17.77 -14.31 -27.54
CA SER A 105 18.46 -13.79 -28.72
C SER A 105 18.38 -14.89 -29.81
N GLN A 106 17.31 -15.70 -29.71
CA GLN A 106 17.11 -16.90 -30.53
C GLN A 106 16.44 -16.54 -31.86
N LEU A 107 17.00 -17.06 -32.95
CA LEU A 107 16.51 -16.83 -34.33
C LEU A 107 15.61 -17.98 -34.82
N ARG A 108 15.45 -19.02 -33.96
CA ARG A 108 14.71 -20.26 -34.27
C ARG A 108 13.27 -19.97 -34.81
ZN ZN B . 6.30 4.19 12.97
N MET A 21 -19.58 -19.53 -19.11
CA MET A 21 -18.12 -19.31 -19.30
C MET A 21 -17.79 -17.81 -19.36
N ALA A 22 -16.51 -17.49 -19.12
CA ALA A 22 -15.99 -16.13 -19.22
C ALA A 22 -14.65 -16.17 -19.96
N SER A 23 -14.68 -15.84 -21.26
CA SER A 23 -13.52 -15.94 -22.15
C SER A 23 -13.52 -14.77 -23.14
N GLY A 24 -12.37 -14.08 -23.25
CA GLY A 24 -12.21 -12.95 -24.18
C GLY A 24 -12.44 -11.60 -23.52
N TRP A 25 -13.23 -11.58 -22.42
CA TRP A 25 -13.56 -10.35 -21.65
C TRP A 25 -12.27 -9.66 -21.15
N ALA A 26 -11.36 -10.47 -20.59
CA ALA A 26 -10.08 -10.01 -20.04
C ALA A 26 -9.15 -11.22 -19.81
N ASN A 27 -9.37 -11.92 -18.67
CA ASN A 27 -8.55 -13.10 -18.24
C ASN A 27 -7.04 -12.77 -18.15
N ASP A 28 -6.73 -11.49 -17.87
CA ASP A 28 -5.34 -11.03 -17.74
C ASP A 28 -4.79 -11.40 -16.36
N ASP A 29 -3.46 -11.36 -16.24
CA ASP A 29 -2.75 -11.61 -14.97
C ASP A 29 -3.17 -10.60 -13.89
N ALA A 30 -3.44 -9.35 -14.30
CA ALA A 30 -3.87 -8.26 -13.41
C ALA A 30 -5.36 -8.37 -13.02
N VAL A 31 -6.14 -9.11 -13.84
CA VAL A 31 -7.60 -9.25 -13.68
C VAL A 31 -7.94 -10.51 -12.87
N ASN A 32 -7.15 -11.58 -13.05
CA ASN A 32 -7.35 -12.86 -12.33
C ASN A 32 -6.89 -12.76 -10.86
N GLU A 33 -6.29 -11.60 -10.50
CA GLU A 33 -6.02 -11.21 -9.11
C GLU A 33 -7.33 -11.17 -8.30
N GLN A 34 -8.39 -10.66 -8.96
CA GLN A 34 -9.75 -10.58 -8.40
C GLN A 34 -10.36 -11.99 -8.19
N ILE A 35 -9.94 -12.93 -9.03
CA ILE A 35 -10.36 -14.33 -8.93
C ILE A 35 -9.46 -15.08 -7.89
N ASN A 36 -8.23 -14.55 -7.71
CA ASN A 36 -7.21 -15.09 -6.80
C ASN A 36 -7.28 -14.42 -5.42
N SER A 37 -8.35 -13.60 -5.19
CA SER A 37 -8.58 -12.88 -3.92
C SER A 37 -8.90 -13.81 -2.73
N THR A 38 -8.91 -15.14 -2.97
CA THR A 38 -9.08 -16.18 -1.95
C THR A 38 -7.90 -16.17 -0.95
N ILE A 39 -6.69 -15.94 -1.48
CA ILE A 39 -5.45 -15.91 -0.68
C ILE A 39 -5.49 -14.72 0.29
N GLU A 40 -5.87 -13.55 -0.24
CA GLU A 40 -5.86 -12.29 0.52
C GLU A 40 -7.08 -12.23 1.47
N ASP A 41 -8.13 -13.01 1.14
CA ASP A 41 -9.31 -13.22 2.00
C ASP A 41 -8.90 -14.05 3.22
N ALA A 42 -8.09 -15.09 2.96
CA ALA A 42 -7.53 -15.97 4.00
C ALA A 42 -6.65 -15.17 4.98
N ILE A 43 -5.86 -14.23 4.42
CA ILE A 43 -4.95 -13.36 5.20
C ILE A 43 -5.74 -12.29 6.01
N ALA A 44 -6.79 -11.73 5.38
CA ALA A 44 -7.64 -10.69 5.99
C ALA A 44 -8.47 -11.25 7.16
N ARG A 45 -8.86 -12.54 7.08
CA ARG A 45 -9.60 -13.21 8.17
C ARG A 45 -8.63 -13.87 9.18
N ALA A 46 -7.36 -14.09 8.75
CA ALA A 46 -6.34 -14.76 9.59
C ALA A 46 -6.00 -13.91 10.82
N ARG A 47 -5.63 -12.63 10.58
CA ARG A 47 -5.25 -11.71 11.67
C ARG A 47 -5.65 -10.25 11.35
N GLY A 48 -6.38 -10.06 10.23
CA GLY A 48 -6.79 -8.71 9.79
C GLY A 48 -5.62 -7.85 9.35
N GLU A 49 -4.90 -8.32 8.33
CA GLU A 49 -3.66 -7.69 7.87
C GLU A 49 -3.93 -6.56 6.87
N ILE A 50 -4.67 -6.88 5.78
CA ILE A 50 -4.99 -5.89 4.74
C ILE A 50 -5.95 -4.79 5.29
N PRO A 51 -5.64 -3.48 5.02
CA PRO A 51 -6.54 -2.33 5.32
C PRO A 51 -7.88 -2.38 4.54
N ARG A 52 -8.63 -1.25 4.57
CA ARG A 52 -9.89 -1.10 3.80
C ARG A 52 -9.60 -0.59 2.37
N GLY A 53 -8.54 -1.15 1.74
CA GLY A 53 -8.08 -0.72 0.42
C GLY A 53 -7.63 0.74 0.38
N GLU A 54 -7.13 1.21 1.53
CA GLU A 54 -6.76 2.62 1.74
C GLU A 54 -5.66 2.70 2.82
N SER A 55 -5.47 3.90 3.39
CA SER A 55 -4.61 4.16 4.54
C SER A 55 -5.11 3.42 5.82
N LEU A 56 -4.20 3.23 6.79
CA LEU A 56 -4.52 2.59 8.10
C LEU A 56 -4.34 3.62 9.24
N ASP A 57 -4.60 3.19 10.50
CA ASP A 57 -4.53 4.08 11.70
C ASP A 57 -3.37 3.70 12.65
N GLU A 58 -2.64 2.63 12.30
CA GLU A 58 -1.55 2.07 13.13
C GLU A 58 -0.35 1.70 12.25
N CYS A 59 0.75 2.43 12.45
CA CYS A 59 2.06 2.22 11.79
C CYS A 59 2.51 0.75 11.82
N GLU A 60 2.84 0.15 10.65
CA GLU A 60 3.27 -1.26 10.56
C GLU A 60 4.65 -1.48 11.20
N GLU A 61 5.38 -0.38 11.46
CA GLU A 61 6.74 -0.40 12.00
C GLU A 61 6.69 -0.50 13.53
N CYS A 62 6.08 0.53 14.14
CA CYS A 62 6.15 0.72 15.60
C CYS A 62 4.74 0.89 16.22
N GLY A 63 3.69 0.51 15.45
CA GLY A 63 2.26 0.57 15.90
C GLY A 63 1.77 1.97 16.29
N ALA A 64 2.54 3.00 15.94
CA ALA A 64 2.31 4.40 16.35
C ALA A 64 1.08 5.01 15.65
N PRO A 65 0.32 5.94 16.33
CA PRO A 65 -0.92 6.54 15.78
C PRO A 65 -0.66 7.32 14.48
N ILE A 66 -1.14 6.77 13.36
CA ILE A 66 -1.09 7.40 12.04
C ILE A 66 -1.94 8.69 12.03
N PRO A 67 -1.35 9.89 11.72
CA PRO A 67 -2.13 11.13 11.60
C PRO A 67 -2.89 11.16 10.26
N GLN A 68 -4.09 11.76 10.29
CA GLN A 68 -4.97 11.87 9.11
C GLN A 68 -4.34 12.77 8.02
N ALA A 69 -3.34 13.58 8.42
CA ALA A 69 -2.51 14.38 7.50
C ALA A 69 -1.78 13.46 6.50
N ARG A 70 -1.21 12.34 7.02
CA ARG A 70 -0.50 11.34 6.23
C ARG A 70 -1.48 10.51 5.37
N ARG A 71 -2.71 10.32 5.88
CA ARG A 71 -3.74 9.51 5.22
C ARG A 71 -4.33 10.19 3.97
N GLU A 72 -4.49 11.53 4.04
CA GLU A 72 -5.03 12.33 2.92
C GLU A 72 -3.92 12.64 1.90
N ALA A 73 -2.69 12.84 2.42
CA ALA A 73 -1.50 13.07 1.58
C ALA A 73 -1.16 11.79 0.78
N ILE A 74 -1.21 10.63 1.47
CA ILE A 74 -0.86 9.31 0.90
C ILE A 74 -2.08 8.37 1.02
N PRO A 75 -2.89 8.19 -0.08
CA PRO A 75 -3.97 7.18 -0.10
C PRO A 75 -3.39 5.74 -0.08
N GLY A 76 -3.13 5.27 1.15
CA GLY A 76 -2.52 3.95 1.38
C GLY A 76 -1.26 4.02 2.24
N VAL A 77 -1.22 4.98 3.19
CA VAL A 77 -0.09 5.13 4.11
C VAL A 77 -0.08 3.99 5.15
N ARG A 78 1.12 3.49 5.45
CA ARG A 78 1.35 2.38 6.41
C ARG A 78 2.48 2.74 7.41
N LEU A 79 2.96 3.98 7.34
CA LEU A 79 4.10 4.48 8.14
C LEU A 79 3.70 5.76 8.88
N CYS A 80 3.93 5.80 10.21
CA CYS A 80 3.70 7.02 11.04
C CYS A 80 4.69 8.08 10.60
N ILE A 81 4.39 9.36 10.86
CA ILE A 81 5.12 10.51 10.28
C ILE A 81 6.67 10.41 10.48
N HIS A 82 7.08 9.71 11.54
CA HIS A 82 8.49 9.48 11.89
C HIS A 82 9.12 8.42 10.96
N CYS A 83 8.47 7.24 10.86
CA CYS A 83 8.92 6.16 9.97
C CYS A 83 8.66 6.54 8.49
N GLN A 84 7.77 7.52 8.23
CA GLN A 84 7.38 7.88 6.87
C GLN A 84 8.41 8.84 6.25
N GLN A 85 8.76 9.92 6.98
CA GLN A 85 9.62 11.02 6.47
C GLN A 85 10.98 10.51 5.92
N GLU A 86 11.54 9.49 6.58
CA GLU A 86 12.80 8.83 6.17
C GLU A 86 12.60 8.01 4.88
N LYS A 87 11.45 7.30 4.79
CA LYS A 87 11.11 6.44 3.63
C LYS A 87 10.65 7.28 2.43
N ASP A 88 10.16 8.49 2.70
CA ASP A 88 9.69 9.45 1.67
C ASP A 88 10.86 9.88 0.77
N LEU A 89 12.05 9.98 1.39
CA LEU A 89 13.32 10.30 0.69
C LEU A 89 13.72 9.12 -0.24
N GLN A 90 13.29 7.91 0.15
CA GLN A 90 13.66 6.64 -0.51
C GLN A 90 12.63 6.27 -1.59
N LYS A 91 11.43 6.88 -1.52
CA LYS A 91 10.39 6.71 -2.55
C LYS A 91 10.81 7.47 -3.83
N PRO A 92 10.94 6.78 -5.00
CA PRO A 92 11.44 7.39 -6.25
C PRO A 92 10.36 8.20 -7.00
N ALA A 93 9.15 8.33 -6.39
CA ALA A 93 7.99 9.13 -6.88
C ALA A 93 7.23 8.47 -8.05
N TYR A 94 7.93 7.66 -8.86
CA TYR A 94 7.31 7.00 -10.03
C TYR A 94 6.90 5.57 -9.65
N THR A 95 5.88 5.05 -10.36
CA THR A 95 5.45 3.65 -10.24
C THR A 95 5.80 2.90 -11.54
N GLY A 96 6.86 2.06 -11.50
CA GLY A 96 7.25 1.21 -12.63
C GLY A 96 6.53 -0.13 -12.64
N TYR A 97 5.33 -0.16 -12.04
CA TYR A 97 4.48 -1.35 -11.91
C TYR A 97 3.01 -0.92 -11.97
N ASN A 98 2.18 -1.74 -12.62
CA ASN A 98 0.76 -1.44 -12.87
C ASN A 98 -0.07 -1.60 -11.58
N ARG A 99 -0.66 -0.48 -11.12
CA ARG A 99 -1.60 -0.46 -9.99
C ARG A 99 -3.04 -0.29 -10.49
N ARG A 100 -3.94 -1.09 -9.92
CA ARG A 100 -5.37 -1.07 -10.25
C ARG A 100 -6.07 0.07 -9.48
N GLY A 101 -7.21 0.54 -10.01
CA GLY A 101 -7.97 1.61 -9.39
C GLY A 101 -8.44 2.64 -10.41
N SER A 102 -9.50 3.38 -10.03
CA SER A 102 -10.10 4.42 -10.87
C SER A 102 -9.49 5.80 -10.49
N LYS A 103 -9.13 6.58 -11.53
CA LYS A 103 -8.42 7.87 -11.35
C LYS A 103 -8.49 8.71 -12.64
N ASP A 104 -7.94 9.94 -12.58
CA ASP A 104 -7.85 10.86 -13.75
C ASP A 104 -6.58 10.56 -14.57
N SER A 105 -6.55 10.99 -15.84
CA SER A 105 -5.42 10.76 -16.75
C SER A 105 -5.42 11.80 -17.92
N GLN A 106 -6.17 12.92 -17.75
CA GLN A 106 -6.32 13.96 -18.81
C GLN A 106 -5.79 15.32 -18.33
N LEU A 107 -5.63 16.28 -19.28
CA LEU A 107 -5.11 17.64 -19.01
C LEU A 107 -6.26 18.65 -18.81
N ARG A 108 -7.22 18.28 -17.93
CA ARG A 108 -8.39 19.16 -17.58
C ARG A 108 -7.92 20.55 -17.03
ZN ZN B . 6.35 4.26 13.16
N MET A 21 16.10 -0.63 -3.93
CA MET A 21 15.05 -0.67 -2.89
C MET A 21 15.22 -1.93 -2.04
N ALA A 22 14.96 -3.11 -2.63
CA ALA A 22 15.07 -4.41 -1.95
C ALA A 22 15.07 -5.57 -2.97
N SER A 23 16.26 -6.11 -3.26
CA SER A 23 16.46 -7.29 -4.12
C SER A 23 17.72 -8.03 -3.65
N GLY A 24 17.63 -9.38 -3.57
CA GLY A 24 18.68 -10.19 -2.97
C GLY A 24 18.69 -10.14 -1.45
N TRP A 25 17.61 -9.57 -0.87
CA TRP A 25 17.45 -9.40 0.59
C TRP A 25 16.94 -10.70 1.24
N ALA A 26 16.10 -11.43 0.47
CA ALA A 26 15.47 -12.68 0.90
C ALA A 26 14.77 -13.29 -0.32
N ASN A 27 13.68 -12.61 -0.76
CA ASN A 27 12.93 -12.91 -2.01
C ASN A 27 12.42 -14.36 -2.07
N ASP A 28 12.17 -14.94 -0.89
CA ASP A 28 11.77 -16.35 -0.74
C ASP A 28 10.32 -16.56 -1.20
N ASP A 29 9.96 -17.83 -1.44
CA ASP A 29 8.57 -18.22 -1.74
C ASP A 29 7.69 -17.97 -0.49
N ALA A 30 8.31 -18.16 0.69
CA ALA A 30 7.69 -17.87 2.01
C ALA A 30 7.31 -16.38 2.19
N VAL A 31 7.88 -15.52 1.34
CA VAL A 31 7.66 -14.05 1.35
C VAL A 31 6.52 -13.72 0.37
N ASN A 32 6.43 -14.51 -0.73
CA ASN A 32 5.32 -14.43 -1.70
C ASN A 32 3.98 -14.80 -1.04
N GLU A 33 4.05 -15.55 0.07
CA GLU A 33 2.86 -15.93 0.89
C GLU A 33 2.37 -14.72 1.72
N GLN A 34 3.34 -13.87 2.14
CA GLN A 34 3.08 -12.68 2.98
C GLN A 34 2.46 -11.54 2.13
N ILE A 35 2.84 -11.50 0.85
CA ILE A 35 2.36 -10.49 -0.12
C ILE A 35 1.08 -11.00 -0.83
N ASN A 36 1.26 -12.13 -1.57
CA ASN A 36 0.22 -12.89 -2.33
C ASN A 36 -0.67 -12.02 -3.26
N SER A 37 -0.19 -10.80 -3.60
CA SER A 37 -1.00 -9.77 -4.33
C SER A 37 -1.04 -10.00 -5.87
N THR A 38 -1.12 -11.27 -6.27
CA THR A 38 -1.37 -11.70 -7.65
C THR A 38 -2.87 -12.02 -7.82
N ILE A 39 -3.42 -12.72 -6.80
CA ILE A 39 -4.80 -13.25 -6.81
C ILE A 39 -5.78 -12.08 -6.85
N GLU A 40 -5.60 -11.17 -5.89
CA GLU A 40 -6.46 -9.99 -5.71
C GLU A 40 -6.18 -8.92 -6.76
N ASP A 41 -4.97 -8.94 -7.36
CA ASP A 41 -4.62 -8.07 -8.51
C ASP A 41 -5.48 -8.45 -9.72
N ALA A 42 -5.61 -9.76 -9.97
CA ALA A 42 -6.40 -10.31 -11.08
C ALA A 42 -7.90 -9.93 -10.95
N ILE A 43 -8.40 -9.98 -9.70
CA ILE A 43 -9.81 -9.65 -9.39
C ILE A 43 -10.02 -8.10 -9.41
N ALA A 44 -8.96 -7.34 -9.05
CA ALA A 44 -8.99 -5.86 -9.03
C ALA A 44 -8.97 -5.26 -10.43
N ARG A 45 -8.25 -5.92 -11.35
CA ARG A 45 -8.13 -5.46 -12.76
C ARG A 45 -9.34 -5.90 -13.60
N ALA A 46 -10.20 -6.76 -13.03
CA ALA A 46 -11.42 -7.24 -13.69
C ALA A 46 -12.65 -6.42 -13.25
N ARG A 47 -12.93 -6.44 -11.93
CA ARG A 47 -14.18 -5.85 -11.35
C ARG A 47 -13.88 -4.80 -10.25
N GLY A 48 -12.60 -4.63 -9.90
CA GLY A 48 -12.19 -3.69 -8.86
C GLY A 48 -12.61 -4.12 -7.46
N GLU A 49 -11.92 -5.15 -6.93
CA GLU A 49 -12.23 -5.75 -5.62
C GLU A 49 -11.49 -5.00 -4.50
N ILE A 50 -10.20 -5.34 -4.28
CA ILE A 50 -9.40 -4.80 -3.19
C ILE A 50 -8.72 -3.49 -3.65
N PRO A 51 -8.78 -2.42 -2.80
CA PRO A 51 -7.99 -1.17 -2.99
C PRO A 51 -6.45 -1.39 -3.10
N ARG A 52 -5.71 -0.28 -3.18
CA ARG A 52 -4.23 -0.29 -3.34
C ARG A 52 -3.52 -0.35 -1.96
N GLY A 53 -4.22 -0.94 -0.96
CA GLY A 53 -3.77 -0.91 0.43
C GLY A 53 -3.85 0.50 0.99
N GLU A 54 -5.10 1.00 1.11
CA GLU A 54 -5.37 2.38 1.56
C GLU A 54 -4.93 2.62 3.02
N SER A 55 -5.00 3.90 3.40
CA SER A 55 -4.47 4.43 4.66
C SER A 55 -5.06 3.73 5.90
N LEU A 56 -4.16 3.09 6.65
CA LEU A 56 -4.43 2.48 7.97
C LEU A 56 -4.31 3.56 9.08
N ASP A 57 -4.60 3.17 10.34
CA ASP A 57 -4.55 4.09 11.50
C ASP A 57 -3.41 3.72 12.48
N GLU A 58 -2.62 2.68 12.16
CA GLU A 58 -1.50 2.20 13.01
C GLU A 58 -0.31 1.83 12.13
N CYS A 59 0.81 2.58 12.32
CA CYS A 59 2.09 2.38 11.61
C CYS A 59 2.57 0.94 11.72
N GLU A 60 2.78 0.24 10.59
CA GLU A 60 3.08 -1.21 10.61
C GLU A 60 4.58 -1.51 10.90
N GLU A 61 5.33 -0.47 11.33
CA GLU A 61 6.72 -0.59 11.77
C GLU A 61 6.82 -0.51 13.30
N CYS A 62 6.08 0.45 13.90
CA CYS A 62 6.26 0.79 15.33
C CYS A 62 4.91 1.10 16.02
N GLY A 63 3.80 0.68 15.39
CA GLY A 63 2.41 0.81 15.92
C GLY A 63 1.99 2.23 16.32
N ALA A 64 2.73 3.25 15.86
CA ALA A 64 2.49 4.65 16.25
C ALA A 64 1.21 5.18 15.55
N PRO A 65 0.35 5.99 16.28
CA PRO A 65 -0.90 6.55 15.73
C PRO A 65 -0.68 7.30 14.41
N ILE A 66 -1.20 6.74 13.30
CA ILE A 66 -1.18 7.38 11.99
C ILE A 66 -2.13 8.59 12.02
N PRO A 67 -1.59 9.85 11.87
CA PRO A 67 -2.43 11.06 11.87
C PRO A 67 -3.30 11.12 10.61
N GLN A 68 -4.49 11.74 10.73
CA GLN A 68 -5.42 11.91 9.61
C GLN A 68 -4.79 12.72 8.47
N ALA A 69 -3.73 13.51 8.81
CA ALA A 69 -2.94 14.29 7.86
C ALA A 69 -2.29 13.38 6.82
N ARG A 70 -1.69 12.29 7.31
CA ARG A 70 -1.04 11.26 6.46
C ARG A 70 -2.08 10.41 5.72
N ARG A 71 -3.26 10.21 6.34
CA ARG A 71 -4.32 9.36 5.76
C ARG A 71 -5.04 10.05 4.58
N GLU A 72 -5.18 11.39 4.66
CA GLU A 72 -5.83 12.18 3.59
C GLU A 72 -4.81 12.55 2.49
N ALA A 73 -3.57 12.89 2.92
CA ALA A 73 -2.49 13.30 2.02
C ALA A 73 -2.02 12.12 1.16
N ILE A 74 -1.63 11.03 1.83
CA ILE A 74 -1.11 9.83 1.19
C ILE A 74 -2.28 8.85 0.92
N PRO A 75 -2.52 8.43 -0.36
CA PRO A 75 -3.61 7.48 -0.72
C PRO A 75 -3.20 6.00 -0.44
N GLY A 76 -2.77 5.73 0.80
CA GLY A 76 -2.23 4.44 1.18
C GLY A 76 -1.02 4.55 2.07
N VAL A 77 -1.18 5.25 3.21
CA VAL A 77 -0.09 5.39 4.18
C VAL A 77 -0.02 4.15 5.08
N ARG A 78 1.22 3.69 5.33
CA ARG A 78 1.52 2.49 6.14
C ARG A 78 2.69 2.77 7.11
N LEU A 79 3.01 4.07 7.26
CA LEU A 79 4.13 4.57 8.06
C LEU A 79 3.71 5.85 8.78
N CYS A 80 3.96 5.94 10.11
CA CYS A 80 3.71 7.19 10.90
C CYS A 80 4.67 8.27 10.40
N ILE A 81 4.37 9.56 10.68
CA ILE A 81 5.14 10.72 10.13
C ILE A 81 6.67 10.57 10.36
N HIS A 82 7.04 9.88 11.45
CA HIS A 82 8.44 9.61 11.85
C HIS A 82 9.09 8.59 10.88
N CYS A 83 8.41 7.43 10.66
CA CYS A 83 8.90 6.38 9.73
C CYS A 83 8.63 6.77 8.26
N GLN A 84 7.71 7.73 8.02
CA GLN A 84 7.28 8.08 6.66
C GLN A 84 8.30 9.04 6.02
N GLN A 85 8.76 10.04 6.79
CA GLN A 85 9.67 11.09 6.28
C GLN A 85 11.00 10.49 5.77
N GLU A 86 11.52 9.47 6.50
CA GLU A 86 12.76 8.74 6.15
C GLU A 86 12.55 7.86 4.89
N LYS A 87 11.41 7.13 4.84
CA LYS A 87 11.07 6.23 3.72
C LYS A 87 10.66 6.99 2.46
N ASP A 88 10.21 8.24 2.64
CA ASP A 88 9.89 9.15 1.52
C ASP A 88 11.13 9.37 0.64
N LEU A 89 12.29 9.44 1.31
CA LEU A 89 13.60 9.64 0.66
C LEU A 89 14.02 8.34 -0.08
N GLN A 90 13.56 7.20 0.44
CA GLN A 90 13.97 5.85 -0.03
C GLN A 90 13.13 5.39 -1.24
N LYS A 91 12.06 6.16 -1.56
CA LYS A 91 11.27 5.94 -2.79
C LYS A 91 12.09 6.41 -4.01
N PRO A 92 12.16 5.58 -5.12
CA PRO A 92 13.00 5.89 -6.31
C PRO A 92 12.35 6.90 -7.27
N ALA A 93 11.35 7.66 -6.77
CA ALA A 93 10.57 8.68 -7.52
C ALA A 93 9.61 8.05 -8.56
N TYR A 94 9.51 6.70 -8.56
CA TYR A 94 8.65 5.95 -9.49
C TYR A 94 8.18 4.63 -8.85
N THR A 95 7.21 3.96 -9.50
CA THR A 95 6.70 2.63 -9.08
C THR A 95 7.05 1.58 -10.17
N GLY A 96 6.92 1.98 -11.45
CA GLY A 96 7.37 1.20 -12.61
C GLY A 96 6.82 -0.23 -12.68
N TYR A 97 5.49 -0.35 -12.59
CA TYR A 97 4.80 -1.66 -12.71
C TYR A 97 4.93 -2.23 -14.13
N ASN A 98 5.17 -3.54 -14.21
CA ASN A 98 5.26 -4.29 -15.48
C ASN A 98 4.47 -5.62 -15.35
N ARG A 99 3.60 -5.71 -14.29
CA ARG A 99 2.77 -6.91 -14.05
C ARG A 99 1.88 -7.20 -15.27
N ARG A 100 2.15 -8.33 -15.93
CA ARG A 100 1.46 -8.76 -17.16
C ARG A 100 1.20 -10.28 -17.10
N GLY A 101 2.01 -10.98 -16.29
CA GLY A 101 1.87 -12.42 -16.08
C GLY A 101 0.78 -12.76 -15.07
N SER A 102 -0.48 -12.44 -15.42
CA SER A 102 -1.67 -12.92 -14.70
C SER A 102 -1.95 -14.37 -15.18
N LYS A 103 -1.01 -15.26 -14.84
CA LYS A 103 -0.93 -16.63 -15.37
C LYS A 103 -0.83 -17.60 -14.20
N ASP A 104 -1.91 -18.35 -13.94
CA ASP A 104 -1.94 -19.38 -12.91
C ASP A 104 -1.11 -20.59 -13.37
N SER A 105 0.10 -20.70 -12.82
CA SER A 105 1.04 -21.79 -13.11
C SER A 105 1.37 -22.53 -11.78
N GLN A 106 0.49 -22.35 -10.77
CA GLN A 106 0.67 -22.86 -9.40
C GLN A 106 -0.45 -23.85 -9.04
N LEU A 107 -0.06 -25.04 -8.53
CA LEU A 107 -1.02 -26.06 -8.04
C LEU A 107 -1.73 -25.54 -6.76
N ARG A 108 -2.94 -24.97 -6.94
CA ARG A 108 -3.75 -24.37 -5.86
C ARG A 108 -5.19 -24.95 -5.89
ZN ZN B . 6.39 4.42 12.88
N MET A 21 -45.08 3.76 4.76
CA MET A 21 -44.55 3.39 6.09
C MET A 21 -43.07 2.94 5.96
N ALA A 22 -42.16 3.91 6.07
CA ALA A 22 -40.71 3.67 5.97
C ALA A 22 -40.14 3.41 7.37
N SER A 23 -40.39 2.19 7.89
CA SER A 23 -39.96 1.78 9.22
C SER A 23 -39.82 0.24 9.26
N GLY A 24 -38.68 -0.23 9.82
CA GLY A 24 -38.42 -1.67 9.99
C GLY A 24 -38.25 -2.43 8.68
N TRP A 25 -37.69 -1.74 7.66
CA TRP A 25 -37.39 -2.35 6.34
C TRP A 25 -35.89 -2.24 6.03
N ALA A 26 -35.32 -1.06 6.36
CA ALA A 26 -33.87 -0.76 6.22
C ALA A 26 -33.39 0.02 7.44
N ASN A 27 -34.19 -0.01 8.50
CA ASN A 27 -33.96 0.74 9.73
C ASN A 27 -34.48 -0.09 10.91
N ASP A 28 -33.58 -0.95 11.42
CA ASP A 28 -33.90 -1.94 12.46
C ASP A 28 -32.62 -2.42 13.16
N ASP A 29 -32.82 -3.22 14.20
CA ASP A 29 -31.75 -3.81 15.02
C ASP A 29 -30.85 -4.69 14.16
N ALA A 30 -31.48 -5.53 13.31
CA ALA A 30 -30.78 -6.51 12.44
C ALA A 30 -30.33 -5.87 11.10
N VAL A 31 -30.22 -4.53 11.06
CA VAL A 31 -29.72 -3.80 9.89
C VAL A 31 -28.41 -3.06 10.27
N ASN A 32 -28.50 -2.26 11.36
CA ASN A 32 -27.42 -1.31 11.76
C ASN A 32 -26.14 -2.02 12.23
N GLU A 33 -26.29 -3.27 12.72
CA GLU A 33 -25.15 -4.06 13.25
C GLU A 33 -24.21 -4.55 12.14
N GLN A 34 -24.68 -4.53 10.89
CA GLN A 34 -23.83 -4.79 9.70
C GLN A 34 -23.11 -3.51 9.25
N ILE A 35 -23.80 -2.38 9.40
CA ILE A 35 -23.37 -1.08 8.85
C ILE A 35 -22.28 -0.40 9.72
N ASN A 36 -22.40 -0.52 11.05
CA ASN A 36 -21.52 0.19 12.02
C ASN A 36 -20.04 -0.21 11.86
N SER A 37 -19.15 0.74 12.20
CA SER A 37 -17.69 0.59 12.03
C SER A 37 -17.03 -0.10 13.25
N THR A 38 -17.83 -0.56 14.22
CA THR A 38 -17.32 -1.27 15.41
C THR A 38 -16.91 -2.70 15.02
N ILE A 39 -17.70 -3.32 14.14
CA ILE A 39 -17.49 -4.70 13.66
C ILE A 39 -16.14 -4.81 12.96
N GLU A 40 -15.91 -3.85 12.04
CA GLU A 40 -14.73 -3.85 11.18
C GLU A 40 -13.48 -3.49 11.99
N ASP A 41 -13.62 -2.51 12.90
CA ASP A 41 -12.51 -1.97 13.71
C ASP A 41 -11.96 -3.02 14.68
N ALA A 42 -12.86 -3.57 15.50
CA ALA A 42 -12.50 -4.53 16.58
C ALA A 42 -11.74 -5.76 16.03
N ILE A 43 -12.12 -6.20 14.82
CA ILE A 43 -11.49 -7.35 14.16
C ILE A 43 -10.21 -6.92 13.38
N ALA A 44 -10.21 -5.67 12.86
CA ALA A 44 -9.07 -5.13 12.07
C ALA A 44 -7.85 -4.84 12.95
N ARG A 45 -8.11 -4.36 14.18
CA ARG A 45 -7.04 -4.04 15.15
C ARG A 45 -6.62 -5.30 15.94
N ALA A 46 -7.45 -6.37 15.83
CA ALA A 46 -7.16 -7.66 16.47
C ALA A 46 -6.24 -8.52 15.58
N ARG A 47 -6.69 -8.78 14.33
CA ARG A 47 -6.03 -9.76 13.43
C ARG A 47 -5.88 -9.21 11.98
N GLY A 48 -6.42 -8.03 11.71
CA GLY A 48 -6.44 -7.48 10.35
C GLY A 48 -7.63 -8.00 9.54
N GLU A 49 -8.66 -7.16 9.38
CA GLU A 49 -9.93 -7.50 8.70
C GLU A 49 -10.03 -6.68 7.42
N ILE A 50 -9.83 -5.37 7.60
CA ILE A 50 -9.81 -4.41 6.50
C ILE A 50 -8.48 -4.52 5.72
N PRO A 51 -8.53 -4.74 4.37
CA PRO A 51 -7.30 -4.78 3.51
C PRO A 51 -6.69 -3.38 3.29
N ARG A 52 -5.51 -3.35 2.65
CA ARG A 52 -4.78 -2.09 2.37
C ARG A 52 -5.35 -1.38 1.12
N GLY A 53 -6.59 -0.86 1.27
CA GLY A 53 -7.22 0.03 0.29
C GLY A 53 -7.28 1.44 0.85
N GLU A 54 -7.68 1.51 2.13
CA GLU A 54 -7.69 2.76 2.91
C GLU A 54 -6.45 2.83 3.80
N SER A 55 -6.28 4.00 4.43
CA SER A 55 -5.29 4.24 5.49
C SER A 55 -5.61 3.36 6.72
N LEU A 56 -4.58 2.65 7.23
CA LEU A 56 -4.73 1.65 8.33
C LEU A 56 -4.90 2.31 9.73
N ASP A 57 -4.36 3.55 9.86
CA ASP A 57 -4.42 4.37 11.11
C ASP A 57 -3.45 3.85 12.23
N GLU A 58 -2.73 2.74 11.94
CA GLU A 58 -1.75 2.09 12.85
C GLU A 58 -0.51 1.65 12.05
N CYS A 59 0.61 2.38 12.29
CA CYS A 59 1.93 2.19 11.61
C CYS A 59 2.39 0.73 11.57
N GLU A 60 2.81 0.25 10.39
CA GLU A 60 3.28 -1.15 10.21
C GLU A 60 4.62 -1.37 10.93
N GLU A 61 5.36 -0.27 11.15
CA GLU A 61 6.75 -0.29 11.67
C GLU A 61 6.76 -0.39 13.19
N CYS A 62 6.02 0.54 13.82
CA CYS A 62 6.11 0.75 15.27
C CYS A 62 4.71 0.93 15.91
N GLY A 63 3.64 0.57 15.16
CA GLY A 63 2.23 0.67 15.61
C GLY A 63 1.83 2.04 16.14
N ALA A 64 2.56 3.09 15.73
CA ALA A 64 2.31 4.46 16.15
C ALA A 64 1.06 5.03 15.46
N PRO A 65 0.30 5.97 16.13
CA PRO A 65 -0.90 6.60 15.53
C PRO A 65 -0.54 7.31 14.21
N ILE A 66 -1.09 6.79 13.10
CA ILE A 66 -0.98 7.41 11.77
C ILE A 66 -1.86 8.68 11.76
N PRO A 67 -1.26 9.90 11.67
CA PRO A 67 -2.04 11.15 11.69
C PRO A 67 -2.83 11.33 10.38
N GLN A 68 -3.99 12.02 10.50
CA GLN A 68 -4.95 12.22 9.38
C GLN A 68 -4.31 12.94 8.19
N ALA A 69 -3.19 13.64 8.45
CA ALA A 69 -2.41 14.36 7.44
C ALA A 69 -1.75 13.37 6.47
N ARG A 70 -1.16 12.30 7.01
CA ARG A 70 -0.54 11.22 6.20
C ARG A 70 -1.64 10.36 5.56
N ARG A 71 -2.77 10.22 6.28
CA ARG A 71 -3.94 9.43 5.83
C ARG A 71 -4.60 10.05 4.59
N GLU A 72 -4.61 11.40 4.52
CA GLU A 72 -5.22 12.14 3.40
C GLU A 72 -4.23 12.30 2.24
N ALA A 73 -2.95 12.56 2.57
CA ALA A 73 -1.88 12.83 1.59
C ALA A 73 -1.53 11.55 0.81
N ILE A 74 -1.47 10.43 1.54
CA ILE A 74 -1.16 9.11 0.97
C ILE A 74 -2.38 8.18 1.17
N PRO A 75 -3.24 7.98 0.11
CA PRO A 75 -4.36 7.02 0.17
C PRO A 75 -3.83 5.56 0.30
N GLY A 76 -4.06 4.95 1.47
CA GLY A 76 -3.51 3.63 1.79
C GLY A 76 -2.11 3.73 2.40
N VAL A 77 -1.92 4.75 3.26
CA VAL A 77 -0.66 4.96 3.99
C VAL A 77 -0.45 3.86 5.04
N ARG A 78 0.81 3.50 5.30
CA ARG A 78 1.18 2.48 6.28
C ARG A 78 2.31 2.93 7.24
N LEU A 79 2.81 4.16 7.04
CA LEU A 79 3.94 4.70 7.84
C LEU A 79 3.53 5.98 8.58
N CYS A 80 3.75 6.00 9.92
CA CYS A 80 3.55 7.20 10.75
C CYS A 80 4.58 8.23 10.34
N ILE A 81 4.29 9.54 10.55
CA ILE A 81 5.04 10.67 9.91
C ILE A 81 6.58 10.56 10.09
N HIS A 82 7.00 9.88 11.17
CA HIS A 82 8.43 9.69 11.53
C HIS A 82 9.06 8.57 10.68
N CYS A 83 8.38 7.40 10.61
CA CYS A 83 8.82 6.28 9.74
C CYS A 83 8.55 6.60 8.26
N GLN A 84 7.67 7.60 7.98
CA GLN A 84 7.33 7.98 6.62
C GLN A 84 8.41 8.91 6.04
N GLN A 85 8.73 9.98 6.80
CA GLN A 85 9.62 11.06 6.31
C GLN A 85 11.03 10.53 5.97
N GLU A 86 11.49 9.49 6.70
CA GLU A 86 12.76 8.81 6.43
C GLU A 86 12.67 8.01 5.11
N LYS A 87 11.55 7.27 4.90
CA LYS A 87 11.34 6.42 3.70
C LYS A 87 11.09 7.27 2.45
N ASP A 88 10.60 8.49 2.66
CA ASP A 88 10.33 9.47 1.61
C ASP A 88 11.64 9.92 0.90
N LEU A 89 12.77 9.84 1.63
CA LEU A 89 14.10 10.24 1.13
C LEU A 89 14.77 9.09 0.35
N GLN A 90 14.29 7.85 0.60
CA GLN A 90 14.89 6.63 0.03
C GLN A 90 14.39 6.36 -1.40
N LYS A 91 13.39 7.14 -1.82
CA LYS A 91 12.75 7.03 -3.14
C LYS A 91 13.57 7.80 -4.20
N PRO A 92 14.11 7.10 -5.25
CA PRO A 92 14.80 7.75 -6.40
C PRO A 92 13.85 8.15 -7.53
N ALA A 93 12.57 8.43 -7.15
CA ALA A 93 11.44 8.72 -8.07
C ALA A 93 10.96 7.44 -8.78
N TYR A 94 11.89 6.79 -9.48
CA TYR A 94 11.64 5.53 -10.17
C TYR A 94 11.83 4.38 -9.16
N THR A 95 10.95 3.39 -9.19
CA THR A 95 11.01 2.23 -8.30
C THR A 95 10.87 0.95 -9.13
N GLY A 96 11.90 0.08 -9.06
CA GLY A 96 12.05 -1.08 -9.96
C GLY A 96 11.23 -2.30 -9.57
N TYR A 97 9.90 -2.16 -9.65
CA TYR A 97 8.93 -3.27 -9.59
C TYR A 97 7.62 -2.85 -10.27
N ASN A 98 6.75 -3.82 -10.58
CA ASN A 98 5.45 -3.54 -11.22
C ASN A 98 4.51 -2.86 -10.21
N ARG A 99 4.20 -1.59 -10.45
CA ARG A 99 3.20 -0.83 -9.67
C ARG A 99 1.93 -0.64 -10.52
N ARG A 100 0.84 -0.19 -9.85
CA ARG A 100 -0.47 0.08 -10.50
C ARG A 100 -1.09 -1.19 -11.13
N GLY A 101 -0.76 -2.36 -10.54
CA GLY A 101 -1.40 -3.63 -10.91
C GLY A 101 -2.88 -3.62 -10.54
N SER A 102 -3.17 -3.10 -9.32
CA SER A 102 -4.53 -2.69 -8.95
C SER A 102 -4.76 -1.30 -9.59
N LYS A 103 -5.46 -1.31 -10.74
CA LYS A 103 -5.69 -0.13 -11.58
C LYS A 103 -6.47 0.95 -10.82
N ASP A 104 -5.94 2.18 -10.82
CA ASP A 104 -6.55 3.31 -10.12
C ASP A 104 -7.79 3.82 -10.87
N SER A 105 -8.95 3.32 -10.43
CA SER A 105 -10.27 3.74 -10.94
C SER A 105 -11.03 4.54 -9.85
N GLN A 106 -10.32 4.80 -8.73
CA GLN A 106 -10.85 5.53 -7.54
C GLN A 106 -10.95 7.04 -7.81
N LEU A 107 -11.56 7.78 -6.87
CA LEU A 107 -11.73 9.24 -6.98
C LEU A 107 -11.04 9.92 -5.78
N ARG A 108 -9.69 9.93 -5.85
CA ARG A 108 -8.82 10.47 -4.79
C ARG A 108 -7.43 10.83 -5.39
ZN ZN B . 6.17 4.38 12.91
N MET A 21 -17.43 21.12 -17.52
CA MET A 21 -17.62 19.74 -18.04
C MET A 21 -16.89 18.75 -17.12
N ALA A 22 -17.50 17.56 -16.91
CA ALA A 22 -16.96 16.52 -16.02
C ALA A 22 -15.81 15.73 -16.72
N SER A 23 -14.71 16.44 -16.99
CA SER A 23 -13.55 15.92 -17.74
C SER A 23 -12.35 16.85 -17.55
N GLY A 24 -11.27 16.35 -16.92
CA GLY A 24 -10.00 17.09 -16.82
C GLY A 24 -9.98 18.24 -15.81
N TRP A 25 -11.13 18.58 -15.21
CA TRP A 25 -11.23 19.66 -14.19
C TRP A 25 -10.68 19.17 -12.83
N ALA A 26 -10.96 17.89 -12.53
CA ALA A 26 -10.55 17.24 -11.27
C ALA A 26 -10.49 15.70 -11.45
N ASN A 27 -10.38 15.26 -12.73
CA ASN A 27 -10.38 13.83 -13.09
C ASN A 27 -9.47 13.57 -14.32
N ASP A 28 -8.48 12.70 -14.11
CA ASP A 28 -7.64 12.09 -15.16
C ASP A 28 -7.53 10.58 -14.87
N ASP A 29 -6.73 9.86 -15.64
CA ASP A 29 -6.47 8.41 -15.42
C ASP A 29 -5.73 8.19 -14.08
N ALA A 30 -4.76 9.09 -13.80
CA ALA A 30 -3.96 9.06 -12.56
C ALA A 30 -4.79 9.46 -11.32
N VAL A 31 -5.96 10.08 -11.54
CA VAL A 31 -6.89 10.48 -10.48
C VAL A 31 -8.03 9.45 -10.36
N ASN A 32 -8.38 8.80 -11.47
CA ASN A 32 -9.51 7.85 -11.56
C ASN A 32 -9.21 6.56 -10.77
N GLU A 33 -7.93 6.16 -10.80
CA GLU A 33 -7.39 5.03 -10.00
C GLU A 33 -7.42 5.33 -8.48
N GLN A 34 -7.54 6.62 -8.11
CA GLN A 34 -7.64 7.06 -6.69
C GLN A 34 -9.12 7.07 -6.24
N ILE A 35 -10.04 7.09 -7.22
CA ILE A 35 -11.51 6.97 -6.99
C ILE A 35 -11.91 5.47 -6.74
N ASN A 36 -10.89 4.58 -6.75
CA ASN A 36 -11.00 3.15 -6.37
C ASN A 36 -11.46 2.96 -4.89
N SER A 37 -11.57 4.06 -4.13
CA SER A 37 -12.11 4.08 -2.75
C SER A 37 -13.56 3.52 -2.63
N THR A 38 -14.22 3.30 -3.77
CA THR A 38 -15.50 2.59 -3.86
C THR A 38 -15.38 1.13 -3.33
N ILE A 39 -14.31 0.44 -3.78
CA ILE A 39 -14.08 -1.00 -3.50
C ILE A 39 -13.79 -1.19 -1.99
N GLU A 40 -12.93 -0.33 -1.44
CA GLU A 40 -12.47 -0.43 -0.04
C GLU A 40 -13.63 -0.11 0.93
N ASP A 41 -14.50 0.81 0.50
CA ASP A 41 -15.71 1.22 1.26
C ASP A 41 -16.76 0.09 1.24
N ALA A 42 -16.83 -0.61 0.09
CA ALA A 42 -17.75 -1.76 -0.10
C ALA A 42 -17.35 -2.94 0.82
N ILE A 43 -16.04 -3.17 0.95
CA ILE A 43 -15.50 -4.24 1.83
C ILE A 43 -15.61 -3.83 3.33
N ALA A 44 -15.47 -2.51 3.57
CA ALA A 44 -15.54 -1.91 4.90
C ALA A 44 -16.93 -2.11 5.53
N ARG A 45 -17.98 -1.84 4.75
CA ARG A 45 -19.37 -2.03 5.20
C ARG A 45 -19.77 -3.53 5.20
N ALA A 46 -19.11 -4.32 4.31
CA ALA A 46 -19.46 -5.72 4.07
C ALA A 46 -19.24 -6.59 5.32
N ARG A 47 -17.99 -6.62 5.81
CA ARG A 47 -17.60 -7.47 6.96
C ARG A 47 -16.79 -6.71 8.01
N GLY A 48 -16.46 -5.43 7.70
CA GLY A 48 -15.64 -4.61 8.59
C GLY A 48 -14.16 -4.89 8.50
N GLU A 49 -13.70 -5.34 7.31
CA GLU A 49 -12.28 -5.61 7.04
C GLU A 49 -11.50 -4.30 6.99
N ILE A 50 -11.82 -3.51 5.96
CA ILE A 50 -11.18 -2.21 5.72
C ILE A 50 -11.84 -1.14 6.62
N PRO A 51 -11.05 -0.14 7.13
CA PRO A 51 -11.64 1.09 7.71
C PRO A 51 -12.18 2.03 6.61
N ARG A 52 -12.64 3.25 6.97
CA ARG A 52 -13.02 4.23 5.95
C ARG A 52 -11.76 4.96 5.47
N GLY A 53 -11.03 4.26 4.59
CA GLY A 53 -9.75 4.68 4.07
C GLY A 53 -8.76 3.52 4.04
N GLU A 54 -7.99 3.39 2.96
CA GLU A 54 -6.84 2.45 2.89
C GLU A 54 -5.80 2.77 3.99
N SER A 55 -5.81 4.03 4.42
CA SER A 55 -5.10 4.52 5.60
C SER A 55 -5.52 3.72 6.87
N LEU A 56 -4.58 2.87 7.33
CA LEU A 56 -4.82 1.80 8.33
C LEU A 56 -4.87 2.30 9.81
N ASP A 57 -4.33 3.51 10.07
CA ASP A 57 -4.33 4.17 11.42
C ASP A 57 -3.24 3.61 12.37
N GLU A 58 -2.61 2.49 11.99
CA GLU A 58 -1.57 1.80 12.80
C GLU A 58 -0.34 1.50 11.91
N CYS A 59 0.70 2.30 12.09
CA CYS A 59 2.03 2.17 11.42
C CYS A 59 2.58 0.73 11.45
N GLU A 60 2.94 0.18 10.26
CA GLU A 60 3.47 -1.19 10.12
C GLU A 60 4.83 -1.39 10.85
N GLU A 61 5.54 -0.28 11.10
CA GLU A 61 6.91 -0.31 11.64
C GLU A 61 6.90 -0.39 13.15
N CYS A 62 6.14 0.54 13.78
CA CYS A 62 6.21 0.76 15.23
C CYS A 62 4.81 0.93 15.86
N GLY A 63 3.76 0.52 15.11
CA GLY A 63 2.35 0.58 15.56
C GLY A 63 1.88 1.96 16.05
N ALA A 64 2.57 3.02 15.62
CA ALA A 64 2.27 4.39 16.05
C ALA A 64 1.06 4.92 15.29
N PRO A 65 0.19 5.77 15.93
CA PRO A 65 -0.95 6.43 15.27
C PRO A 65 -0.55 7.12 13.94
N ILE A 66 -1.13 6.63 12.85
CA ILE A 66 -1.03 7.23 11.52
C ILE A 66 -1.82 8.55 11.51
N PRO A 67 -1.14 9.74 11.40
CA PRO A 67 -1.83 11.04 11.46
C PRO A 67 -2.70 11.29 10.21
N GLN A 68 -3.75 12.12 10.39
CA GLN A 68 -4.75 12.40 9.35
C GLN A 68 -4.10 13.08 8.13
N ALA A 69 -2.99 13.79 8.37
CA ALA A 69 -2.21 14.49 7.35
C ALA A 69 -1.64 13.48 6.33
N ARG A 70 -1.11 12.37 6.88
CA ARG A 70 -0.59 11.25 6.08
C ARG A 70 -1.71 10.43 5.44
N ARG A 71 -2.87 10.36 6.12
CA ARG A 71 -4.05 9.63 5.62
C ARG A 71 -4.57 10.19 4.28
N GLU A 72 -4.72 11.53 4.20
CA GLU A 72 -5.34 12.19 3.04
C GLU A 72 -4.30 12.48 1.93
N ALA A 73 -3.03 12.67 2.34
CA ALA A 73 -1.91 12.84 1.40
C ALA A 73 -1.58 11.53 0.67
N ILE A 74 -1.60 10.41 1.42
CA ILE A 74 -1.21 9.09 0.92
C ILE A 74 -2.38 8.11 1.08
N PRO A 75 -3.16 7.81 -0.01
CA PRO A 75 -4.23 6.80 0.00
C PRO A 75 -3.64 5.37 0.13
N GLY A 76 -3.51 4.90 1.39
CA GLY A 76 -2.88 3.61 1.70
C GLY A 76 -1.56 3.79 2.43
N VAL A 77 -1.51 4.84 3.26
CA VAL A 77 -0.37 5.10 4.15
C VAL A 77 -0.25 3.99 5.21
N ARG A 78 0.98 3.51 5.39
CA ARG A 78 1.31 2.44 6.33
C ARG A 78 2.48 2.86 7.25
N LEU A 79 2.90 4.12 7.14
CA LEU A 79 4.02 4.67 7.93
C LEU A 79 3.57 5.96 8.66
N CYS A 80 3.72 5.99 10.00
CA CYS A 80 3.45 7.20 10.82
C CYS A 80 4.45 8.29 10.42
N ILE A 81 4.14 9.57 10.69
CA ILE A 81 4.94 10.73 10.20
C ILE A 81 6.47 10.60 10.49
N HIS A 82 6.81 9.85 11.54
CA HIS A 82 8.21 9.61 11.95
C HIS A 82 8.88 8.59 10.99
N CYS A 83 8.19 7.45 10.74
CA CYS A 83 8.69 6.40 9.84
C CYS A 83 8.47 6.78 8.36
N GLN A 84 7.58 7.76 8.08
CA GLN A 84 7.25 8.14 6.70
C GLN A 84 8.31 9.11 6.16
N GLN A 85 8.71 10.09 7.01
CA GLN A 85 9.65 11.16 6.63
C GLN A 85 11.03 10.59 6.18
N GLU A 86 11.44 9.48 6.81
CA GLU A 86 12.70 8.79 6.49
C GLU A 86 12.56 7.99 5.17
N LYS A 87 11.40 7.30 4.99
CA LYS A 87 11.13 6.48 3.78
C LYS A 87 10.81 7.36 2.55
N ASP A 88 10.38 8.58 2.82
CA ASP A 88 10.14 9.61 1.79
C ASP A 88 11.44 9.94 1.02
N LEU A 89 12.59 9.82 1.73
CA LEU A 89 13.93 10.09 1.17
C LEU A 89 14.45 8.86 0.38
N GLN A 90 13.80 7.70 0.58
CA GLN A 90 14.21 6.40 0.01
C GLN A 90 13.43 6.09 -1.29
N LYS A 91 12.55 7.04 -1.69
CA LYS A 91 11.77 6.95 -2.95
C LYS A 91 12.72 6.80 -4.17
N PRO A 92 12.60 5.68 -4.96
CA PRO A 92 13.54 5.40 -6.08
C PRO A 92 13.38 6.36 -7.27
N ALA A 93 12.14 6.87 -7.47
CA ALA A 93 11.74 7.72 -8.63
C ALA A 93 11.72 6.93 -9.97
N TYR A 94 11.90 5.60 -9.87
CA TYR A 94 11.84 4.68 -11.02
C TYR A 94 11.20 3.35 -10.56
N THR A 95 10.69 2.57 -11.51
CA THR A 95 10.16 1.23 -11.26
C THR A 95 10.97 0.21 -12.07
N GLY A 96 11.98 -0.41 -11.42
CA GLY A 96 12.90 -1.33 -12.08
C GLY A 96 13.21 -2.53 -11.20
N TYR A 97 12.21 -3.40 -11.02
CA TYR A 97 12.31 -4.63 -10.21
C TYR A 97 11.38 -5.70 -10.78
N ASN A 98 11.84 -6.97 -10.79
CA ASN A 98 11.08 -8.10 -11.36
C ASN A 98 10.18 -8.74 -10.29
N ARG A 99 8.85 -8.74 -10.54
CA ARG A 99 7.85 -9.38 -9.65
C ARG A 99 7.22 -10.60 -10.35
N ARG A 100 6.26 -11.22 -9.65
CA ARG A 100 5.41 -12.29 -10.18
C ARG A 100 4.10 -12.33 -9.38
N GLY A 101 2.95 -12.40 -10.09
CA GLY A 101 1.63 -12.41 -9.44
C GLY A 101 1.35 -13.70 -8.67
N SER A 102 1.93 -13.79 -7.47
CA SER A 102 1.81 -14.94 -6.57
C SER A 102 1.04 -14.48 -5.31
N LYS A 103 -0.29 -14.61 -5.35
CA LYS A 103 -1.15 -14.23 -4.23
C LYS A 103 -2.39 -15.14 -4.24
N ASP A 104 -2.42 -16.08 -3.28
CA ASP A 104 -3.55 -17.00 -3.07
C ASP A 104 -3.73 -17.18 -1.56
N SER A 105 -4.71 -16.47 -1.00
CA SER A 105 -5.01 -16.48 0.43
C SER A 105 -6.49 -16.11 0.65
N GLN A 106 -7.36 -17.14 0.62
CA GLN A 106 -8.78 -16.99 0.99
C GLN A 106 -9.01 -17.63 2.37
N LEU A 107 -9.44 -16.79 3.32
CA LEU A 107 -9.95 -17.25 4.63
C LEU A 107 -11.31 -17.98 4.46
N ARG A 108 -11.94 -17.77 3.28
CA ARG A 108 -13.23 -18.37 2.89
C ARG A 108 -12.98 -19.57 1.94
ZN ZN B . 6.13 4.42 12.91
#